data_6LHW
#
_entry.id   6LHW
#
_cell.length_a   1.00
_cell.length_b   1.00
_cell.length_c   1.00
_cell.angle_alpha   90.00
_cell.angle_beta   90.00
_cell.angle_gamma   90.00
#
_symmetry.space_group_name_H-M   'P 1'
#
_entity_poly.entity_id   1
_entity_poly.type   'polypeptide(L)'
_entity_poly.pdbx_seq_one_letter_code
;(UNK)(UNK)(UNK)(UNK)(UNK)(UNK)(UNK)(UNK)(UNK)(UNK)(UNK)(UNK)(UNK)(UNK)(UNK)(UNK)
(UNK)(UNK)(UNK)(UNK)(UNK)(UNK)(UNK)(UNK)(UNK)(UNK)(UNK)(UNK)(UNK)(UNK)(UNK)(UNK)
(UNK)(UNK)(UNK)(UNK)(UNK)(UNK)(UNK)(UNK)(UNK)(UNK)(UNK)(UNK)(UNK)(UNK)(UNK)(UNK)
(UNK)(UNK)(UNK)(UNK)(UNK)(UNK)(UNK)(UNK)(UNK)(UNK)(UNK)(UNK)(UNK)(UNK)(UNK)(UNK)
(UNK)(UNK)(UNK)(UNK)(UNK)(UNK)(UNK)(UNK)(UNK)(UNK)(UNK)(UNK)(UNK)(UNK)(UNK)(UNK)
(UNK)(UNK)(UNK)(UNK)(UNK)(UNK)(UNK)(UNK)(UNK)(UNK)(UNK)(UNK)(UNK)(UNK)(UNK)(UNK)
(UNK)(UNK)(UNK)(UNK)(UNK)(UNK)(UNK)(UNK)(UNK)(UNK)(UNK)(UNK)(UNK)(UNK)(UNK)(UNK)
(UNK)(UNK)(UNK)(UNK)(UNK)(UNK)(UNK)(UNK)(UNK)(UNK)(UNK)(UNK)(UNK)(UNK)(UNK)(UNK)
(UNK)(UNK)(UNK)(UNK)(UNK)(UNK)(UNK)(UNK)(UNK)(UNK)(UNK)(UNK)(UNK)(UNK)(UNK)(UNK)
(UNK)(UNK)(UNK)(UNK)(UNK)(UNK)(UNK)(UNK)(UNK)(UNK)(UNK)(UNK)(UNK)(UNK)(UNK)(UNK)
(UNK)(UNK)(UNK)(UNK)(UNK)(UNK)(UNK)(UNK)(UNK)(UNK)(UNK)(UNK)(UNK)(UNK)(UNK)(UNK)
(UNK)(UNK)(UNK)(UNK)(UNK)(UNK)(UNK)(UNK)(UNK)(UNK)(UNK)(UNK)(UNK)(UNK)(UNK)(UNK)
(UNK)(UNK)(UNK)(UNK)(UNK)(UNK)(UNK)(UNK)(UNK)(UNK)(UNK)(UNK)(UNK)(UNK)(UNK)(UNK)
(UNK)(UNK)(UNK)(UNK)(UNK)(UNK)(UNK)(UNK)(UNK)(UNK)(UNK)(UNK)(UNK)(UNK)(UNK)(UNK)
(UNK)(UNK)(UNK)(UNK)(UNK)(UNK)(UNK)(UNK)(UNK)(UNK)(UNK)(UNK)(UNK)(UNK)(UNK)(UNK)
(UNK)(UNK)(UNK)(UNK)(UNK)(UNK)(UNK)(UNK)(UNK)(UNK)(UNK)(UNK)(UNK)(UNK)(UNK)(UNK)
(UNK)(UNK)(UNK)(UNK)(UNK)(UNK)(UNK)(UNK)(UNK)(UNK)(UNK)(UNK)(UNK)(UNK)(UNK)(UNK)
(UNK)(UNK)(UNK)(UNK)(UNK)(UNK)(UNK)(UNK)(UNK)(UNK)(UNK)(UNK)(UNK)(UNK)(UNK)(UNK)
(UNK)(UNK)(UNK)(UNK)(UNK)(UNK)(UNK)(UNK)(UNK)(UNK)(UNK)(UNK)(UNK)(UNK)(UNK)(UNK)
(UNK)(UNK)(UNK)(UNK)(UNK)(UNK)(UNK)(UNK)(UNK)(UNK)(UNK)(UNK)(UNK)(UNK)(UNK)(UNK)
(UNK)(UNK)(UNK)(UNK)(UNK)(UNK)(UNK)(UNK)(UNK)(UNK)(UNK)(UNK)(UNK)(UNK)(UNK)(UNK)
(UNK)(UNK)(UNK)(UNK)(UNK)(UNK)(UNK)(UNK)(UNK)(UNK)(UNK)(UNK)(UNK)(UNK)(UNK)(UNK)
(UNK)(UNK)(UNK)(UNK)(UNK)(UNK)(UNK)(UNK)(UNK)(UNK)(UNK)(UNK)(UNK)(UNK)(UNK)(UNK)
(UNK)(UNK)(UNK)(UNK)(UNK)(UNK)(UNK)(UNK)(UNK)(UNK)(UNK)(UNK)(UNK)(UNK)(UNK)(UNK)
(UNK)(UNK)(UNK)(UNK)(UNK)(UNK)(UNK)(UNK)(UNK)(UNK)(UNK)(UNK)(UNK)(UNK)(UNK)(UNK)
(UNK)(UNK)(UNK)(UNK)(UNK)(UNK)(UNK)(UNK)(UNK)(UNK)(UNK)(UNK)(UNK)(UNK)(UNK)(UNK)
(UNK)(UNK)(UNK)(UNK)(UNK)(UNK)(UNK)(UNK)(UNK)(UNK)(UNK)(UNK)(UNK)(UNK)(UNK)(UNK)
(UNK)(UNK)(UNK)(UNK)(UNK)(UNK)(UNK)(UNK)(UNK)(UNK)(UNK)(UNK)(UNK)(UNK)(UNK)(UNK)
(UNK)(UNK)(UNK)(UNK)(UNK)(UNK)(UNK)(UNK)(UNK)(UNK)(UNK)(UNK)(UNK)(UNK)(UNK)(UNK)
(UNK)(UNK)(UNK)(UNK)(UNK)(UNK)(UNK)(UNK)(UNK)(UNK)(UNK)(UNK)(UNK)(UNK)(UNK)(UNK)
(UNK)(UNK)(UNK)(UNK)(UNK)(UNK)(UNK)(UNK)(UNK)(UNK)(UNK)(UNK)(UNK)(UNK)(UNK)(UNK)
(UNK)(UNK)(UNK)(UNK)(UNK)(UNK)(UNK)(UNK)(UNK)(UNK)(UNK)(UNK)(UNK)(UNK)(UNK)(UNK)
(UNK)(UNK)(UNK)(UNK)(UNK)(UNK)(UNK)(UNK)(UNK)(UNK)(UNK)(UNK)(UNK)(UNK)(UNK)(UNK)
(UNK)(UNK)(UNK)(UNK)(UNK)(UNK)(UNK)(UNK)(UNK)(UNK)(UNK)(UNK)(UNK)(UNK)(UNK)(UNK)
(UNK)(UNK)(UNK)(UNK)(UNK)(UNK)(UNK)(UNK)(UNK)(UNK)(UNK)(UNK)(UNK)(UNK)(UNK)(UNK)
(UNK)(UNK)(UNK)(UNK)(UNK)(UNK)(UNK)(UNK)(UNK)(UNK)(UNK)(UNK)(UNK)(UNK)(UNK)(UNK)
(UNK)(UNK)(UNK)(UNK)(UNK)(UNK)(UNK)(UNK)(UNK)(UNK)(UNK)(UNK)(UNK)(UNK)(UNK)(UNK)
(UNK)(UNK)(UNK)(UNK)(UNK)(UNK)(UNK)(UNK)(UNK)(UNK)(UNK)(UNK)(UNK)(UNK)(UNK)(UNK)
(UNK)(UNK)(UNK)(UNK)(UNK)(UNK)(UNK)(UNK)(UNK)(UNK)(UNK)(UNK)(UNK)(UNK)(UNK)(UNK)
(UNK)(UNK)(UNK)(UNK)(UNK)(UNK)(UNK)(UNK)(UNK)(UNK)(UNK)(UNK)(UNK)(UNK)(UNK)(UNK)
(UNK)(UNK)(UNK)(UNK)(UNK)(UNK)(UNK)(UNK)(UNK)(UNK)(UNK)(UNK)(UNK)(UNK)(UNK)(UNK)
(UNK)(UNK)(UNK)(UNK)(UNK)(UNK)(UNK)(UNK)(UNK)(UNK)(UNK)(UNK)(UNK)(UNK)(UNK)(UNK)
(UNK)(UNK)(UNK)(UNK)(UNK)(UNK)(UNK)(UNK)(UNK)(UNK)(UNK)(UNK)(UNK)(UNK)(UNK)(UNK)
(UNK)(UNK)(UNK)(UNK)(UNK)(UNK)(UNK)(UNK)(UNK)(UNK)(UNK)(UNK)(UNK)(UNK)(UNK)(UNK)
(UNK)(UNK)(UNK)(UNK)(UNK)(UNK)(UNK)(UNK)(UNK)(UNK)(UNK)(UNK)(UNK)(UNK)(UNK)(UNK)
(UNK)(UNK)(UNK)(UNK)(UNK)(UNK)(UNK)(UNK)(UNK)(UNK)(UNK)(UNK)(UNK)(UNK)(UNK)(UNK)
(UNK)(UNK)(UNK)(UNK)(UNK)(UNK)(UNK)(UNK)(UNK)(UNK)(UNK)(UNK)(UNK)(UNK)(UNK)(UNK)
(UNK)(UNK)(UNK)(UNK)(UNK)(UNK)(UNK)(UNK)(UNK)(UNK)(UNK)(UNK)(UNK)(UNK)(UNK)(UNK)
(UNK)(UNK)(UNK)(UNK)(UNK)(UNK)(UNK)(UNK)(UNK)(UNK)(UNK)(UNK)(UNK)(UNK)(UNK)(UNK)
(UNK)(UNK)(UNK)(UNK)(UNK)(UNK)(UNK)(UNK)(UNK)(UNK)(UNK)(UNK)(UNK)(UNK)(UNK)(UNK)
(UNK)(UNK)(UNK)(UNK)(UNK)(UNK)(UNK)(UNK)(UNK)(UNK)(UNK)(UNK)(UNK)(UNK)(UNK)(UNK)
(UNK)(UNK)(UNK)(UNK)(UNK)(UNK)(UNK)(UNK)(UNK)(UNK)(UNK)(UNK)(UNK)(UNK)(UNK)(UNK)
(UNK)(UNK)(UNK)(UNK)(UNK)(UNK)(UNK)(UNK)(UNK)(UNK)(UNK)(UNK)(UNK)(UNK)(UNK)(UNK)
(UNK)(UNK)(UNK)(UNK)(UNK)(UNK)(UNK)(UNK)(UNK)(UNK)(UNK)(UNK)(UNK)(UNK)(UNK)(UNK)
(UNK)(UNK)(UNK)(UNK)(UNK)(UNK)(UNK)(UNK)(UNK)(UNK)(UNK)(UNK)(UNK)(UNK)(UNK)(UNK)
(UNK)(UNK)(UNK)(UNK)(UNK)(UNK)(UNK)(UNK)(UNK)(UNK)(UNK)(UNK)(UNK)(UNK)(UNK)(UNK)
(UNK)(UNK)(UNK)(UNK)(UNK)(UNK)(UNK)(UNK)(UNK)(UNK)(UNK)(UNK)(UNK)(UNK)(UNK)(UNK)
(UNK)(UNK)(UNK)(UNK)(UNK)(UNK)(UNK)(UNK)(UNK)(UNK)(UNK)(UNK)(UNK)(UNK)(UNK)(UNK)
(UNK)(UNK)(UNK)(UNK)(UNK)(UNK)(UNK)(UNK)(UNK)(UNK)(UNK)(UNK)(UNK)(UNK)(UNK)(UNK)
(UNK)(UNK)(UNK)(UNK)(UNK)(UNK)(UNK)(UNK)(UNK)(UNK)(UNK)(UNK)(UNK)(UNK)(UNK)(UNK)
(UNK)(UNK)(UNK)(UNK)(UNK)(UNK)(UNK)(UNK)(UNK)(UNK)(UNK)(UNK)(UNK)(UNK)(UNK)(UNK)
(UNK)(UNK)(UNK)(UNK)(UNK)(UNK)(UNK)(UNK)(UNK)(UNK)(UNK)(UNK)(UNK)(UNK)(UNK)(UNK)
(UNK)(UNK)(UNK)(UNK)(UNK)(UNK)(UNK)(UNK)(UNK)(UNK)(UNK)(UNK)(UNK)(UNK)(UNK)(UNK)
(UNK)(UNK)(UNK)(UNK)(UNK)(UNK)(UNK)(UNK)(UNK)(UNK)(UNK)(UNK)(UNK)(UNK)(UNK)(UNK)
(UNK)(UNK)(UNK)(UNK)(UNK)(UNK)(UNK)(UNK)(UNK)(UNK)(UNK)(UNK)(UNK)(UNK)(UNK)(UNK)
(UNK)(UNK)(UNK)(UNK)(UNK)(UNK)(UNK)(UNK)(UNK)(UNK)(UNK)(UNK)(UNK)(UNK)(UNK)(UNK)
(UNK)(UNK)(UNK)(UNK)(UNK)(UNK)(UNK)(UNK)(UNK)(UNK)(UNK)(UNK)(UNK)(UNK)(UNK)(UNK)
(UNK)(UNK)(UNK)(UNK)(UNK)(UNK)(UNK)(UNK)(UNK)(UNK)(UNK)(UNK)(UNK)(UNK)(UNK)(UNK)
(UNK)(UNK)(UNK)(UNK)(UNK)(UNK)(UNK)(UNK)(UNK)(UNK)(UNK)(UNK)(UNK)(UNK)(UNK)(UNK)
(UNK)(UNK)(UNK)(UNK)(UNK)(UNK)(UNK)(UNK)(UNK)(UNK)(UNK)(UNK)(UNK)(UNK)(UNK)(UNK)
(UNK)(UNK)(UNK)(UNK)(UNK)(UNK)(UNK)(UNK)(UNK)(UNK)(UNK)(UNK)(UNK)(UNK)(UNK)(UNK)
(UNK)(UNK)(UNK)(UNK)(UNK)(UNK)(UNK)(UNK)(UNK)(UNK)(UNK)(UNK)(UNK)(UNK)(UNK)(UNK)
(UNK)(UNK)(UNK)(UNK)(UNK)(UNK)(UNK)(UNK)(UNK)(UNK)(UNK)(UNK)(UNK)(UNK)(UNK)(UNK)
(UNK)(UNK)(UNK)(UNK)(UNK)(UNK)(UNK)(UNK)(UNK)(UNK)(UNK)(UNK)(UNK)(UNK)(UNK)(UNK)
(UNK)(UNK)(UNK)(UNK)(UNK)(UNK)(UNK)(UNK)(UNK)(UNK)(UNK)(UNK)(UNK)(UNK)(UNK)(UNK)
(UNK)(UNK)(UNK)(UNK)(UNK)(UNK)(UNK)(UNK)(UNK)(UNK)(UNK)(UNK)(UNK)(UNK)(UNK)(UNK)
(UNK)(UNK)(UNK)(UNK)(UNK)(UNK)(UNK)(UNK)(UNK)(UNK)(UNK)(UNK)(UNK)(UNK)(UNK)(UNK)
(UNK)(UNK)(UNK)(UNK)(UNK)(UNK)(UNK)(UNK)(UNK)(UNK)(UNK)(UNK)(UNK)(UNK)(UNK)(UNK)
(UNK)(UNK)(UNK)(UNK)(UNK)(UNK)(UNK)(UNK)(UNK)(UNK)(UNK)(UNK)(UNK)(UNK)(UNK)(UNK)
(UNK)(UNK)(UNK)(UNK)(UNK)(UNK)(UNK)(UNK)(UNK)(UNK)(UNK)(UNK)(UNK)(UNK)(UNK)(UNK)
(UNK)(UNK)(UNK)(UNK)(UNK)(UNK)(UNK)(UNK)(UNK)(UNK)(UNK)(UNK)(UNK)(UNK)(UNK)(UNK)
(UNK)(UNK)(UNK)(UNK)(UNK)(UNK)(UNK)(UNK)(UNK)(UNK)(UNK)(UNK)(UNK)(UNK)(UNK)(UNK)
(UNK)(UNK)(UNK)(UNK)(UNK)(UNK)(UNK)(UNK)(UNK)(UNK)(UNK)(UNK)(UNK)(UNK)(UNK)(UNK)
(UNK)(UNK)(UNK)(UNK)(UNK)(UNK)(UNK)(UNK)(UNK)(UNK)(UNK)(UNK)(UNK)(UNK)(UNK)(UNK)
(UNK)(UNK)(UNK)(UNK)(UNK)(UNK)(UNK)(UNK)(UNK)(UNK)(UNK)(UNK)(UNK)(UNK)(UNK)(UNK)
(UNK)(UNK)(UNK)(UNK)(UNK)(UNK)(UNK)(UNK)(UNK)(UNK)(UNK)(UNK)(UNK)(UNK)(UNK)(UNK)
(UNK)(UNK)(UNK)(UNK)(UNK)(UNK)(UNK)(UNK)(UNK)(UNK)(UNK)(UNK)(UNK)(UNK)(UNK)(UNK)
(UNK)(UNK)(UNK)(UNK)(UNK)(UNK)(UNK)(UNK)
;
_entity_poly.pdbx_strand_id   C,B,A
#
# COMPACT_ATOMS: atom_id res chain seq x y z
N UNK A 12 -56.82 -40.55 -52.42
CA UNK A 12 -57.85 -41.44 -53.00
C UNK A 12 -57.46 -41.82 -54.44
N UNK A 13 -58.20 -42.76 -54.77
CA UNK A 13 -57.95 -43.17 -56.17
C UNK A 13 -57.90 -41.92 -57.07
N UNK A 14 -56.71 -41.60 -57.61
CA UNK A 14 -56.55 -40.43 -58.50
C UNK A 14 -55.84 -40.85 -59.78
N UNK A 15 -56.37 -40.45 -60.94
CA UNK A 15 -55.78 -40.78 -62.24
C UNK A 15 -54.99 -39.58 -62.79
N UNK A 16 -55.16 -38.42 -62.15
CA UNK A 16 -54.46 -37.19 -62.58
C UNK A 16 -53.09 -37.10 -61.89
N UNK A 17 -53.06 -37.35 -60.58
CA UNK A 17 -51.80 -37.30 -59.81
C UNK A 17 -50.82 -38.34 -60.34
N UNK A 18 -51.35 -39.53 -60.53
CA UNK A 18 -50.58 -40.69 -61.03
C UNK A 18 -49.97 -40.34 -62.39
N UNK A 19 -50.83 -39.78 -63.24
CA UNK A 19 -50.45 -39.39 -64.60
C UNK A 19 -49.29 -38.39 -64.55
N UNK A 20 -49.45 -37.42 -63.68
CA UNK A 20 -48.45 -36.35 -63.46
C UNK A 20 -47.10 -36.97 -63.08
N UNK A 21 -47.19 -37.90 -62.14
CA UNK A 21 -46.02 -38.61 -61.62
C UNK A 21 -45.29 -39.33 -62.75
N UNK A 22 -46.08 -40.00 -63.57
CA UNK A 22 -45.59 -40.76 -64.72
C UNK A 22 -44.84 -39.83 -65.67
N UNK A 23 -45.47 -38.70 -65.93
CA UNK A 23 -44.92 -37.66 -66.82
C UNK A 23 -43.55 -37.21 -66.30
N UNK A 24 -43.52 -36.94 -65.01
CA UNK A 24 -42.31 -36.50 -64.31
C UNK A 24 -41.19 -37.51 -64.49
N UNK A 25 -41.55 -38.77 -64.29
CA UNK A 25 -40.63 -39.90 -64.42
C UNK A 25 -40.03 -39.95 -65.82
N UNK A 26 -40.91 -39.79 -66.78
CA UNK A 26 -40.55 -39.80 -68.21
C UNK A 26 -39.54 -38.69 -68.49
N UNK A 27 -39.84 -37.52 -67.96
CA UNK A 27 -39.00 -36.33 -68.11
C UNK A 27 -37.59 -36.61 -67.56
N UNK A 28 -37.55 -37.20 -66.37
CA UNK A 28 -36.27 -37.53 -65.70
C UNK A 28 -35.49 -38.53 -66.55
N UNK A 29 -35.33 -38.24 -67.84
CA UNK A 29 -34.59 -39.13 -68.77
C UNK A 29 -33.09 -39.01 -68.51
N UNK A 30 -32.61 -37.78 -68.26
CA UNK A 30 -31.17 -37.54 -67.99
C UNK A 30 -31.01 -36.15 -67.34
N UNK A 31 -31.27 -36.06 -66.04
CA UNK A 31 -31.15 -34.79 -65.29
C UNK A 31 -30.75 -35.07 -63.84
N UNK A 32 -31.13 -34.18 -62.92
CA UNK A 32 -30.79 -34.35 -61.48
C UNK A 32 -31.91 -35.12 -60.78
N UNK A 33 -31.77 -35.33 -59.46
CA UNK A 33 -32.79 -36.07 -58.67
C UNK A 33 -33.06 -35.33 -57.36
N UNK A 34 -33.71 -34.16 -57.44
CA UNK A 34 -34.02 -33.36 -56.25
C UNK A 34 -35.10 -32.33 -56.59
N UNK A 35 -34.88 -31.67 -57.71
CA UNK A 35 -35.80 -30.63 -58.21
C UNK A 35 -37.20 -31.22 -58.41
N UNK A 36 -37.20 -32.38 -59.05
CA UNK A 36 -38.44 -33.12 -59.35
C UNK A 36 -39.20 -33.41 -58.05
N UNK A 37 -38.44 -33.90 -57.09
CA UNK A 37 -38.96 -34.26 -55.76
C UNK A 37 -39.63 -33.03 -55.11
N UNK A 38 -38.94 -31.89 -55.17
CA UNK A 38 -39.47 -30.63 -54.60
C UNK A 38 -40.93 -30.47 -55.01
N UNK A 39 -41.17 -30.16 -56.28
CA UNK A 39 -42.54 -29.97 -56.82
C UNK A 39 -43.34 -29.03 -55.90
N UNK A 40 -44.05 -29.66 -54.96
CA UNK A 40 -44.85 -28.98 -53.92
C UNK A 40 -45.23 -30.02 -52.87
N UNK A 41 -44.94 -29.72 -51.59
CA UNK A 41 -45.22 -30.61 -50.45
C UNK A 41 -45.00 -29.84 -49.14
N UNK A 42 -45.81 -30.09 -48.12
CA UNK A 42 -45.70 -29.35 -46.85
C UNK A 42 -46.28 -30.16 -45.69
N UNK A 43 -45.82 -31.39 -45.51
CA UNK A 43 -46.23 -32.31 -44.43
C UNK A 43 -45.29 -33.51 -44.54
N UNK A 44 -44.81 -34.06 -43.42
CA UNK A 44 -43.88 -35.20 -43.59
C UNK A 44 -43.86 -36.15 -42.38
N UNK A 45 -42.96 -37.14 -42.45
CA UNK A 45 -42.72 -38.23 -41.49
C UNK A 45 -43.13 -37.89 -40.05
N UNK A 46 -42.43 -36.90 -39.44
CA UNK A 46 -42.55 -36.33 -38.07
C UNK A 46 -41.62 -36.98 -37.02
N UNK A 47 -40.46 -36.33 -36.79
CA UNK A 47 -39.36 -36.64 -35.86
C UNK A 47 -38.22 -35.66 -36.15
N UNK A 48 -37.50 -35.19 -35.12
CA UNK A 48 -36.33 -34.28 -35.28
C UNK A 48 -35.50 -34.87 -36.39
N UNK A 49 -35.37 -36.18 -36.24
CA UNK A 49 -34.78 -36.98 -37.35
C UNK A 49 -34.95 -36.22 -38.67
N UNK A 50 -36.15 -35.73 -38.94
CA UNK A 50 -36.43 -34.97 -40.19
C UNK A 50 -35.52 -33.74 -40.28
N UNK A 51 -34.84 -33.42 -39.17
CA UNK A 51 -33.94 -32.27 -39.11
C UNK A 51 -32.57 -32.65 -39.69
N UNK A 52 -32.10 -33.79 -39.24
CA UNK A 52 -30.81 -34.35 -39.66
C UNK A 52 -30.79 -34.53 -41.18
N UNK A 53 -31.87 -35.12 -41.67
CA UNK A 53 -32.06 -35.40 -43.10
C UNK A 53 -31.97 -34.09 -43.89
N UNK A 54 -32.68 -33.10 -43.39
CA UNK A 54 -32.74 -31.76 -44.00
C UNK A 54 -31.33 -31.18 -44.11
N UNK A 55 -30.61 -31.29 -43.00
CA UNK A 55 -29.23 -30.80 -42.89
C UNK A 55 -28.35 -31.45 -43.96
N UNK A 56 -28.50 -32.76 -44.05
CA UNK A 56 -27.75 -33.58 -45.01
C UNK A 56 -28.01 -33.09 -46.44
N UNK A 57 -29.28 -32.87 -46.70
CA UNK A 57 -29.75 -32.39 -48.01
C UNK A 57 -29.09 -31.06 -48.36
N UNK A 58 -29.11 -30.18 -47.37
CA UNK A 58 -28.52 -28.84 -47.49
C UNK A 58 -27.04 -28.94 -47.84
N UNK A 59 -26.37 -29.82 -47.12
CA UNK A 59 -24.94 -30.07 -47.30
C UNK A 59 -24.66 -30.51 -48.74
N UNK A 60 -25.49 -31.45 -49.18
CA UNK A 60 -25.40 -32.02 -50.53
C UNK A 60 -25.51 -30.91 -51.57
N UNK A 61 -26.51 -30.07 -51.35
CA UNK A 61 -26.81 -28.92 -52.23
C UNK A 61 -25.59 -28.02 -52.33
N UNK A 62 -25.03 -27.73 -51.17
CA UNK A 62 -23.84 -26.88 -51.05
C UNK A 62 -22.69 -27.44 -51.87
N UNK A 63 -22.50 -28.74 -51.70
CA UNK A 63 -21.44 -29.49 -52.39
C UNK A 63 -21.61 -29.36 -53.91
N UNK A 64 -22.85 -29.54 -54.33
CA UNK A 64 -23.23 -29.46 -55.75
C UNK A 64 -22.87 -28.08 -56.30
N UNK A 65 -23.22 -27.03 -55.56
CA UNK A 65 -22.94 -25.66 -55.96
C UNK A 65 -21.44 -25.42 -56.07
N UNK A 66 -20.66 -26.24 -55.37
CA UNK A 66 -19.19 -26.13 -55.39
C UNK A 66 -18.68 -26.37 -56.82
N UNK A 67 -19.57 -26.87 -57.69
CA UNK A 67 -19.23 -27.14 -59.11
C UNK A 67 -20.51 -27.31 -59.92
N UNK A 68 -21.66 -27.41 -59.22
CA UNK A 68 -22.97 -27.58 -59.89
C UNK A 68 -23.98 -26.58 -59.31
N UNK A 69 -25.10 -27.07 -58.78
CA UNK A 69 -26.12 -26.21 -58.14
C UNK A 69 -26.49 -25.06 -59.07
N UNK A 70 -25.80 -23.92 -58.94
CA UNK A 70 -26.04 -22.72 -59.77
C UNK A 70 -27.53 -22.32 -59.74
N UNK A 71 -28.33 -22.88 -60.64
CA UNK A 71 -29.78 -22.57 -60.72
C UNK A 71 -30.58 -23.59 -59.93
N UNK A 72 -31.82 -23.85 -60.37
CA UNK A 72 -32.71 -24.80 -59.70
C UNK A 72 -32.42 -24.84 -58.19
N UNK A 73 -31.13 -24.95 -57.92
CA UNK A 73 -30.62 -24.99 -56.54
C UNK A 73 -31.06 -23.75 -55.76
N UNK A 74 -30.87 -22.62 -56.42
CA UNK A 74 -31.22 -21.31 -55.86
C UNK A 74 -32.72 -21.26 -55.51
N UNK A 75 -33.50 -21.74 -56.46
CA UNK A 75 -34.96 -21.79 -56.32
C UNK A 75 -35.34 -22.62 -55.09
N UNK A 76 -34.70 -23.77 -55.00
CA UNK A 76 -34.91 -24.73 -53.90
C UNK A 76 -34.64 -24.04 -52.56
N UNK A 77 -33.51 -23.35 -52.53
CA UNK A 77 -33.04 -22.63 -51.34
C UNK A 77 -34.09 -21.60 -50.92
N UNK A 78 -34.57 -20.87 -51.90
CA UNK A 78 -35.59 -19.83 -51.72
C UNK A 78 -36.85 -20.43 -51.09
N UNK A 79 -37.24 -21.56 -51.64
CA UNK A 79 -38.43 -22.30 -51.20
C UNK A 79 -38.28 -22.69 -49.72
N UNK A 80 -37.10 -23.20 -49.42
CA UNK A 80 -36.74 -23.64 -48.07
C UNK A 80 -36.88 -22.47 -47.09
N UNK A 81 -36.33 -21.34 -47.51
CA UNK A 81 -36.35 -20.11 -46.74
C UNK A 81 -37.78 -19.70 -46.42
N UNK A 82 -38.59 -19.74 -47.47
CA UNK A 82 -40.02 -19.40 -47.38
C UNK A 82 -40.72 -20.28 -46.35
N UNK A 83 -40.43 -21.56 -46.45
CA UNK A 83 -40.99 -22.58 -45.56
C UNK A 83 -40.65 -22.26 -44.10
N UNK A 84 -39.38 -21.94 -43.92
CA UNK A 84 -38.83 -21.59 -42.60
C UNK A 84 -39.59 -20.39 -42.02
N UNK A 85 -39.77 -19.36 -42.85
CA UNK A 85 -40.50 -18.14 -42.44
C UNK A 85 -41.97 -18.46 -42.16
N UNK A 86 -42.41 -19.67 -42.54
CA UNK A 86 -43.80 -20.11 -42.33
C UNK A 86 -44.23 -19.79 -40.88
N UNK A 87 -43.78 -18.65 -40.36
CA UNK A 87 -44.11 -18.24 -38.98
C UNK A 87 -45.37 -18.99 -38.52
N UNK A 88 -45.45 -20.28 -38.88
CA UNK A 88 -46.62 -21.12 -38.51
C UNK A 88 -46.76 -21.17 -36.99
N UNK A 89 -45.65 -21.33 -36.28
CA UNK A 89 -45.64 -21.39 -34.79
C UNK A 89 -46.68 -22.41 -34.32
N UNK A 90 -46.59 -23.65 -34.81
CA UNK A 90 -47.52 -24.73 -34.42
C UNK A 90 -46.72 -25.96 -33.98
N UNK A 91 -45.68 -26.31 -34.74
CA UNK A 91 -44.82 -27.46 -34.43
C UNK A 91 -43.35 -27.00 -34.42
N UNK A 92 -42.77 -26.81 -33.23
CA UNK A 92 -41.37 -26.36 -33.09
C UNK A 92 -40.44 -27.37 -33.77
N UNK A 93 -40.16 -27.17 -35.07
CA UNK A 93 -39.28 -28.05 -35.85
C UNK A 93 -38.40 -27.21 -36.76
N UNK A 94 -38.98 -26.71 -37.86
CA UNK A 94 -38.24 -25.86 -38.82
C UNK A 94 -37.25 -24.98 -38.05
N UNK A 95 -37.71 -24.35 -36.96
CA UNK A 95 -36.85 -23.47 -36.14
C UNK A 95 -35.61 -24.25 -35.67
N UNK A 96 -35.34 -25.40 -36.30
CA UNK A 96 -34.19 -26.23 -35.95
C UNK A 96 -33.20 -26.27 -37.10
N UNK A 97 -33.77 -26.53 -38.28
CA UNK A 97 -33.00 -26.62 -39.53
C UNK A 97 -32.23 -25.32 -39.77
N UNK A 98 -32.95 -24.22 -39.60
CA UNK A 98 -32.40 -22.87 -39.78
C UNK A 98 -31.22 -22.66 -38.85
N UNK A 99 -31.42 -23.05 -37.61
CA UNK A 99 -30.41 -22.94 -36.55
C UNK A 99 -29.14 -23.70 -36.95
N UNK A 100 -29.37 -24.91 -37.42
CA UNK A 100 -28.31 -25.81 -37.87
C UNK A 100 -27.48 -25.15 -38.98
N UNK A 101 -28.22 -24.60 -39.92
CA UNK A 101 -27.64 -23.91 -41.08
C UNK A 101 -26.74 -22.76 -40.61
N UNK A 102 -27.28 -22.00 -39.68
CA UNK A 102 -26.59 -20.84 -39.10
C UNK A 102 -25.26 -21.29 -38.47
N UNK A 103 -25.37 -22.38 -37.71
CA UNK A 103 -24.22 -22.97 -37.01
C UNK A 103 -23.13 -23.35 -38.02
N UNK A 104 -23.58 -24.00 -39.08
CA UNK A 104 -22.71 -24.44 -40.17
C UNK A 104 -21.95 -23.26 -40.77
N UNK A 105 -22.72 -22.21 -41.02
CA UNK A 105 -22.20 -20.96 -41.61
C UNK A 105 -21.10 -20.39 -40.70
N UNK A 106 -21.37 -20.35 -39.40
CA UNK A 106 -20.41 -19.83 -38.41
C UNK A 106 -19.26 -20.83 -38.23
N UNK A 107 -19.08 -21.72 -39.22
CA UNK A 107 -18.00 -22.74 -39.16
C UNK A 107 -17.31 -22.83 -40.53
N UNK A 108 -17.42 -21.77 -41.34
CA UNK A 108 -16.80 -21.73 -42.69
C UNK A 108 -17.18 -22.99 -43.47
N UNK A 109 -18.48 -23.20 -43.71
CA UNK A 109 -18.96 -24.38 -44.46
C UNK A 109 -18.93 -24.09 -45.97
N UNK A 110 -20.10 -23.84 -46.56
CA UNK A 110 -20.20 -23.54 -48.01
C UNK A 110 -19.54 -22.20 -48.32
N UNK A 111 -18.94 -22.06 -49.50
CA UNK A 111 -18.28 -20.80 -49.91
C UNK A 111 -19.33 -19.77 -50.33
N UNK A 112 -19.85 -19.91 -51.56
CA UNK A 112 -20.88 -18.97 -52.08
C UNK A 112 -22.20 -19.72 -52.27
N UNK A 113 -22.78 -20.23 -51.18
CA UNK A 113 -24.06 -20.97 -51.24
C UNK A 113 -24.95 -20.54 -50.07
N UNK A 114 -24.53 -19.51 -49.33
CA UNK A 114 -25.31 -18.99 -48.18
C UNK A 114 -25.88 -17.61 -48.51
N UNK A 115 -25.36 -16.56 -47.87
CA UNK A 115 -25.81 -15.19 -48.10
C UNK A 115 -27.17 -15.20 -48.81
N UNK A 116 -27.26 -16.03 -49.86
CA UNK A 116 -28.50 -16.16 -50.66
C UNK A 116 -29.66 -16.57 -49.73
N UNK A 117 -30.06 -15.68 -48.83
CA UNK A 117 -31.18 -15.96 -47.88
C UNK A 117 -31.70 -14.64 -47.30
N UNK A 118 -31.80 -13.61 -48.13
CA UNK A 118 -32.31 -12.29 -47.69
C UNK A 118 -32.78 -11.48 -48.90
N UNK A 119 -32.06 -10.40 -49.23
CA UNK A 119 -32.41 -9.54 -50.38
C UNK A 119 -33.89 -9.14 -50.31
N UNK A 120 -34.63 -9.34 -51.41
CA UNK A 120 -36.08 -9.01 -51.46
C UNK A 120 -36.89 -10.31 -51.55
N UNK A 121 -38.09 -10.22 -52.14
CA UNK A 121 -38.97 -11.42 -52.29
C UNK A 121 -39.25 -12.13 -50.96
N UNK A 122 -38.22 -12.49 -50.21
CA UNK A 122 -38.44 -13.20 -48.93
C UNK A 122 -39.28 -12.33 -48.00
N UNK A 123 -38.89 -11.05 -47.89
CA UNK A 123 -39.60 -10.08 -47.02
C UNK A 123 -40.90 -9.63 -47.71
N UNK A 124 -41.79 -10.58 -48.01
CA UNK A 124 -43.07 -10.27 -48.67
C UNK A 124 -44.20 -11.05 -47.99
N UNK A 125 -43.89 -12.23 -47.44
CA UNK A 125 -44.88 -13.07 -46.76
C UNK A 125 -45.65 -12.23 -45.72
N UNK A 126 -44.92 -11.63 -44.78
CA UNK A 126 -45.53 -10.79 -43.72
C UNK A 126 -44.46 -9.91 -43.07
N UNK A 127 -44.85 -9.14 -42.04
CA UNK A 127 -43.91 -8.25 -41.32
C UNK A 127 -42.99 -9.09 -40.43
N UNK A 128 -42.62 -10.30 -40.88
CA UNK A 128 -41.74 -11.19 -40.11
C UNK A 128 -40.27 -10.88 -40.43
N UNK A 129 -40.01 -10.43 -41.66
CA UNK A 129 -38.64 -10.10 -42.09
C UNK A 129 -37.84 -9.55 -40.91
N UNK A 130 -38.48 -8.62 -40.22
CA UNK A 130 -37.90 -7.96 -39.04
C UNK A 130 -37.52 -9.00 -37.99
N UNK A 131 -38.45 -9.90 -37.75
CA UNK A 131 -38.29 -10.99 -36.78
C UNK A 131 -37.07 -11.82 -37.12
N UNK A 132 -37.00 -12.16 -38.41
CA UNK A 132 -35.91 -12.97 -38.97
C UNK A 132 -34.57 -12.29 -38.71
N UNK A 133 -34.56 -11.01 -39.00
CA UNK A 133 -33.36 -10.16 -38.82
C UNK A 133 -32.90 -10.20 -37.37
N UNK A 134 -33.87 -10.04 -36.49
CA UNK A 134 -33.64 -10.04 -35.04
C UNK A 134 -33.00 -11.36 -34.61
N UNK A 135 -33.57 -12.43 -35.12
CA UNK A 135 -33.11 -13.80 -34.85
C UNK A 135 -31.65 -13.95 -35.26
N UNK A 136 -31.38 -13.47 -36.46
CA UNK A 136 -30.03 -13.51 -37.05
C UNK A 136 -29.04 -12.78 -36.14
N UNK A 137 -29.46 -11.61 -35.71
CA UNK A 137 -28.65 -10.76 -34.83
C UNK A 137 -28.31 -11.50 -33.55
N UNK A 138 -29.31 -12.14 -32.95
CA UNK A 138 -29.13 -12.90 -31.72
C UNK A 138 -28.13 -14.04 -31.91
N UNK A 139 -28.24 -14.71 -33.06
CA UNK A 139 -27.34 -15.82 -33.37
C UNK A 139 -25.89 -15.36 -33.46
N UNK A 140 -25.69 -14.19 -34.06
CA UNK A 140 -24.36 -13.63 -34.22
C UNK A 140 -23.76 -13.25 -32.86
N UNK A 141 -24.60 -12.72 -31.99
CA UNK A 141 -24.16 -12.31 -30.66
C UNK A 141 -23.75 -13.52 -29.82
N UNK A 142 -24.54 -14.59 -29.91
CA UNK A 142 -24.26 -15.80 -29.15
C UNK A 142 -22.99 -16.48 -29.65
N UNK A 143 -22.85 -16.48 -30.97
CA UNK A 143 -21.79 -17.18 -31.68
C UNK A 143 -21.66 -18.34 -30.82
N UNK A 144 -20.49 -18.97 -30.81
CA UNK A 144 -20.28 -20.05 -29.88
C UNK A 144 -20.18 -19.26 -28.59
N UNK A 145 -19.00 -18.85 -28.22
CA UNK A 145 -18.79 -18.07 -27.03
C UNK A 145 -17.44 -18.56 -26.97
N UNK A 146 -16.66 -18.03 -26.04
CA UNK A 146 -15.27 -18.43 -25.91
C UNK A 146 -14.40 -17.44 -25.11
N UNK A 147 -15.08 -16.68 -24.26
CA UNK A 147 -14.57 -15.62 -23.36
C UNK A 147 -13.10 -15.25 -23.03
N UNK A 148 -12.98 -14.23 -22.14
CA UNK A 148 -11.69 -13.61 -21.72
C UNK A 148 -11.62 -12.05 -21.37
N UNK A 149 -10.68 -11.35 -21.97
CA UNK A 149 -10.55 -9.92 -21.70
C UNK A 149 -10.11 -9.12 -22.91
N UNK A 150 -9.63 -9.81 -23.94
CA UNK A 150 -9.13 -9.08 -25.08
C UNK A 150 -7.88 -8.43 -24.53
N UNK A 151 -8.07 -7.40 -23.70
CA UNK A 151 -6.98 -6.64 -23.06
C UNK A 151 -5.87 -6.46 -24.07
N UNK A 152 -5.20 -7.57 -24.33
CA UNK A 152 -4.17 -7.63 -25.34
C UNK A 152 -5.00 -7.81 -26.60
N UNK A 153 -5.96 -8.73 -26.54
CA UNK A 153 -6.88 -9.02 -27.63
C UNK A 153 -7.72 -7.78 -27.90
N UNK A 154 -7.98 -7.00 -26.85
CA UNK A 154 -8.74 -5.75 -26.99
C UNK A 154 -7.94 -4.94 -28.00
N UNK A 155 -6.62 -5.02 -27.83
CA UNK A 155 -5.66 -4.40 -28.74
C UNK A 155 -5.35 -5.47 -29.77
N UNK A 156 -5.40 -6.74 -29.34
CA UNK A 156 -5.14 -7.87 -30.22
C UNK A 156 -6.40 -8.17 -31.03
N UNK A 157 -7.54 -8.44 -30.38
CA UNK A 157 -8.71 -8.69 -31.23
C UNK A 157 -8.92 -7.51 -32.18
N UNK A 158 -8.86 -6.33 -31.59
CA UNK A 158 -9.04 -5.06 -32.31
C UNK A 158 -8.01 -4.95 -33.44
N UNK A 159 -6.78 -5.25 -33.07
CA UNK A 159 -5.63 -5.21 -33.99
C UNK A 159 -5.88 -6.14 -35.17
N UNK A 160 -6.32 -7.33 -34.84
CA UNK A 160 -6.63 -8.38 -35.82
C UNK A 160 -7.67 -7.88 -36.81
N UNK A 161 -8.71 -7.28 -36.25
CA UNK A 161 -9.84 -6.73 -37.00
C UNK A 161 -9.33 -5.67 -38.00
N UNK A 162 -8.47 -4.81 -37.48
CA UNK A 162 -7.87 -3.72 -38.25
C UNK A 162 -7.10 -4.30 -39.44
N UNK A 163 -6.31 -5.34 -39.17
CA UNK A 163 -5.49 -6.01 -40.22
C UNK A 163 -6.30 -6.14 -41.51
N UNK A 164 -7.58 -5.72 -41.47
CA UNK A 164 -8.49 -5.78 -42.64
C UNK A 164 -8.52 -7.19 -43.22
N UNK A 165 -9.09 -8.15 -42.48
CA UNK A 165 -9.18 -9.56 -42.93
C UNK A 165 -10.40 -9.74 -43.84
N UNK A 166 -11.36 -10.56 -43.39
CA UNK A 166 -12.50 -10.98 -44.26
C UNK A 166 -13.82 -10.71 -43.56
N UNK A 167 -14.73 -10.00 -44.25
CA UNK A 167 -16.07 -9.66 -43.70
C UNK A 167 -16.99 -9.22 -44.85
N UNK A 168 -18.27 -9.60 -44.79
CA UNK A 168 -19.23 -9.23 -45.83
C UNK A 168 -20.65 -9.55 -45.37
N UNK A 169 -20.79 -10.75 -44.84
CA UNK A 169 -22.07 -11.26 -44.33
C UNK A 169 -22.61 -10.33 -43.24
N UNK A 170 -21.70 -9.99 -42.34
CA UNK A 170 -22.01 -9.10 -41.21
C UNK A 170 -22.54 -7.76 -41.73
N UNK A 171 -21.82 -7.24 -42.70
CA UNK A 171 -22.15 -5.96 -43.35
C UNK A 171 -23.57 -6.01 -43.92
N UNK A 172 -23.83 -7.10 -44.62
CA UNK A 172 -25.12 -7.36 -45.28
C UNK A 172 -26.23 -7.33 -44.23
N UNK A 173 -25.97 -8.04 -43.15
CA UNK A 173 -26.91 -8.15 -42.02
C UNK A 173 -27.24 -6.76 -41.47
N UNK A 174 -26.18 -6.00 -41.28
CA UNK A 174 -26.28 -4.62 -40.77
C UNK A 174 -27.18 -3.78 -41.67
N UNK A 175 -26.95 -3.89 -42.99
CA UNK A 175 -27.74 -3.13 -43.99
C UNK A 175 -29.01 -3.92 -44.35
N UNK A 176 -29.45 -4.79 -43.44
CA UNK A 176 -30.66 -5.61 -43.67
C UNK A 176 -31.70 -5.32 -42.58
N UNK A 177 -31.25 -5.17 -41.34
CA UNK A 177 -32.15 -4.87 -40.20
C UNK A 177 -32.53 -3.39 -40.21
N UNK A 178 -31.75 -2.56 -39.50
CA UNK A 178 -32.01 -1.10 -39.44
C UNK A 178 -30.68 -0.35 -39.26
N UNK A 179 -30.70 0.98 -39.43
CA UNK A 179 -29.49 1.81 -39.29
C UNK A 179 -29.19 2.04 -37.80
N UNK A 180 -30.22 2.34 -37.01
CA UNK A 180 -30.07 2.59 -35.56
C UNK A 180 -30.82 1.49 -34.77
N UNK A 181 -32.15 1.57 -34.75
CA UNK A 181 -32.98 0.60 -34.04
C UNK A 181 -32.17 -0.67 -33.75
N UNK A 182 -31.50 -1.11 -34.80
CA UNK A 182 -30.65 -2.32 -34.74
C UNK A 182 -29.59 -2.16 -33.66
N UNK A 183 -28.95 -1.00 -33.70
CA UNK A 183 -27.88 -0.64 -32.75
C UNK A 183 -28.41 -0.72 -31.32
N UNK A 184 -29.58 -0.13 -31.14
CA UNK A 184 -30.27 -0.09 -29.84
C UNK A 184 -30.50 -1.51 -29.33
N UNK A 185 -31.00 -2.34 -30.23
CA UNK A 185 -31.29 -3.75 -29.95
C UNK A 185 -30.03 -4.46 -29.46
N UNK A 186 -28.96 -4.23 -30.20
CA UNK A 186 -27.64 -4.81 -29.92
C UNK A 186 -27.20 -4.43 -28.52
N UNK A 187 -27.34 -3.16 -28.23
CA UNK A 187 -26.97 -2.58 -26.93
C UNK A 187 -27.74 -3.28 -25.81
N UNK A 188 -29.02 -3.42 -26.04
CA UNK A 188 -29.94 -4.07 -25.09
C UNK A 188 -29.48 -5.49 -24.80
N UNK A 189 -29.13 -6.23 -25.86
CA UNK A 189 -28.66 -7.60 -25.73
C UNK A 189 -27.38 -7.63 -24.89
N UNK A 190 -26.51 -6.64 -25.13
CA UNK A 190 -25.23 -6.53 -24.39
C UNK A 190 -25.50 -6.33 -22.89
N UNK A 191 -26.60 -6.90 -22.39
CA UNK A 191 -26.97 -6.78 -20.96
C UNK A 191 -27.30 -8.16 -20.40
N UNK A 192 -26.76 -9.22 -21.01
CA UNK A 192 -27.00 -10.60 -20.56
C UNK A 192 -25.68 -11.39 -20.58
N UNK A 193 -25.51 -12.25 -21.60
CA UNK A 193 -24.28 -13.07 -21.73
C UNK A 193 -23.84 -13.10 -23.19
N UNK A 194 -23.03 -14.10 -23.57
CA UNK A 194 -22.54 -14.24 -24.96
C UNK A 194 -21.94 -12.91 -25.43
N UNK A 195 -20.90 -12.43 -24.73
CA UNK A 195 -20.23 -11.16 -25.10
C UNK A 195 -18.92 -11.44 -25.82
N UNK A 196 -17.85 -11.69 -25.06
CA UNK A 196 -16.51 -11.98 -25.63
C UNK A 196 -16.15 -10.93 -26.69
N UNK A 197 -16.23 -11.30 -27.97
CA UNK A 197 -15.92 -10.38 -29.08
C UNK A 197 -17.01 -10.45 -30.14
N UNK A 198 -16.76 -11.21 -31.22
CA UNK A 198 -17.75 -11.36 -32.32
C UNK A 198 -18.67 -10.13 -32.36
N UNK A 199 -18.80 -9.42 -31.24
CA UNK A 199 -19.64 -8.24 -31.16
C UNK A 199 -18.88 -6.98 -31.55
N UNK A 200 -17.66 -6.84 -31.03
CA UNK A 200 -16.83 -5.68 -31.33
C UNK A 200 -16.56 -5.56 -32.82
N UNK A 201 -16.17 -6.66 -33.44
CA UNK A 201 -15.87 -6.68 -34.88
C UNK A 201 -17.06 -6.13 -35.66
N UNK A 202 -18.23 -6.63 -35.29
CA UNK A 202 -19.50 -6.24 -35.91
C UNK A 202 -19.71 -4.73 -35.77
N UNK A 203 -19.47 -4.26 -34.56
CA UNK A 203 -19.61 -2.84 -34.22
C UNK A 203 -18.70 -1.99 -35.11
N UNK A 204 -17.46 -2.46 -35.23
CA UNK A 204 -16.43 -1.80 -36.03
C UNK A 204 -16.90 -1.68 -37.49
N UNK A 205 -17.42 -2.79 -37.97
CA UNK A 205 -17.93 -2.91 -39.35
C UNK A 205 -19.03 -1.86 -39.58
N UNK A 206 -19.93 -1.82 -38.62
CA UNK A 206 -21.07 -0.90 -38.63
C UNK A 206 -20.58 0.55 -38.74
N UNK A 207 -19.60 0.85 -37.90
CA UNK A 207 -18.98 2.17 -37.82
C UNK A 207 -18.40 2.55 -39.20
N UNK A 208 -17.69 1.60 -39.76
CA UNK A 208 -17.05 1.76 -41.08
C UNK A 208 -18.10 2.11 -42.14
N UNK A 209 -19.21 1.37 -42.11
CA UNK A 209 -20.33 1.58 -43.06
C UNK A 209 -21.16 2.80 -42.64
N UNK A 210 -22.02 3.29 -43.54
CA UNK A 210 -22.90 4.46 -43.31
C UNK A 210 -22.09 5.69 -42.88
N UNK A 211 -22.65 6.48 -41.95
CA UNK A 211 -22.07 7.80 -41.60
C UNK A 211 -22.75 8.32 -40.31
N UNK A 212 -23.58 7.49 -39.67
CA UNK A 212 -24.28 7.88 -38.44
C UNK A 212 -23.28 8.45 -37.42
N UNK A 213 -22.15 7.76 -37.24
CA UNK A 213 -21.12 8.19 -36.31
C UNK A 213 -21.70 9.11 -35.23
N UNK A 214 -22.52 10.06 -35.64
CA UNK A 214 -23.15 11.00 -34.71
C UNK A 214 -24.12 10.29 -33.79
N UNK A 215 -24.85 9.32 -34.34
CA UNK A 215 -25.84 8.55 -33.56
C UNK A 215 -25.12 7.58 -32.62
N UNK A 216 -24.16 6.88 -33.21
CA UNK A 216 -23.34 5.88 -32.50
C UNK A 216 -22.63 6.53 -31.31
N UNK A 217 -22.04 7.68 -31.61
CA UNK A 217 -21.30 8.49 -30.61
C UNK A 217 -22.23 8.84 -29.44
N UNK A 218 -23.41 9.30 -29.81
CA UNK A 218 -24.44 9.71 -28.84
C UNK A 218 -24.78 8.54 -27.93
N UNK A 219 -24.98 7.39 -28.55
CA UNK A 219 -25.33 6.14 -27.86
C UNK A 219 -24.24 5.81 -26.84
N UNK A 220 -23.01 5.90 -27.30
CA UNK A 220 -21.82 5.61 -26.49
C UNK A 220 -21.81 6.52 -25.24
N UNK A 221 -22.06 7.79 -25.51
CA UNK A 221 -22.09 8.83 -24.47
C UNK A 221 -23.13 8.47 -23.40
N UNK A 222 -24.30 8.09 -23.90
CA UNK A 222 -25.44 7.71 -23.06
C UNK A 222 -25.04 6.54 -22.15
N UNK A 223 -24.41 5.56 -22.77
CA UNK A 223 -23.94 4.35 -22.09
C UNK A 223 -23.00 4.73 -20.95
N UNK A 224 -22.07 5.60 -21.29
CA UNK A 224 -21.05 6.11 -20.35
C UNK A 224 -21.74 6.75 -19.14
N UNK A 225 -22.71 7.58 -19.46
CA UNK A 225 -23.49 8.31 -18.44
C UNK A 225 -24.16 7.33 -17.49
N UNK A 226 -24.77 6.32 -18.10
CA UNK A 226 -25.47 5.26 -17.36
C UNK A 226 -24.52 4.57 -16.40
N UNK A 227 -23.35 4.25 -16.92
CA UNK A 227 -22.28 3.57 -16.16
C UNK A 227 -21.89 4.41 -14.94
N UNK A 228 -21.71 5.71 -15.17
CA UNK A 228 -21.33 6.66 -14.10
C UNK A 228 -22.28 6.49 -12.91
N UNK A 229 -21.94 5.60 -11.96
CA UNK A 229 -22.77 5.36 -10.77
C UNK A 229 -21.89 4.92 -9.60
N UNK A 230 -22.02 3.66 -9.16
CA UNK A 230 -21.22 3.13 -8.03
C UNK A 230 -20.93 1.65 -8.27
N UNK A 231 -20.96 1.22 -9.54
CA UNK A 231 -20.70 -0.20 -9.89
C UNK A 231 -19.25 -0.34 -10.38
N UNK A 232 -18.97 -1.40 -11.15
CA UNK A 232 -17.61 -1.65 -11.68
C UNK A 232 -17.71 -2.24 -13.09
N UNK A 233 -18.85 -2.02 -13.76
CA UNK A 233 -19.06 -2.54 -15.13
C UNK A 233 -19.48 -1.38 -16.06
N UNK A 234 -19.25 -1.54 -17.36
CA UNK A 234 -19.61 -0.51 -18.34
C UNK A 234 -18.37 0.25 -18.81
N UNK A 235 -17.43 0.49 -17.89
CA UNK A 235 -16.20 1.20 -18.21
C UNK A 235 -15.41 0.46 -19.28
N UNK A 236 -15.06 -0.79 -19.00
CA UNK A 236 -14.29 -1.60 -19.94
C UNK A 236 -14.94 -1.59 -21.32
N UNK A 237 -16.26 -1.75 -21.35
CA UNK A 237 -17.01 -1.77 -22.61
C UNK A 237 -16.77 -0.46 -23.39
N UNK A 238 -16.88 0.62 -22.65
CA UNK A 238 -16.69 1.98 -23.19
C UNK A 238 -15.29 2.11 -23.80
N UNK A 239 -14.33 1.63 -23.03
CA UNK A 239 -12.91 1.66 -23.43
C UNK A 239 -12.73 0.90 -24.75
N UNK A 240 -13.33 -0.27 -24.79
CA UNK A 240 -13.28 -1.16 -25.95
C UNK A 240 -13.83 -0.44 -27.19
N UNK A 241 -14.97 0.20 -26.98
CA UNK A 241 -15.67 0.96 -28.03
C UNK A 241 -14.75 2.04 -28.58
N UNK A 242 -14.13 2.75 -27.65
CA UNK A 242 -13.21 3.85 -27.97
C UNK A 242 -12.06 3.33 -28.85
N UNK A 243 -11.52 2.22 -28.41
CA UNK A 243 -10.41 1.54 -29.11
C UNK A 243 -10.81 1.21 -30.55
N UNK A 244 -12.00 0.65 -30.66
CA UNK A 244 -12.57 0.26 -31.95
C UNK A 244 -12.66 1.47 -32.88
N UNK A 245 -13.18 2.55 -32.31
CA UNK A 245 -13.35 3.82 -33.01
C UNK A 245 -12.01 4.32 -33.55
N UNK A 246 -11.03 4.26 -32.67
CA UNK A 246 -9.65 4.68 -32.98
C UNK A 246 -9.11 3.89 -34.17
N UNK A 247 -9.32 2.56 -34.12
CA UNK A 247 -8.85 1.66 -35.21
C UNK A 247 -9.60 2.01 -36.50
N UNK A 248 -9.12 3.02 -37.23
CA UNK A 248 -9.74 3.46 -38.50
C UNK A 248 -11.24 3.67 -38.29
N UNK A 249 -11.62 4.58 -37.40
CA UNK A 249 -13.05 4.86 -37.11
C UNK A 249 -13.49 6.14 -37.85
N UNK A 250 -13.90 6.00 -39.11
CA UNK A 250 -14.36 7.13 -39.94
C UNK A 250 -13.32 8.26 -39.92
N UNK A 251 -12.05 7.92 -40.15
CA UNK A 251 -10.93 8.90 -40.18
C UNK A 251 -11.00 9.81 -38.95
N UNK A 252 -10.83 9.23 -37.75
CA UNK A 252 -10.86 10.02 -36.50
C UNK A 252 -9.69 9.61 -35.60
N UNK A 253 -8.84 10.57 -35.23
CA UNK A 253 -7.67 10.31 -34.37
C UNK A 253 -8.14 10.00 -32.93
N UNK A 254 -8.48 11.04 -32.17
CA UNK A 254 -8.95 10.87 -30.77
C UNK A 254 -9.69 12.13 -30.32
N UNK A 255 -9.31 12.67 -29.16
CA UNK A 255 -9.95 13.88 -28.60
C UNK A 255 -11.06 13.49 -27.61
N UNK A 256 -11.45 12.21 -27.61
CA UNK A 256 -12.49 11.72 -26.73
C UNK A 256 -11.96 11.51 -25.31
N UNK A 257 -10.72 11.03 -25.21
CA UNK A 257 -10.09 10.79 -23.92
C UNK A 257 -10.18 12.01 -23.03
N UNK A 258 -10.02 13.18 -23.62
CA UNK A 258 -10.09 14.45 -22.86
C UNK A 258 -11.52 14.69 -22.37
N UNK A 259 -12.45 14.51 -23.31
CA UNK A 259 -13.88 14.69 -23.06
C UNK A 259 -14.33 13.77 -21.93
N UNK A 260 -13.90 12.52 -22.04
CA UNK A 260 -14.23 11.47 -21.06
C UNK A 260 -13.74 11.88 -19.67
N UNK A 261 -12.49 12.37 -19.61
CA UNK A 261 -11.89 12.81 -18.34
C UNK A 261 -12.79 13.85 -17.66
N UNK A 262 -14.11 13.61 -17.67
CA UNK A 262 -15.09 14.53 -17.06
C UNK A 262 -15.77 13.85 -15.87
N UNK A 263 -14.98 13.37 -14.90
CA UNK A 263 -15.52 12.69 -13.70
C UNK A 263 -15.41 13.62 -12.49
N UNK A 264 -16.55 13.91 -11.85
CA UNK A 264 -16.58 14.81 -10.67
C UNK A 264 -17.87 14.57 -9.88
N UNK A 265 -17.75 14.00 -8.68
CA UNK A 265 -18.93 13.72 -7.82
C UNK A 265 -18.47 13.46 -6.38
N UNK A 266 -18.63 12.22 -5.90
CA UNK A 266 -18.22 11.85 -4.53
C UNK A 266 -17.05 10.86 -4.60
N UNK A 267 -16.95 10.10 -5.69
CA UNK A 267 -15.86 9.11 -5.88
C UNK A 267 -15.41 9.12 -7.34
N UNK A 268 -15.91 10.07 -8.13
CA UNK A 268 -15.56 10.18 -9.55
C UNK A 268 -14.07 9.87 -9.74
N UNK A 269 -13.27 10.49 -8.88
CA UNK A 269 -11.81 10.33 -8.88
C UNK A 269 -11.44 8.86 -8.71
N UNK A 270 -12.11 8.25 -7.73
CA UNK A 270 -11.90 6.83 -7.39
C UNK A 270 -12.18 5.96 -8.61
N UNK A 271 -13.30 6.26 -9.25
CA UNK A 271 -13.76 5.55 -10.45
C UNK A 271 -12.70 5.62 -11.54
N UNK A 272 -12.21 6.83 -11.73
CA UNK A 272 -11.18 7.14 -12.74
C UNK A 272 -9.94 6.29 -12.48
N UNK A 273 -9.54 6.27 -11.22
CA UNK A 273 -8.37 5.52 -10.75
C UNK A 273 -8.54 4.03 -11.09
N UNK A 274 -9.71 3.54 -10.78
CA UNK A 274 -10.08 2.14 -11.01
C UNK A 274 -9.94 1.80 -12.49
N UNK A 275 -10.48 2.69 -13.31
CA UNK A 275 -10.46 2.57 -14.77
C UNK A 275 -9.01 2.47 -15.26
N UNK A 276 -8.20 3.36 -14.74
CA UNK A 276 -6.76 3.45 -15.07
C UNK A 276 -6.08 2.12 -14.76
N UNK A 277 -6.37 1.59 -13.56
CA UNK A 277 -5.78 0.30 -13.12
C UNK A 277 -6.02 -0.78 -14.17
N UNK A 278 -6.37 -0.37 -15.39
CA UNK A 278 -6.62 -1.31 -16.50
C UNK A 278 -5.43 -2.27 -16.65
N UNK A 279 -4.25 -1.73 -16.98
CA UNK A 279 -3.03 -2.54 -17.14
C UNK A 279 -3.15 -3.41 -18.41
N UNK A 280 -3.18 -2.77 -19.58
CA UNK A 280 -3.30 -3.49 -20.87
C UNK A 280 -1.97 -3.41 -21.63
N UNK A 281 -1.91 -2.54 -22.65
CA UNK A 281 -0.67 -2.37 -23.45
C UNK A 281 -0.71 -1.01 -24.17
N UNK A 282 -1.17 -1.02 -25.43
CA UNK A 282 -1.27 0.22 -26.24
C UNK A 282 0.06 0.98 -26.19
N UNK A 283 0.00 2.28 -25.86
CA UNK A 283 1.21 3.12 -25.78
C UNK A 283 1.01 4.23 -24.74
N UNK A 284 1.18 3.88 -23.46
CA UNK A 284 1.01 4.85 -22.35
C UNK A 284 1.21 6.28 -22.88
N UNK A 285 1.56 6.40 -24.17
CA UNK A 285 1.79 7.72 -24.81
C UNK A 285 0.44 8.44 -25.00
N UNK A 286 -0.67 7.70 -24.85
CA UNK A 286 -2.01 8.27 -25.01
C UNK A 286 -2.76 8.20 -23.69
N UNK A 287 -2.70 7.02 -23.09
CA UNK A 287 -3.36 6.73 -21.82
C UNK A 287 -2.88 7.70 -20.75
N UNK A 288 -1.55 7.88 -20.68
CA UNK A 288 -0.96 8.78 -19.71
C UNK A 288 -0.21 9.91 -20.42
N UNK A 289 -0.87 10.52 -21.40
CA UNK A 289 -0.27 11.60 -22.16
C UNK A 289 -1.01 12.92 -21.94
N UNK A 290 -0.49 13.73 -21.03
CA UNK A 290 -1.07 15.04 -20.70
C UNK A 290 -2.58 14.96 -20.45
N UNK A 291 -2.96 14.27 -19.38
CA UNK A 291 -4.37 14.14 -19.02
C UNK A 291 -4.74 15.21 -17.99
N UNK A 292 -6.01 15.59 -17.97
CA UNK A 292 -6.48 16.60 -17.03
C UNK A 292 -7.94 16.38 -16.65
N UNK A 293 -8.19 15.52 -15.66
CA UNK A 293 -9.54 15.23 -15.21
C UNK A 293 -9.55 14.95 -13.71
N UNK A 294 -9.04 15.90 -12.93
CA UNK A 294 -8.98 15.75 -11.48
C UNK A 294 -9.16 17.11 -10.79
N UNK A 295 -10.40 17.48 -10.49
CA UNK A 295 -10.69 18.75 -9.84
C UNK A 295 -10.49 18.63 -8.33
N UNK A 296 -10.51 19.78 -7.66
CA UNK A 296 -10.37 19.94 -6.19
C UNK A 296 -9.03 19.52 -5.54
N UNK A 297 -8.85 19.89 -4.28
CA UNK A 297 -7.64 19.56 -3.53
C UNK A 297 -7.38 18.05 -3.55
N UNK A 298 -6.62 17.58 -4.54
CA UNK A 298 -6.30 16.16 -4.64
C UNK A 298 -5.04 15.96 -5.46
N UNK A 299 -3.89 16.12 -4.82
CA UNK A 299 -2.61 15.97 -5.48
C UNK A 299 -1.95 14.64 -5.11
N UNK A 300 -2.76 13.58 -5.07
CA UNK A 300 -2.24 12.23 -4.73
C UNK A 300 -2.65 11.23 -5.82
N UNK A 301 -3.81 11.47 -6.45
CA UNK A 301 -4.31 10.57 -7.52
C UNK A 301 -3.47 10.75 -8.79
N UNK A 302 -3.32 12.00 -9.25
CA UNK A 302 -2.53 12.30 -10.45
C UNK A 302 -1.12 11.70 -10.31
N UNK A 303 -0.55 11.94 -9.16
CA UNK A 303 0.80 11.47 -8.82
C UNK A 303 0.86 9.94 -8.93
N UNK A 304 -0.15 9.33 -8.35
CA UNK A 304 -0.29 7.86 -8.33
C UNK A 304 -0.33 7.32 -9.76
N UNK A 305 -1.13 8.00 -10.57
CA UNK A 305 -1.31 7.65 -11.99
C UNK A 305 0.03 7.70 -12.71
N UNK A 306 0.74 8.78 -12.46
CA UNK A 306 2.06 9.03 -13.05
C UNK A 306 3.01 7.88 -12.70
N UNK A 307 3.00 7.54 -11.43
CA UNK A 307 3.84 6.47 -10.88
C UNK A 307 3.55 5.15 -11.62
N UNK A 308 2.26 4.89 -11.75
CA UNK A 308 1.77 3.67 -12.42
C UNK A 308 2.31 3.62 -13.86
N UNK A 309 2.18 4.75 -14.52
CA UNK A 309 2.64 4.91 -15.91
C UNK A 309 4.12 4.59 -16.02
N UNK A 310 4.91 5.14 -15.10
CA UNK A 310 6.37 4.92 -15.06
C UNK A 310 6.66 3.41 -14.94
N UNK A 311 6.20 2.63 -15.93
CA UNK A 311 6.41 1.16 -15.93
C UNK A 311 7.05 0.73 -17.24
N UNK A 312 6.56 -0.36 -17.85
CA UNK A 312 7.09 -0.87 -19.12
C UNK A 312 7.05 0.23 -20.18
N UNK A 313 8.22 0.68 -20.65
CA UNK A 313 8.31 1.75 -21.67
C UNK A 313 9.71 1.75 -22.29
N UNK A 314 9.80 2.09 -23.58
CA UNK A 314 11.11 2.13 -24.29
C UNK A 314 11.05 3.18 -25.41
N UNK A 315 10.63 2.76 -26.61
CA UNK A 315 10.54 3.68 -27.77
C UNK A 315 9.60 4.84 -27.43
N UNK A 316 10.16 5.94 -26.89
CA UNK A 316 9.36 7.13 -26.53
C UNK A 316 10.29 8.34 -26.39
N UNK A 317 10.56 9.02 -27.51
CA UNK A 317 11.44 10.21 -27.51
C UNK A 317 10.58 11.47 -27.58
N UNK A 318 9.93 11.83 -26.48
CA UNK A 318 9.07 13.04 -26.42
C UNK A 318 9.77 14.14 -25.60
N UNK A 319 9.00 15.10 -25.09
CA UNK A 319 9.54 16.21 -24.29
C UNK A 319 10.72 16.85 -25.02
N UNK A 320 10.49 17.33 -26.25
CA UNK A 320 11.55 17.98 -27.05
C UNK A 320 10.92 18.93 -28.08
N UNK A 321 11.22 18.73 -29.36
CA UNK A 321 10.67 19.58 -30.44
C UNK A 321 9.14 19.63 -30.33
N UNK B 642 -11.88 -30.43 -33.72
CA UNK B 642 -12.04 -28.97 -33.68
C UNK B 642 -12.44 -28.46 -32.30
N UNK B 643 -12.77 -27.18 -32.22
CA UNK B 643 -13.15 -26.56 -30.95
C UNK B 643 -14.65 -26.32 -30.86
N UNK B 644 -15.30 -26.01 -31.99
CA UNK B 644 -16.74 -25.78 -31.95
C UNK B 644 -17.51 -26.93 -31.36
N UNK B 645 -17.32 -28.13 -31.92
CA UNK B 645 -17.99 -29.30 -31.37
C UNK B 645 -17.54 -29.55 -29.94
N UNK B 646 -16.33 -29.14 -29.60
CA UNK B 646 -15.89 -29.25 -28.22
C UNK B 646 -16.72 -28.38 -27.31
N UNK B 647 -16.91 -27.11 -27.69
CA UNK B 647 -17.80 -26.24 -26.92
C UNK B 647 -19.20 -26.82 -26.84
N UNK B 648 -19.67 -27.44 -27.93
CA UNK B 648 -21.00 -28.01 -27.93
C UNK B 648 -21.12 -29.13 -26.90
N UNK B 649 -20.28 -30.17 -27.06
CA UNK B 649 -20.31 -31.30 -26.13
C UNK B 649 -20.13 -30.81 -24.70
N UNK B 650 -19.01 -30.14 -24.43
CA UNK B 650 -18.72 -29.62 -23.10
C UNK B 650 -19.84 -28.75 -22.56
N UNK B 651 -20.70 -28.21 -23.44
CA UNK B 651 -21.83 -27.41 -22.99
C UNK B 651 -23.10 -28.23 -22.85
N UNK B 652 -23.17 -29.39 -23.51
CA UNK B 652 -24.31 -30.29 -23.34
C UNK B 652 -24.41 -30.84 -21.92
N UNK B 653 -23.43 -30.56 -21.07
CA UNK B 653 -23.42 -31.14 -19.73
C UNK B 653 -24.44 -30.45 -18.82
N UNK B 654 -24.43 -29.11 -18.80
CA UNK B 654 -25.30 -28.35 -17.89
C UNK B 654 -26.74 -28.85 -17.82
N UNK B 655 -27.42 -29.13 -18.92
CA UNK B 655 -28.80 -29.63 -18.80
C UNK B 655 -28.90 -30.93 -18.02
N UNK B 656 -27.93 -31.83 -18.21
CA UNK B 656 -27.98 -33.12 -17.54
C UNK B 656 -28.02 -32.96 -16.02
N UNK B 657 -27.17 -32.09 -15.49
CA UNK B 657 -26.95 -32.02 -14.04
C UNK B 657 -27.94 -31.02 -13.48
N UNK B 658 -29.18 -31.46 -13.31
CA UNK B 658 -30.11 -30.80 -12.41
C UNK B 658 -30.66 -31.77 -11.36
N UNK B 659 -31.25 -32.88 -11.80
CA UNK B 659 -31.80 -33.93 -10.93
C UNK B 659 -31.36 -35.32 -11.36
N UNK B 660 -31.19 -35.55 -12.66
CA UNK B 660 -30.90 -36.87 -13.21
C UNK B 660 -29.42 -37.23 -13.15
N UNK B 661 -28.66 -36.62 -12.26
CA UNK B 661 -27.25 -36.98 -12.09
C UNK B 661 -27.16 -38.33 -11.40
N UNK B 662 -27.62 -39.37 -12.07
CA UNK B 662 -27.78 -40.70 -11.49
C UNK B 662 -26.90 -41.70 -12.23
N UNK B 663 -25.63 -41.32 -12.43
CA UNK B 663 -24.62 -42.15 -13.09
C UNK B 663 -24.74 -42.08 -14.60
N UNK B 664 -25.57 -41.19 -15.13
CA UNK B 664 -25.65 -40.97 -16.57
C UNK B 664 -24.61 -39.98 -17.07
N UNK B 665 -24.03 -39.18 -16.19
CA UNK B 665 -22.98 -38.24 -16.58
C UNK B 665 -21.68 -39.00 -16.76
N UNK B 666 -21.68 -39.99 -17.64
CA UNK B 666 -20.49 -40.79 -17.92
C UNK B 666 -20.22 -40.76 -19.42
N UNK B 667 -21.22 -41.14 -20.21
CA UNK B 667 -21.03 -41.16 -21.65
C UNK B 667 -20.76 -39.78 -22.19
N UNK B 668 -21.29 -38.74 -21.56
CA UNK B 668 -20.92 -37.38 -21.94
C UNK B 668 -19.46 -37.12 -21.65
N UNK B 669 -18.94 -37.70 -20.56
CA UNK B 669 -17.51 -37.62 -20.29
C UNK B 669 -16.71 -38.42 -21.31
N UNK B 670 -17.23 -39.60 -21.69
CA UNK B 670 -16.57 -40.37 -22.74
C UNK B 670 -16.48 -39.55 -24.02
N UNK B 671 -17.52 -38.76 -24.32
CA UNK B 671 -17.50 -37.94 -25.52
C UNK B 671 -16.52 -36.77 -25.38
N UNK B 672 -16.55 -36.11 -24.22
CA UNK B 672 -15.57 -35.04 -23.95
C UNK B 672 -14.16 -35.55 -24.19
N UNK B 673 -13.83 -36.71 -23.62
CA UNK B 673 -12.47 -37.22 -23.72
C UNK B 673 -12.18 -37.72 -25.13
N UNK B 674 -13.21 -38.24 -25.82
CA UNK B 674 -13.02 -38.72 -27.18
C UNK B 674 -12.72 -37.58 -28.14
N UNK B 675 -13.33 -36.42 -27.93
CA UNK B 675 -13.11 -35.28 -28.81
C UNK B 675 -11.94 -34.41 -28.39
N UNK B 676 -11.55 -34.47 -27.11
CA UNK B 676 -10.40 -33.72 -26.64
C UNK B 676 -9.09 -34.28 -27.18
N UNK B 677 -9.11 -35.50 -27.71
CA UNK B 677 -7.88 -36.12 -28.20
C UNK B 677 -7.20 -35.26 -29.26
N UNK B 678 -7.98 -34.47 -29.99
CA UNK B 678 -7.49 -33.73 -31.14
C UNK B 678 -7.53 -32.25 -30.79
N UNK B 679 -6.38 -31.70 -30.45
CA UNK B 679 -6.27 -30.27 -30.15
C UNK B 679 -4.80 -29.86 -30.08
N UNK B 703 5.06 -17.54 -24.39
CA UNK B 703 4.42 -18.66 -23.69
C UNK B 703 2.91 -18.56 -23.82
N UNK B 704 2.22 -19.61 -23.35
CA UNK B 704 0.76 -19.65 -23.36
C UNK B 704 0.22 -19.43 -24.77
N UNK B 705 0.54 -20.36 -25.66
CA UNK B 705 0.08 -20.28 -27.03
C UNK B 705 -1.46 -20.35 -27.08
N UNK B 706 -2.00 -20.12 -28.28
CA UNK B 706 -3.45 -20.05 -28.43
C UNK B 706 -4.06 -21.46 -28.35
N UNK B 707 -3.32 -22.48 -28.76
CA UNK B 707 -3.84 -23.84 -28.64
C UNK B 707 -4.17 -24.19 -27.20
N UNK B 708 -3.42 -23.62 -26.26
CA UNK B 708 -3.56 -23.92 -24.83
C UNK B 708 -4.25 -22.81 -24.07
N UNK B 709 -3.80 -21.56 -24.26
CA UNK B 709 -4.43 -20.45 -23.55
C UNK B 709 -5.93 -20.35 -23.83
N UNK B 710 -6.40 -21.00 -24.89
CA UNK B 710 -7.82 -20.96 -25.23
C UNK B 710 -8.58 -22.17 -24.71
N UNK B 711 -7.94 -23.34 -24.68
CA UNK B 711 -8.64 -24.54 -24.23
C UNK B 711 -8.76 -24.53 -22.71
N UNK B 712 -7.71 -24.10 -21.99
CA UNK B 712 -7.78 -24.02 -20.55
C UNK B 712 -9.04 -23.28 -20.10
N UNK B 713 -9.17 -22.02 -20.49
CA UNK B 713 -10.32 -21.22 -20.10
C UNK B 713 -11.63 -21.78 -20.64
N UNK B 714 -11.57 -22.85 -21.44
CA UNK B 714 -12.77 -23.56 -21.90
C UNK B 714 -13.09 -24.77 -21.03
N UNK B 715 -12.08 -25.51 -20.59
CA UNK B 715 -12.31 -26.58 -19.62
C UNK B 715 -12.72 -26.00 -18.27
N UNK B 716 -11.84 -25.17 -17.70
CA UNK B 716 -12.09 -24.57 -16.40
C UNK B 716 -13.48 -23.92 -16.33
N UNK B 717 -13.77 -23.05 -17.30
CA UNK B 717 -15.00 -22.26 -17.23
C UNK B 717 -16.23 -23.13 -17.11
N UNK B 718 -16.23 -24.31 -17.73
CA UNK B 718 -17.37 -25.21 -17.60
C UNK B 718 -17.70 -25.51 -16.15
N UNK B 719 -16.71 -25.51 -15.28
CA UNK B 719 -16.95 -25.71 -13.85
C UNK B 719 -17.85 -24.61 -13.29
N UNK B 720 -17.39 -23.36 -13.35
CA UNK B 720 -18.15 -22.26 -12.79
C UNK B 720 -19.60 -22.23 -13.26
N UNK B 721 -19.90 -22.89 -14.38
CA UNK B 721 -21.27 -22.93 -14.88
C UNK B 721 -22.02 -24.17 -14.38
N UNK B 722 -21.41 -25.34 -14.47
CA UNK B 722 -22.08 -26.55 -14.01
C UNK B 722 -22.36 -26.50 -12.51
N UNK B 723 -21.36 -26.09 -11.73
CA UNK B 723 -21.56 -25.94 -10.29
C UNK B 723 -22.77 -25.05 -10.00
N UNK B 724 -22.78 -23.83 -10.56
CA UNK B 724 -23.87 -22.91 -10.27
C UNK B 724 -25.19 -23.47 -10.77
N UNK B 725 -25.16 -24.26 -11.84
CA UNK B 725 -26.40 -24.88 -12.32
C UNK B 725 -26.94 -25.86 -11.30
N UNK B 726 -26.07 -26.68 -10.72
CA UNK B 726 -26.50 -27.71 -9.78
C UNK B 726 -26.72 -27.17 -8.38
N UNK B 727 -26.15 -26.02 -8.04
CA UNK B 727 -26.26 -25.47 -6.70
C UNK B 727 -27.60 -24.78 -6.45
N UNK B 728 -28.52 -24.84 -7.40
CA UNK B 728 -29.84 -24.26 -7.22
C UNK B 728 -30.87 -25.32 -6.91
N UNK B 729 -30.66 -26.52 -7.45
CA UNK B 729 -31.57 -27.63 -7.19
C UNK B 729 -31.37 -28.15 -5.78
N UNK B 730 -30.16 -28.58 -5.45
CA UNK B 730 -29.83 -29.08 -4.12
C UNK B 730 -28.43 -28.60 -3.75
N UNK B 731 -28.12 -28.58 -2.46
CA UNK B 731 -26.77 -28.18 -2.02
C UNK B 731 -25.74 -29.21 -2.42
N UNK B 732 -24.47 -29.02 -2.04
CA UNK B 732 -23.43 -29.96 -2.48
C UNK B 732 -23.39 -31.26 -1.72
N UNK B 733 -23.92 -31.30 -0.50
CA UNK B 733 -23.91 -32.52 0.30
C UNK B 733 -24.36 -33.72 -0.52
N UNK B 734 -25.55 -33.61 -1.12
CA UNK B 734 -26.15 -34.75 -1.80
C UNK B 734 -25.57 -34.94 -3.20
N UNK B 735 -25.49 -33.87 -3.98
CA UNK B 735 -24.94 -33.97 -5.32
C UNK B 735 -23.42 -34.00 -5.23
N UNK B 736 -22.75 -33.94 -6.39
CA UNK B 736 -21.31 -33.95 -6.42
C UNK B 736 -20.71 -35.33 -6.57
N UNK B 737 -21.15 -36.07 -7.58
CA UNK B 737 -20.45 -37.27 -8.04
C UNK B 737 -19.88 -37.09 -9.44
N UNK B 738 -20.21 -36.01 -10.11
CA UNK B 738 -19.61 -35.62 -11.39
C UNK B 738 -18.24 -34.97 -11.20
N UNK B 739 -18.06 -34.06 -10.23
CA UNK B 739 -16.82 -33.26 -10.24
C UNK B 739 -15.57 -34.12 -10.17
N UNK B 740 -15.50 -35.01 -9.18
CA UNK B 740 -14.39 -35.95 -9.10
C UNK B 740 -14.19 -36.66 -10.44
N UNK B 741 -15.29 -36.97 -11.11
CA UNK B 741 -15.19 -37.72 -12.37
C UNK B 741 -14.59 -36.86 -13.47
N UNK B 742 -15.09 -35.63 -13.60
CA UNK B 742 -14.54 -34.71 -14.60
C UNK B 742 -13.07 -34.45 -14.35
N UNK B 743 -12.68 -34.29 -13.08
CA UNK B 743 -11.29 -33.99 -12.77
C UNK B 743 -10.41 -35.21 -13.02
N UNK B 744 -10.91 -36.40 -12.73
CA UNK B 744 -10.15 -37.60 -13.05
C UNK B 744 -9.97 -37.75 -14.55
N UNK B 745 -11.00 -37.41 -15.32
CA UNK B 745 -10.85 -37.39 -16.77
C UNK B 745 -9.75 -36.44 -17.18
N UNK B 746 -9.80 -35.20 -16.68
CA UNK B 746 -8.79 -34.21 -17.05
C UNK B 746 -7.38 -34.72 -16.71
N UNK B 747 -7.16 -35.08 -15.44
CA UNK B 747 -5.86 -35.59 -15.03
C UNK B 747 -5.45 -36.83 -15.80
N UNK B 748 -6.42 -37.55 -16.38
CA UNK B 748 -6.07 -38.69 -17.20
C UNK B 748 -5.16 -38.33 -18.36
N UNK B 749 -5.18 -37.07 -18.78
CA UNK B 749 -4.28 -36.58 -19.80
C UNK B 749 -3.04 -35.98 -19.15
N UNK B 750 -2.08 -35.57 -19.98
CA UNK B 750 -0.79 -35.13 -19.46
C UNK B 750 -0.41 -33.74 -19.99
N UNK B 751 -0.75 -33.45 -21.24
CA UNK B 751 -0.37 -32.18 -21.85
C UNK B 751 -1.41 -31.08 -21.66
N UNK B 752 -2.51 -31.37 -20.96
CA UNK B 752 -3.51 -30.36 -20.66
C UNK B 752 -3.57 -30.04 -19.18
N UNK B 753 -3.48 -31.06 -18.33
CA UNK B 753 -3.45 -30.83 -16.89
C UNK B 753 -2.29 -29.93 -16.49
N UNK B 754 -1.28 -29.78 -17.34
CA UNK B 754 -0.17 -28.90 -17.07
C UNK B 754 -0.35 -27.52 -17.67
N UNK B 755 -1.49 -27.27 -18.31
CA UNK B 755 -1.84 -25.94 -18.79
C UNK B 755 -2.80 -25.21 -17.88
N UNK B 756 -3.71 -25.95 -17.24
CA UNK B 756 -4.64 -25.33 -16.30
C UNK B 756 -3.88 -24.65 -15.17
N UNK B 757 -2.77 -25.24 -14.74
CA UNK B 757 -2.01 -24.68 -13.63
C UNK B 757 -1.48 -23.30 -13.97
N UNK B 758 -0.73 -23.20 -15.07
CA UNK B 758 -0.17 -21.91 -15.46
C UNK B 758 -1.28 -20.92 -15.82
N UNK B 759 -2.36 -21.41 -16.43
CA UNK B 759 -3.47 -20.52 -16.73
C UNK B 759 -4.05 -19.91 -15.47
N UNK B 760 -4.20 -20.71 -14.41
CA UNK B 760 -4.72 -20.18 -13.17
C UNK B 760 -3.72 -19.26 -12.50
N UNK B 761 -2.42 -19.56 -12.61
CA UNK B 761 -1.40 -18.62 -12.15
C UNK B 761 -1.64 -17.25 -12.77
N UNK B 762 -1.62 -17.20 -14.10
CA UNK B 762 -1.79 -15.92 -14.79
C UNK B 762 -3.13 -15.28 -14.44
N UNK B 763 -4.17 -16.07 -14.30
CA UNK B 763 -5.52 -15.57 -14.06
C UNK B 763 -5.73 -15.12 -12.63
N UNK B 764 -4.80 -15.43 -11.72
CA UNK B 764 -4.86 -14.92 -10.36
C UNK B 764 -3.72 -13.97 -10.05
N UNK B 765 -2.80 -13.74 -10.98
CA UNK B 765 -1.75 -12.75 -10.79
C UNK B 765 -2.11 -11.40 -11.42
N UNK B 766 -2.38 -11.39 -12.72
CA UNK B 766 -2.56 -10.15 -13.46
C UNK B 766 -4.00 -9.66 -13.42
N UNK B 767 -4.94 -10.46 -13.90
CA UNK B 767 -6.34 -10.07 -13.91
C UNK B 767 -7.01 -10.24 -12.56
N UNK B 768 -6.25 -10.60 -11.52
CA UNK B 768 -6.86 -10.88 -10.22
C UNK B 768 -7.55 -9.67 -9.61
N UNK B 769 -6.92 -8.50 -9.52
CA UNK B 769 -7.54 -7.38 -8.79
C UNK B 769 -8.96 -7.07 -9.26
N UNK B 770 -9.29 -7.41 -10.50
CA UNK B 770 -10.65 -7.21 -11.00
C UNK B 770 -10.92 -8.24 -12.09
N UNK B 771 -11.50 -9.37 -11.70
CA UNK B 771 -12.01 -10.35 -12.66
C UNK B 771 -13.50 -10.62 -12.49
N UNK B 772 -13.93 -11.01 -11.29
CA UNK B 772 -15.33 -11.33 -11.02
C UNK B 772 -15.40 -11.74 -9.55
N UNK B 773 -16.62 -11.96 -9.07
CA UNK B 773 -16.85 -12.48 -7.72
C UNK B 773 -17.44 -13.88 -7.71
N UNK B 774 -17.61 -14.50 -8.88
CA UNK B 774 -18.06 -15.88 -8.97
C UNK B 774 -17.16 -16.71 -9.87
N UNK B 775 -16.17 -16.11 -10.51
CA UNK B 775 -15.09 -16.83 -11.17
C UNK B 775 -14.03 -17.29 -10.19
N UNK B 776 -14.28 -17.09 -8.89
CA UNK B 776 -13.37 -17.47 -7.82
C UNK B 776 -13.81 -18.82 -7.26
N UNK B 777 -15.06 -18.88 -6.79
CA UNK B 777 -15.57 -20.12 -6.20
C UNK B 777 -15.42 -21.28 -7.16
N UNK B 778 -15.32 -21.01 -8.45
CA UNK B 778 -15.00 -22.03 -9.42
C UNK B 778 -13.53 -22.32 -9.54
N UNK B 779 -12.73 -21.82 -8.61
CA UNK B 779 -11.30 -22.11 -8.54
C UNK B 779 -10.93 -22.79 -7.22
N UNK B 780 -11.56 -22.40 -6.12
CA UNK B 780 -11.39 -23.12 -4.87
C UNK B 780 -11.81 -24.58 -5.02
N UNK B 781 -12.94 -24.80 -5.67
CA UNK B 781 -13.47 -26.13 -5.87
C UNK B 781 -12.72 -26.92 -6.93
N UNK B 782 -11.83 -26.27 -7.68
CA UNK B 782 -10.89 -26.98 -8.54
C UNK B 782 -9.55 -27.19 -7.87
N UNK B 783 -9.25 -26.40 -6.85
CA UNK B 783 -8.07 -26.64 -6.02
C UNK B 783 -8.30 -27.87 -5.15
N UNK B 784 -9.40 -27.89 -4.41
CA UNK B 784 -9.69 -29.03 -3.54
C UNK B 784 -9.72 -30.32 -4.35
N UNK B 785 -10.64 -30.40 -5.32
CA UNK B 785 -10.81 -31.63 -6.06
C UNK B 785 -9.53 -32.12 -6.72
N UNK B 786 -8.52 -31.26 -6.83
CA UNK B 786 -7.20 -31.68 -7.25
C UNK B 786 -6.37 -32.24 -6.10
N UNK B 787 -6.96 -32.36 -4.92
CA UNK B 787 -6.26 -32.90 -3.76
C UNK B 787 -6.65 -34.33 -3.44
N UNK B 788 -7.92 -34.70 -3.64
CA UNK B 788 -8.38 -36.05 -3.39
C UNK B 788 -8.00 -37.02 -4.49
N UNK B 789 -7.30 -36.57 -5.54
CA UNK B 789 -6.80 -37.44 -6.58
C UNK B 789 -5.30 -37.66 -6.53
N UNK B 790 -4.57 -36.84 -5.75
CA UNK B 790 -3.11 -36.94 -5.61
C UNK B 790 -2.45 -37.35 -6.91
N UNK B 791 -2.58 -36.57 -7.97
CA UNK B 791 -1.99 -36.95 -9.26
C UNK B 791 -0.48 -36.80 -9.27
N UNK B 792 0.14 -37.08 -10.42
CA UNK B 792 1.58 -37.01 -10.59
C UNK B 792 1.92 -35.95 -11.63
N UNK B 793 2.83 -35.04 -11.26
CA UNK B 793 3.25 -33.95 -12.13
C UNK B 793 4.75 -33.74 -12.03
N UNK B 794 5.49 -34.83 -11.82
CA UNK B 794 6.94 -34.74 -11.62
C UNK B 794 7.62 -33.89 -12.70
N UNK B 795 7.03 -33.81 -13.88
CA UNK B 795 7.59 -33.04 -14.99
C UNK B 795 6.85 -31.72 -15.13
N UNK B 796 7.59 -30.63 -15.00
CA UNK B 796 7.03 -29.29 -15.17
C UNK B 796 8.19 -28.29 -15.15
N UNK B 797 7.91 -27.07 -15.60
CA UNK B 797 8.96 -26.07 -15.72
C UNK B 797 9.62 -25.81 -14.36
N UNK B 798 8.81 -25.51 -13.35
CA UNK B 798 9.32 -25.21 -12.02
C UNK B 798 8.88 -26.21 -10.98
N UNK B 799 7.58 -26.42 -10.81
CA UNK B 799 7.09 -27.38 -9.83
C UNK B 799 7.53 -28.80 -10.16
N UNK B 800 8.49 -29.32 -9.39
CA UNK B 800 8.99 -30.67 -9.61
C UNK B 800 8.32 -31.60 -8.62
N UNK B 801 7.99 -31.08 -7.45
CA UNK B 801 7.38 -31.88 -6.41
C UNK B 801 5.88 -31.99 -6.64
N UNK B 802 5.23 -32.77 -5.78
CA UNK B 802 3.78 -32.82 -5.75
C UNK B 802 3.21 -31.44 -5.47
N UNK B 803 1.89 -31.33 -5.60
CA UNK B 803 1.18 -30.07 -5.44
C UNK B 803 1.72 -29.24 -4.28
N UNK B 804 2.08 -29.90 -3.18
CA UNK B 804 2.45 -29.16 -1.97
C UNK B 804 3.55 -28.14 -2.22
N UNK B 805 4.34 -28.31 -3.28
CA UNK B 805 5.32 -27.32 -3.69
C UNK B 805 4.79 -26.40 -4.77
N UNK B 806 3.48 -26.34 -4.93
CA UNK B 806 2.83 -25.44 -5.87
C UNK B 806 1.84 -24.50 -5.20
N UNK B 807 1.06 -24.98 -4.23
CA UNK B 807 0.18 -24.09 -3.50
C UNK B 807 0.92 -22.96 -2.82
N UNK B 808 2.12 -23.23 -2.29
CA UNK B 808 2.85 -22.23 -1.55
C UNK B 808 3.38 -21.11 -2.45
N UNK B 809 3.92 -21.46 -3.62
CA UNK B 809 4.34 -20.45 -4.57
C UNK B 809 3.18 -19.50 -4.90
N UNK B 810 2.07 -20.07 -5.37
CA UNK B 810 0.88 -19.29 -5.69
C UNK B 810 0.49 -18.39 -4.52
N UNK B 811 0.21 -18.99 -3.37
CA UNK B 811 -0.33 -18.22 -2.25
C UNK B 811 0.65 -17.14 -1.80
N UNK B 812 1.95 -17.42 -1.85
CA UNK B 812 2.93 -16.44 -1.39
C UNK B 812 3.00 -15.26 -2.35
N UNK B 813 3.19 -15.53 -3.64
CA UNK B 813 3.15 -14.46 -4.62
C UNK B 813 1.89 -13.63 -4.46
N UNK B 814 0.76 -14.30 -4.26
CA UNK B 814 -0.52 -13.61 -4.26
C UNK B 814 -0.65 -12.71 -3.04
N UNK B 815 -0.43 -13.27 -1.84
CA UNK B 815 -0.49 -12.46 -0.63
C UNK B 815 0.62 -11.42 -0.56
N UNK B 816 1.65 -11.55 -1.41
CA UNK B 816 2.65 -10.49 -1.49
C UNK B 816 2.17 -9.35 -2.37
N UNK B 817 1.44 -9.68 -3.44
CA UNK B 817 0.90 -8.64 -4.32
C UNK B 817 -0.53 -8.25 -3.92
N UNK B 818 -1.44 -9.21 -3.91
CA UNK B 818 -2.85 -8.96 -3.62
C UNK B 818 -3.26 -9.70 -2.35
N UNK B 819 -3.84 -8.96 -1.40
CA UNK B 819 -4.24 -9.53 -0.12
C UNK B 819 -5.71 -9.91 -0.17
N UNK B 820 -6.58 -8.93 -0.46
CA UNK B 820 -8.01 -9.18 -0.42
C UNK B 820 -8.41 -10.42 -1.19
N UNK B 821 -7.70 -10.73 -2.27
CA UNK B 821 -8.00 -11.91 -3.06
C UNK B 821 -7.61 -13.17 -2.31
N UNK B 822 -6.48 -13.12 -1.59
CA UNK B 822 -6.05 -14.30 -0.84
C UNK B 822 -7.11 -14.72 0.17
N UNK B 823 -7.72 -13.74 0.85
CA UNK B 823 -8.74 -14.05 1.83
C UNK B 823 -10.06 -14.40 1.15
N UNK B 824 -10.42 -13.68 0.10
CA UNK B 824 -11.62 -14.04 -0.65
C UNK B 824 -11.56 -15.49 -1.12
N UNK B 825 -10.35 -16.00 -1.37
CA UNK B 825 -10.20 -17.36 -1.86
C UNK B 825 -10.13 -18.37 -0.72
N UNK B 826 -9.17 -18.20 0.18
CA UNK B 826 -9.01 -19.13 1.29
C UNK B 826 -10.34 -19.42 1.98
N UNK B 827 -11.18 -18.40 2.14
CA UNK B 827 -12.48 -18.56 2.79
C UNK B 827 -13.55 -19.06 1.83
N UNK B 828 -13.14 -19.62 0.69
CA UNK B 828 -14.05 -20.31 -0.20
C UNK B 828 -13.61 -21.72 -0.54
N UNK B 829 -12.36 -22.07 -0.28
CA UNK B 829 -11.94 -23.47 -0.30
C UNK B 829 -12.15 -24.15 1.05
N UNK B 830 -12.76 -23.44 2.00
CA UNK B 830 -13.13 -24.02 3.29
C UNK B 830 -14.63 -24.24 3.30
N UNK B 831 -15.39 -23.17 3.08
CA UNK B 831 -16.83 -23.25 3.13
C UNK B 831 -17.38 -24.32 2.19
N UNK B 832 -16.66 -24.62 1.11
CA UNK B 832 -17.05 -25.70 0.23
C UNK B 832 -16.63 -27.07 0.74
N UNK B 833 -15.90 -27.12 1.86
CA UNK B 833 -15.42 -28.37 2.40
C UNK B 833 -15.99 -28.70 3.77
N UNK B 834 -16.70 -27.77 4.40
CA UNK B 834 -17.51 -28.10 5.55
C UNK B 834 -18.91 -28.51 5.13
N UNK B 835 -19.37 -28.08 3.96
CA UNK B 835 -20.60 -28.63 3.39
C UNK B 835 -20.32 -29.98 2.76
N UNK B 836 -19.48 -30.00 1.72
CA UNK B 836 -19.01 -31.26 1.18
C UNK B 836 -18.00 -31.88 2.11
N UNK B 837 -17.76 -33.18 1.93
CA UNK B 837 -16.86 -33.93 2.80
C UNK B 837 -17.25 -33.77 4.25
N UNK B 838 -18.55 -33.58 4.50
CA UNK B 838 -19.10 -33.62 5.84
C UNK B 838 -19.67 -35.02 6.10
N UNK B 839 -20.25 -35.19 7.28
CA UNK B 839 -20.85 -36.46 7.68
C UNK B 839 -19.80 -37.58 7.64
N UNK B 840 -18.74 -37.38 8.40
CA UNK B 840 -17.71 -38.40 8.55
C UNK B 840 -16.90 -38.06 9.80
N UNK B 841 -16.39 -39.10 10.44
CA UNK B 841 -15.76 -38.94 11.74
C UNK B 841 -14.62 -37.93 11.66
N UNK B 842 -14.46 -37.14 12.72
CA UNK B 842 -13.55 -35.99 12.74
C UNK B 842 -12.09 -36.39 12.74
N UNK B 843 -11.74 -37.67 12.60
CA UNK B 843 -10.33 -38.07 12.60
C UNK B 843 -9.69 -37.99 11.22
N UNK B 844 -10.45 -38.31 10.17
CA UNK B 844 -9.91 -38.33 8.81
C UNK B 844 -10.33 -37.11 7.99
N UNK B 845 -11.33 -36.36 8.46
CA UNK B 845 -11.78 -35.19 7.69
C UNK B 845 -10.64 -34.22 7.42
N UNK B 846 -9.74 -34.05 8.38
CA UNK B 846 -8.70 -33.04 8.28
C UNK B 846 -7.68 -33.32 7.18
N UNK B 847 -7.85 -34.38 6.41
CA UNK B 847 -6.93 -34.69 5.33
C UNK B 847 -7.42 -34.22 3.97
N UNK B 848 -8.69 -33.82 3.91
CA UNK B 848 -9.26 -33.35 2.65
C UNK B 848 -8.66 -32.01 2.24
N UNK B 849 -8.86 -30.98 3.07
CA UNK B 849 -8.34 -29.66 2.74
C UNK B 849 -6.83 -29.64 2.92
N UNK B 850 -6.08 -28.91 2.10
CA UNK B 850 -4.65 -28.78 2.34
C UNK B 850 -4.38 -28.00 3.63
N UNK B 851 -3.16 -28.04 4.13
CA UNK B 851 -2.88 -27.39 5.41
C UNK B 851 -2.69 -25.89 5.29
N UNK B 852 -2.12 -25.44 4.16
CA UNK B 852 -1.66 -24.05 4.08
C UNK B 852 -2.81 -23.06 4.11
N UNK B 853 -3.96 -23.42 3.52
CA UNK B 853 -5.10 -22.52 3.56
C UNK B 853 -5.43 -22.13 4.99
N UNK B 854 -5.49 -23.11 5.89
CA UNK B 854 -5.74 -22.81 7.30
C UNK B 854 -4.54 -22.09 7.91
N UNK B 855 -3.33 -22.54 7.58
CA UNK B 855 -2.12 -21.94 8.13
C UNK B 855 -1.97 -20.49 7.72
N UNK B 856 -2.80 -20.02 6.79
CA UNK B 856 -2.77 -18.64 6.32
C UNK B 856 -4.01 -17.85 6.70
N UNK B 857 -5.16 -18.52 6.82
CA UNK B 857 -6.34 -17.89 7.38
C UNK B 857 -6.23 -17.71 8.88
N UNK B 858 -5.26 -18.38 9.51
CA UNK B 858 -4.93 -18.09 10.90
C UNK B 858 -4.15 -16.79 11.03
N UNK B 859 -3.72 -16.21 9.92
CA UNK B 859 -2.86 -15.02 9.90
C UNK B 859 -3.53 -13.82 9.24
N UNK B 860 -4.28 -14.04 8.18
CA UNK B 860 -4.86 -12.91 7.45
C UNK B 860 -6.04 -12.30 8.20
N UNK B 861 -6.99 -13.14 8.61
CA UNK B 861 -8.24 -12.68 9.20
C UNK B 861 -7.98 -11.63 10.27
N UNK B 862 -7.28 -11.94 11.37
CA UNK B 862 -7.09 -10.94 12.43
C UNK B 862 -6.22 -9.76 12.00
N UNK B 863 -5.66 -9.79 10.80
CA UNK B 863 -4.97 -8.61 10.28
C UNK B 863 -5.96 -7.64 9.66
N UNK B 864 -6.66 -8.08 8.62
CA UNK B 864 -7.65 -7.23 7.96
C UNK B 864 -8.87 -7.03 8.83
N UNK B 865 -9.54 -8.12 9.18
CA UNK B 865 -10.78 -8.07 9.95
C UNK B 865 -10.42 -7.96 11.42
N UNK B 866 -10.37 -6.74 11.94
CA UNK B 866 -10.35 -6.58 13.38
C UNK B 866 -11.72 -6.95 13.95
N UNK B 867 -11.88 -6.76 15.25
CA UNK B 867 -13.05 -7.21 16.01
C UNK B 867 -12.98 -8.69 16.32
N UNK B 868 -11.93 -9.37 15.87
CA UNK B 868 -11.77 -10.81 16.08
C UNK B 868 -10.37 -11.13 16.58
N UNK B 869 -9.72 -10.17 17.24
CA UNK B 869 -8.37 -10.35 17.73
C UNK B 869 -8.32 -10.88 19.15
N UNK B 870 -9.35 -10.59 19.95
CA UNK B 870 -9.39 -11.01 21.33
C UNK B 870 -9.54 -9.85 22.28
N UNK B 871 -10.08 -8.74 21.78
CA UNK B 871 -10.24 -7.53 22.56
C UNK B 871 -11.67 -7.27 23.02
N UNK B 872 -12.66 -7.63 22.21
CA UNK B 872 -14.00 -7.08 22.40
C UNK B 872 -14.97 -8.08 23.03
N UNK B 873 -15.27 -9.17 22.33
CA UNK B 873 -16.32 -10.09 22.77
C UNK B 873 -16.26 -11.33 21.91
N UNK B 874 -16.78 -12.45 22.44
CA UNK B 874 -16.96 -13.68 21.69
C UNK B 874 -18.46 -13.85 21.49
N UNK B 875 -18.97 -13.33 20.38
CA UNK B 875 -20.38 -13.48 20.04
C UNK B 875 -20.61 -14.84 19.37
N UNK B 876 -21.61 -15.57 19.85
CA UNK B 876 -21.86 -16.92 19.36
C UNK B 876 -23.36 -17.20 19.48
N UNK B 877 -24.03 -17.35 18.34
CA UNK B 877 -25.42 -17.75 18.28
C UNK B 877 -25.67 -18.95 17.37
N UNK B 878 -24.85 -19.14 16.34
CA UNK B 878 -24.91 -20.29 15.46
C UNK B 878 -23.52 -20.89 15.44
N UNK B 879 -23.24 -21.78 16.39
CA UNK B 879 -21.91 -22.35 16.58
C UNK B 879 -21.79 -23.79 16.12
N UNK B 880 -22.83 -24.60 16.27
CA UNK B 880 -22.80 -26.01 15.90
C UNK B 880 -23.90 -26.26 14.86
N UNK B 881 -23.59 -25.99 13.61
CA UNK B 881 -24.48 -26.26 12.50
C UNK B 881 -23.72 -26.06 11.19
N UNK B 882 -23.88 -26.92 10.19
CA UNK B 882 -23.23 -26.67 8.90
C UNK B 882 -23.63 -25.32 8.34
N UNK B 883 -22.67 -24.41 8.23
CA UNK B 883 -22.98 -23.05 7.78
C UNK B 883 -23.53 -23.08 6.36
N UNK B 884 -24.44 -22.15 6.08
CA UNK B 884 -25.21 -22.21 4.84
C UNK B 884 -24.32 -21.91 3.64
N UNK B 885 -24.52 -22.69 2.58
CA UNK B 885 -23.82 -22.51 1.31
C UNK B 885 -24.50 -21.37 0.56
N UNK B 886 -24.10 -20.14 0.91
CA UNK B 886 -24.76 -18.95 0.43
C UNK B 886 -23.88 -18.07 -0.46
N UNK B 887 -22.68 -18.51 -0.80
CA UNK B 887 -21.74 -17.64 -1.51
C UNK B 887 -22.28 -17.18 -2.86
N UNK B 888 -23.34 -17.80 -3.36
CA UNK B 888 -23.92 -17.44 -4.65
C UNK B 888 -25.10 -16.49 -4.54
N UNK B 889 -25.62 -16.29 -3.33
CA UNK B 889 -26.69 -15.32 -3.07
C UNK B 889 -26.36 -14.54 -1.79
N UNK B 890 -25.11 -14.12 -1.66
CA UNK B 890 -24.58 -13.66 -0.39
C UNK B 890 -24.83 -12.17 -0.22
N UNK B 891 -24.26 -11.61 0.85
CA UNK B 891 -24.30 -10.17 1.12
C UNK B 891 -22.94 -9.51 1.06
N UNK B 892 -21.87 -10.22 1.40
CA UNK B 892 -20.54 -9.66 1.36
C UNK B 892 -19.53 -10.69 1.82
N UNK B 893 -18.26 -10.29 1.77
CA UNK B 893 -17.16 -11.14 2.17
C UNK B 893 -16.71 -10.88 3.60
N UNK B 894 -17.54 -10.21 4.39
CA UNK B 894 -17.26 -10.00 5.81
C UNK B 894 -18.16 -10.84 6.71
N UNK B 895 -19.04 -11.65 6.13
CA UNK B 895 -19.86 -12.57 6.89
C UNK B 895 -19.73 -14.01 6.41
N UNK B 896 -19.04 -14.26 5.30
CA UNK B 896 -18.70 -15.61 4.90
C UNK B 896 -17.41 -16.10 5.52
N UNK B 897 -16.54 -15.18 5.94
CA UNK B 897 -15.29 -15.51 6.60
C UNK B 897 -15.33 -15.19 8.09
N UNK B 898 -16.42 -14.61 8.59
CA UNK B 898 -16.63 -14.45 10.01
C UNK B 898 -17.68 -15.41 10.56
N UNK B 899 -18.61 -15.87 9.72
CA UNK B 899 -19.48 -16.98 10.07
C UNK B 899 -18.77 -18.32 9.96
N UNK B 900 -17.46 -18.30 9.75
CA UNK B 900 -16.61 -19.49 9.67
C UNK B 900 -15.54 -19.50 10.75
N UNK B 901 -14.93 -18.35 11.03
CA UNK B 901 -13.99 -18.22 12.14
C UNK B 901 -14.66 -18.36 13.50
N UNK B 902 -15.99 -18.43 13.54
CA UNK B 902 -16.73 -18.57 14.78
C UNK B 902 -17.35 -19.95 14.94
N UNK B 903 -17.25 -20.81 13.93
CA UNK B 903 -17.78 -22.16 14.03
C UNK B 903 -16.86 -23.00 14.89
N UNK B 904 -17.43 -23.63 15.92
CA UNK B 904 -16.61 -24.33 16.92
C UNK B 904 -15.71 -25.37 16.28
N UNK B 905 -16.22 -26.12 15.31
CA UNK B 905 -15.44 -27.21 14.73
C UNK B 905 -14.14 -26.74 14.11
N UNK B 906 -14.05 -25.47 13.72
CA UNK B 906 -12.80 -24.92 13.20
C UNK B 906 -11.97 -24.30 14.32
N UNK B 907 -12.55 -23.35 15.06
CA UNK B 907 -11.82 -22.68 16.12
C UNK B 907 -11.24 -23.67 17.13
N UNK B 908 -11.75 -24.88 17.17
CA UNK B 908 -11.17 -25.96 17.95
C UNK B 908 -10.30 -26.88 17.14
N UNK B 909 -10.13 -26.59 15.85
CA UNK B 909 -9.25 -27.35 14.96
C UNK B 909 -7.92 -26.65 14.72
N UNK B 910 -7.81 -25.36 15.04
CA UNK B 910 -6.56 -24.62 14.87
C UNK B 910 -5.66 -24.77 16.09
N UNK B 911 -5.44 -26.02 16.50
CA UNK B 911 -4.57 -26.34 17.63
C UNK B 911 -3.64 -27.50 17.34
N UNK B 912 -3.85 -28.25 16.26
CA UNK B 912 -2.99 -29.35 15.90
C UNK B 912 -1.60 -28.83 15.50
N UNK B 913 -0.70 -29.77 15.21
CA UNK B 913 0.64 -29.43 14.79
C UNK B 913 0.82 -29.48 13.28
N UNK B 914 -0.03 -30.21 12.56
CA UNK B 914 0.09 -30.27 11.12
C UNK B 914 0.05 -28.88 10.50
N UNK B 915 -0.60 -27.94 11.18
CA UNK B 915 -0.62 -26.54 10.74
C UNK B 915 -0.62 -25.63 11.97
N UNK B 916 0.58 -25.19 12.36
CA UNK B 916 0.75 -24.14 13.34
C UNK B 916 1.33 -22.91 12.65
N UNK B 917 1.32 -21.80 13.38
CA UNK B 917 1.94 -20.56 12.92
C UNK B 917 2.78 -20.04 14.09
N UNK B 918 4.09 -19.98 13.87
CA UNK B 918 5.05 -19.71 14.93
C UNK B 918 5.77 -18.40 14.65
N UNK B 919 6.47 -17.89 15.66
CA UNK B 919 7.13 -16.60 15.55
C UNK B 919 8.48 -16.69 14.86
N UNK B 920 8.53 -17.42 13.75
CA UNK B 920 9.56 -17.26 12.74
C UNK B 920 8.99 -17.43 11.35
N UNK B 921 7.71 -17.76 11.23
CA UNK B 921 7.00 -17.83 9.96
C UNK B 921 6.14 -16.60 9.73
N UNK B 922 5.58 -16.04 10.80
CA UNK B 922 4.86 -14.78 10.69
C UNK B 922 5.73 -13.70 10.08
N UNK B 923 7.00 -13.63 10.50
CA UNK B 923 7.90 -12.61 9.97
C UNK B 923 8.10 -12.80 8.47
N UNK B 924 8.57 -13.98 8.07
CA UNK B 924 8.90 -14.23 6.67
C UNK B 924 7.72 -14.01 5.74
N UNK B 925 6.52 -13.83 6.27
CA UNK B 925 5.37 -13.39 5.50
C UNK B 925 5.19 -11.87 5.59
N UNK B 926 5.21 -11.33 6.81
CA UNK B 926 5.04 -9.91 7.03
C UNK B 926 6.28 -9.10 6.70
N UNK B 927 7.44 -9.74 6.58
CA UNK B 927 8.68 -9.06 6.26
C UNK B 927 8.98 -9.13 4.77
N UNK B 928 7.99 -9.49 3.96
CA UNK B 928 8.13 -9.46 2.51
C UNK B 928 6.88 -8.92 1.84
N UNK B 929 6.06 -8.16 2.56
CA UNK B 929 4.83 -7.57 2.04
C UNK B 929 5.09 -6.08 1.84
N UNK B 930 5.32 -5.68 0.60
CA UNK B 930 5.70 -4.31 0.29
C UNK B 930 4.48 -3.41 0.28
N UNK B 931 4.59 -2.27 0.98
CA UNK B 931 3.56 -1.26 0.90
C UNK B 931 3.39 -0.82 -0.55
N UNK B 932 2.35 -0.02 -0.79
CA UNK B 932 1.82 0.32 -2.11
C UNK B 932 0.97 -0.84 -2.63
N UNK B 933 0.85 -1.93 -1.89
CA UNK B 933 0.04 -3.07 -2.27
C UNK B 933 -0.97 -3.46 -1.21
N UNK B 934 -0.65 -3.24 0.07
CA UNK B 934 -1.57 -3.58 1.14
C UNK B 934 -2.83 -2.72 1.07
N UNK B 935 -3.76 -3.00 1.97
CA UNK B 935 -5.04 -2.33 2.02
C UNK B 935 -5.23 -1.56 3.31
N UNK B 936 -4.15 -1.35 4.08
CA UNK B 936 -4.22 -0.71 5.37
C UNK B 936 -3.42 0.58 5.37
N UNK B 937 -3.93 1.58 6.10
CA UNK B 937 -3.18 2.80 6.31
C UNK B 937 -1.93 2.50 7.12
N UNK B 938 -1.05 3.52 7.22
CA UNK B 938 0.21 3.31 7.91
C UNK B 938 0.01 3.13 9.41
N UNK B 939 -0.87 3.94 10.01
CA UNK B 939 -1.09 3.89 11.45
C UNK B 939 -2.09 2.82 11.86
N UNK B 940 -2.33 1.84 10.99
CA UNK B 940 -2.96 0.58 11.35
C UNK B 940 -2.05 -0.59 11.03
N UNK B 941 -1.30 -0.49 9.93
CA UNK B 941 -0.20 -1.40 9.67
C UNK B 941 0.86 -1.30 10.76
N UNK B 942 0.85 -0.24 11.56
CA UNK B 942 1.77 -0.09 12.66
C UNK B 942 1.08 -0.27 14.01
N UNK B 943 -0.14 -0.77 14.01
CA UNK B 943 -0.76 -1.30 15.22
C UNK B 943 -0.95 -2.80 15.16
N UNK B 944 -1.23 -3.36 13.98
CA UNK B 944 -1.30 -4.80 13.84
C UNK B 944 -0.04 -5.46 14.40
N UNK B 945 1.12 -5.04 13.91
CA UNK B 945 2.37 -5.64 14.35
C UNK B 945 2.52 -5.54 15.87
N UNK B 946 2.43 -4.32 16.40
CA UNK B 946 2.57 -4.13 17.83
C UNK B 946 1.58 -4.95 18.62
N UNK B 947 0.47 -5.37 18.01
CA UNK B 947 -0.39 -6.35 18.67
C UNK B 947 0.19 -7.75 18.56
N UNK B 948 0.69 -8.12 17.38
CA UNK B 948 1.20 -9.46 17.16
C UNK B 948 2.40 -9.73 18.06
N UNK B 949 3.46 -8.94 17.90
CA UNK B 949 4.68 -9.09 18.68
C UNK B 949 4.34 -9.28 20.15
N UNK B 950 3.41 -8.47 20.66
CA UNK B 950 2.99 -8.56 22.05
C UNK B 950 1.99 -9.68 22.29
N UNK B 951 1.87 -10.60 21.34
CA UNK B 951 1.08 -11.81 21.49
C UNK B 951 1.88 -13.08 21.29
N UNK B 952 2.94 -13.03 20.49
CA UNK B 952 3.93 -14.09 20.42
C UNK B 952 5.07 -13.87 21.40
N UNK B 953 4.94 -12.86 22.27
CA UNK B 953 5.92 -12.59 23.32
C UNK B 953 5.41 -13.00 24.69
N UNK B 954 4.15 -13.39 24.80
CA UNK B 954 3.54 -13.89 26.02
C UNK B 954 2.94 -15.26 25.79
N UNK B 955 3.61 -16.07 24.98
CA UNK B 955 3.12 -17.37 24.57
C UNK B 955 4.19 -18.42 24.85
N UNK B 956 3.76 -19.62 25.22
CA UNK B 956 4.69 -20.66 25.64
C UNK B 956 5.64 -21.02 24.49
N UNK B 957 6.66 -21.80 24.82
CA UNK B 957 7.70 -22.14 23.87
C UNK B 957 7.44 -23.46 23.14
N UNK B 958 6.76 -24.41 23.78
CA UNK B 958 6.35 -25.61 23.06
C UNK B 958 5.57 -25.22 21.82
N UNK B 959 4.67 -24.25 21.96
CA UNK B 959 4.12 -23.57 20.80
C UNK B 959 5.09 -22.50 20.32
N UNK B 960 4.94 -22.09 19.07
CA UNK B 960 5.75 -21.01 18.57
C UNK B 960 5.60 -19.77 19.42
N UNK B 961 6.68 -19.30 20.00
CA UNK B 961 6.62 -18.16 20.88
C UNK B 961 7.76 -18.15 21.88
N UNK B 962 7.81 -17.10 22.68
CA UNK B 962 8.78 -16.94 23.74
C UNK B 962 8.08 -16.37 24.96
N UNK B 963 8.31 -16.96 26.12
CA UNK B 963 7.49 -16.70 27.30
C UNK B 963 7.44 -15.22 27.64
N UNK B 964 8.58 -14.66 28.07
CA UNK B 964 8.68 -13.24 28.32
C UNK B 964 10.05 -12.69 28.01
N UNK B 965 10.86 -13.48 27.32
CA UNK B 965 12.28 -13.17 27.13
C UNK B 965 12.42 -12.21 25.96
N UNK B 966 12.38 -10.92 26.25
CA UNK B 966 12.70 -9.91 25.25
C UNK B 966 13.98 -10.26 24.52
N UNK B 967 14.97 -10.79 25.24
CA UNK B 967 16.18 -11.27 24.61
C UNK B 967 15.87 -12.26 23.51
N UNK B 968 15.03 -13.25 23.80
CA UNK B 968 14.69 -14.26 22.81
C UNK B 968 13.95 -13.63 21.64
N UNK B 969 13.10 -12.64 21.91
CA UNK B 969 12.42 -11.92 20.86
C UNK B 969 13.39 -11.29 19.88
N UNK B 970 14.27 -10.44 20.39
CA UNK B 970 15.25 -9.79 19.53
C UNK B 970 16.10 -10.82 18.80
N UNK B 971 16.48 -11.90 19.48
CA UNK B 971 17.27 -12.95 18.85
C UNK B 971 16.54 -13.50 17.64
N UNK B 972 15.25 -13.82 17.81
CA UNK B 972 14.49 -14.39 16.71
C UNK B 972 14.36 -13.41 15.56
N UNK B 973 14.11 -12.14 15.87
CA UNK B 973 13.95 -11.15 14.80
C UNK B 973 15.25 -11.03 14.01
N UNK B 974 16.38 -10.96 14.71
CA UNK B 974 17.65 -10.85 14.02
C UNK B 974 17.93 -12.08 13.17
N UNK B 975 17.63 -13.26 13.70
CA UNK B 975 17.85 -14.49 12.95
C UNK B 975 17.01 -14.50 11.68
N UNK B 976 15.76 -14.03 11.76
CA UNK B 976 14.92 -13.98 10.57
C UNK B 976 15.47 -12.98 9.55
N UNK B 977 15.80 -11.78 10.01
CA UNK B 977 16.36 -10.78 9.12
C UNK B 977 17.56 -11.35 8.37
N UNK B 978 18.41 -12.09 9.09
CA UNK B 978 19.55 -12.72 8.43
C UNK B 978 19.11 -13.79 7.46
N UNK B 979 18.12 -14.60 7.85
CA UNK B 979 17.56 -15.61 6.95
C UNK B 979 16.36 -15.07 6.19
N UNK B 980 16.54 -13.88 5.62
CA UNK B 980 15.60 -13.36 4.63
C UNK B 980 16.37 -12.92 3.39
N UNK B 981 17.61 -12.49 3.57
CA UNK B 981 18.44 -12.10 2.43
C UNK B 981 18.53 -13.22 1.41
N UNK B 982 18.70 -14.45 1.86
CA UNK B 982 18.81 -15.60 0.98
C UNK B 982 17.43 -16.01 0.45
N UNK B 999 20.31 -0.39 -0.20
CA UNK B 999 19.09 -0.59 -0.96
C UNK B 999 17.89 -0.02 -0.22
N UNK B 1000 16.72 -0.08 -0.84
CA UNK B 1000 15.48 0.46 -0.28
C UNK B 1000 14.42 -0.63 -0.24
N UNK B 1001 13.94 -0.94 0.95
CA UNK B 1001 12.83 -1.86 1.15
C UNK B 1001 11.98 -1.36 2.29
N UNK B 1002 10.66 -1.53 2.15
CA UNK B 1002 9.70 -0.90 3.06
C UNK B 1002 9.30 -1.80 4.22
N UNK B 1003 9.00 -3.08 3.97
CA UNK B 1003 8.56 -3.95 5.05
C UNK B 1003 9.62 -4.14 6.11
N UNK B 1004 10.85 -4.40 5.69
CA UNK B 1004 11.95 -4.64 6.62
C UNK B 1004 12.11 -3.48 7.60
N UNK B 1005 11.83 -2.27 7.15
CA UNK B 1005 11.99 -1.12 8.02
C UNK B 1005 11.10 -1.18 9.24
N UNK B 1006 9.90 -1.74 9.09
CA UNK B 1006 8.99 -1.83 10.22
C UNK B 1006 9.53 -2.79 11.28
N UNK B 1007 10.01 -3.96 10.84
CA UNK B 1007 10.63 -4.90 11.78
C UNK B 1007 11.79 -4.23 12.50
N UNK B 1008 12.64 -3.54 11.75
CA UNK B 1008 13.80 -2.89 12.37
C UNK B 1008 13.39 -1.70 13.23
N UNK B 1009 12.16 -1.21 13.07
CA UNK B 1009 11.65 -0.18 13.97
C UNK B 1009 11.05 -0.78 15.23
N UNK B 1010 10.58 -2.03 15.18
CA UNK B 1010 10.13 -2.68 16.40
C UNK B 1010 11.30 -3.17 17.24
N UNK B 1011 12.40 -3.57 16.61
CA UNK B 1011 13.60 -3.87 17.37
C UNK B 1011 13.93 -2.73 18.33
N UNK B 1012 13.82 -1.48 17.86
CA UNK B 1012 14.16 -0.34 18.70
C UNK B 1012 13.17 -0.20 19.84
N UNK B 1013 11.88 -0.30 19.55
CA UNK B 1013 10.87 -0.19 20.60
C UNK B 1013 11.10 -1.23 21.67
N UNK B 1014 11.62 -2.40 21.30
CA UNK B 1014 11.91 -3.43 22.29
C UNK B 1014 13.18 -3.11 23.07
N UNK B 1015 14.25 -2.74 22.35
CA UNK B 1015 15.56 -2.60 22.97
C UNK B 1015 15.60 -1.41 23.91
N UNK B 1016 15.09 -0.26 23.45
CA UNK B 1016 15.18 0.96 24.25
C UNK B 1016 14.69 0.76 25.68
N UNK B 1017 13.92 -0.28 25.93
CA UNK B 1017 13.53 -0.65 27.29
C UNK B 1017 14.64 -1.37 28.04
N UNK B 1018 15.77 -1.61 27.40
CA UNK B 1018 16.89 -2.33 28.02
C UNK B 1018 17.97 -1.35 28.43
N UNK B 1019 18.48 -0.60 27.46
CA UNK B 1019 19.58 0.33 27.73
C UNK B 1019 19.19 1.31 28.83
N UNK B 1020 17.90 1.58 28.99
CA UNK B 1020 17.41 2.46 30.04
C UNK B 1020 17.23 1.73 31.36
N UNK B 1021 17.64 0.47 31.46
CA UNK B 1021 17.51 -0.33 32.67
C UNK B 1021 18.83 -0.73 33.29
N UNK B 1022 19.88 -0.90 32.48
CA UNK B 1022 21.22 -1.23 32.97
C UNK B 1022 21.20 -2.59 33.70
N UNK B 1023 20.84 -3.62 32.93
CA UNK B 1023 20.82 -4.99 33.45
C UNK B 1023 22.07 -5.31 34.27
N UNK B 1024 23.24 -5.22 33.64
CA UNK B 1024 24.54 -5.59 34.19
C UNK B 1024 24.68 -7.09 34.42
N UNK B 1025 23.63 -7.88 34.16
CA UNK B 1025 23.68 -9.33 34.27
C UNK B 1025 23.44 -10.01 32.93
N UNK B 1026 22.44 -9.55 32.18
CA UNK B 1026 22.31 -9.91 30.79
C UNK B 1026 22.65 -8.73 29.92
N UNK B 1027 23.82 -8.75 29.28
CA UNK B 1027 24.35 -7.60 28.57
C UNK B 1027 24.54 -7.99 27.11
N UNK B 1028 25.13 -7.08 26.33
CA UNK B 1028 25.13 -7.19 24.88
C UNK B 1028 25.66 -8.54 24.38
N UNK B 1029 26.37 -9.29 25.22
CA UNK B 1029 26.94 -10.55 24.77
C UNK B 1029 25.88 -11.48 24.18
N UNK B 1030 24.66 -11.43 24.70
CA UNK B 1030 23.61 -12.32 24.22
C UNK B 1030 23.32 -12.11 22.73
N UNK B 1031 23.62 -10.93 22.21
CA UNK B 1031 23.26 -10.57 20.84
C UNK B 1031 24.32 -11.02 19.84
N UNK B 1032 25.54 -10.49 19.99
CA UNK B 1032 26.59 -10.75 19.02
C UNK B 1032 26.79 -12.23 18.77
N UNK B 1033 26.56 -13.07 19.77
CA UNK B 1033 26.71 -14.51 19.59
C UNK B 1033 26.07 -14.99 18.30
N UNK B 1034 24.87 -14.49 18.00
CA UNK B 1034 24.18 -14.91 16.78
C UNK B 1034 25.12 -14.84 15.59
N UNK B 1035 25.66 -13.65 15.33
CA UNK B 1035 26.56 -13.47 14.20
C UNK B 1035 27.63 -14.57 14.20
N UNK B 1036 28.28 -14.77 15.34
CA UNK B 1036 29.41 -15.68 15.40
C UNK B 1036 29.04 -17.07 14.88
N UNK B 1037 27.80 -17.50 15.11
CA UNK B 1037 27.41 -18.84 14.68
C UNK B 1037 26.81 -18.85 13.29
N UNK B 1038 26.29 -17.71 12.81
CA UNK B 1038 25.91 -17.61 11.42
C UNK B 1038 27.12 -17.48 10.52
N UNK B 1039 28.31 -17.23 11.09
CA UNK B 1039 29.51 -16.94 10.33
C UNK B 1039 30.55 -18.04 10.44
N UNK B 1040 30.17 -19.20 10.98
CA UNK B 1040 31.04 -20.37 11.03
C UNK B 1040 30.69 -21.41 9.98
N UNK B 1041 29.44 -21.46 9.56
CA UNK B 1041 29.03 -22.42 8.54
C UNK B 1041 29.85 -22.26 7.27
N UNK B 1042 30.25 -21.04 6.94
CA UNK B 1042 31.00 -20.75 5.73
C UNK B 1042 32.50 -20.81 5.97
N UNK B 1043 32.96 -21.93 6.53
CA UNK B 1043 34.39 -22.20 6.69
C UNK B 1043 34.89 -23.31 5.79
N UNK B 1044 33.99 -24.05 5.15
CA UNK B 1044 34.38 -25.07 4.19
C UNK B 1044 34.71 -24.45 2.84
N UNK B 1045 35.86 -23.79 2.76
CA UNK B 1045 36.29 -23.12 1.54
C UNK B 1045 35.97 -23.96 0.31
N UNK B 1046 35.43 -23.31 -0.70
CA UNK B 1046 34.89 -24.00 -1.88
C UNK B 1046 35.08 -23.10 -3.09
N UNK B 1047 34.36 -23.43 -4.17
CA UNK B 1047 34.52 -22.75 -5.46
C UNK B 1047 33.66 -21.48 -5.46
N UNK B 1048 34.20 -20.43 -4.86
CA UNK B 1048 33.66 -19.07 -4.95
C UNK B 1048 32.14 -19.06 -4.78
N UNK B 1049 31.66 -19.82 -3.79
CA UNK B 1049 30.23 -19.89 -3.50
C UNK B 1049 29.87 -19.47 -2.08
N UNK B 1050 30.78 -19.58 -1.12
CA UNK B 1050 30.51 -19.22 0.26
C UNK B 1050 31.06 -17.87 0.68
N UNK B 1051 32.23 -17.49 0.16
CA UNK B 1051 32.77 -16.17 0.46
C UNK B 1051 31.74 -15.08 0.15
N UNK B 1052 31.10 -15.18 -1.01
CA UNK B 1052 30.09 -14.20 -1.39
C UNK B 1052 28.96 -14.17 -0.37
N UNK B 1053 28.46 -15.34 0.03
CA UNK B 1053 27.44 -15.39 1.06
C UNK B 1053 27.95 -14.81 2.36
N UNK B 1054 29.24 -15.00 2.66
CA UNK B 1054 29.81 -14.47 3.90
C UNK B 1054 29.73 -12.95 3.92
N UNK B 1055 30.27 -12.29 2.88
CA UNK B 1055 30.20 -10.84 2.86
C UNK B 1055 28.77 -10.35 2.72
N UNK B 1056 27.89 -11.15 2.11
CA UNK B 1056 26.50 -10.75 1.99
C UNK B 1056 25.79 -10.75 3.32
N UNK B 1057 26.11 -11.72 4.18
CA UNK B 1057 25.54 -11.71 5.51
C UNK B 1057 26.20 -10.64 6.37
N UNK B 1058 27.47 -10.34 6.09
CA UNK B 1058 28.19 -9.35 6.89
C UNK B 1058 27.63 -7.95 6.66
N UNK B 1059 27.36 -7.61 5.40
CA UNK B 1059 26.74 -6.32 5.11
C UNK B 1059 25.41 -6.18 5.84
N UNK B 1060 24.68 -7.27 6.04
CA UNK B 1060 23.42 -7.21 6.76
C UNK B 1060 23.66 -7.11 8.27
N UNK B 1061 24.66 -7.81 8.77
CA UNK B 1061 25.08 -7.61 10.16
C UNK B 1061 25.36 -6.15 10.43
N UNK B 1062 25.93 -5.45 9.46
CA UNK B 1062 26.18 -4.02 9.62
C UNK B 1062 24.89 -3.22 9.53
N UNK B 1063 24.11 -3.44 8.47
CA UNK B 1063 22.84 -2.72 8.31
C UNK B 1063 21.99 -2.82 9.55
N UNK B 1064 22.03 -3.95 10.25
CA UNK B 1064 21.22 -4.11 11.46
C UNK B 1064 21.67 -3.11 12.52
N UNK B 1065 22.94 -3.16 12.90
CA UNK B 1065 23.46 -2.27 13.93
C UNK B 1065 23.08 -0.81 13.68
N UNK B 1066 22.90 -0.44 12.42
CA UNK B 1066 22.42 0.89 12.07
C UNK B 1066 20.90 0.99 12.09
N UNK B 1067 20.22 -0.07 12.51
CA UNK B 1067 18.77 -0.12 12.48
C UNK B 1067 18.16 -0.42 13.83
N UNK B 1068 19.02 -0.75 14.81
CA UNK B 1068 18.60 -0.77 16.20
C UNK B 1068 19.46 0.13 17.07
N UNK B 1069 19.84 1.32 16.60
CA UNK B 1069 20.49 2.26 17.49
C UNK B 1069 19.49 3.17 18.19
N UNK B 1070 19.42 3.11 19.50
CA UNK B 1070 19.27 4.33 20.28
C UNK B 1070 20.62 5.03 20.34
N UNK B 1071 21.56 4.51 19.57
CA UNK B 1071 22.87 5.04 19.25
C UNK B 1071 23.91 4.76 20.31
N UNK B 1072 23.57 4.10 21.42
CA UNK B 1072 24.58 3.66 22.36
C UNK B 1072 24.30 2.29 22.92
N UNK B 1073 23.66 1.41 22.15
CA UNK B 1073 23.67 -0.01 22.50
C UNK B 1073 25.10 -0.51 22.59
N UNK B 1074 25.97 0.00 21.74
CA UNK B 1074 27.38 -0.42 21.72
C UNK B 1074 28.11 0.48 22.69
N UNK B 1075 27.94 0.19 23.98
CA UNK B 1075 28.65 0.80 25.08
C UNK B 1075 28.27 0.08 26.37
N UNK B 1076 29.26 -0.34 27.16
CA UNK B 1076 29.04 -1.21 28.31
C UNK B 1076 29.44 -0.46 29.59
N UNK B 1077 28.58 0.44 30.07
CA UNK B 1077 28.86 1.10 31.35
C UNK B 1077 28.78 0.13 32.53
N UNK B 1078 28.96 0.65 33.74
CA UNK B 1078 28.94 -0.17 34.94
C UNK B 1078 28.33 0.66 36.06
N UNK B 1079 28.46 0.17 37.29
CA UNK B 1079 27.88 0.88 38.43
C UNK B 1079 28.56 0.41 39.71
N UNK B 1080 29.27 1.33 40.38
CA UNK B 1080 29.79 1.10 41.72
C UNK B 1080 29.61 2.35 42.56
N UNK B 1081 28.57 3.12 42.30
CA UNK B 1081 28.43 4.48 42.76
C UNK B 1081 28.73 5.50 41.68
N UNK B 1082 29.50 5.12 40.68
CA UNK B 1082 29.79 5.94 39.52
C UNK B 1082 29.60 5.08 38.26
N UNK B 1083 29.92 5.67 37.10
CA UNK B 1083 29.80 4.98 35.83
C UNK B 1083 31.08 5.20 35.03
N UNK B 1084 31.68 4.09 34.59
CA UNK B 1084 33.01 4.13 33.97
C UNK B 1084 32.97 4.25 32.45
N UNK B 1085 31.88 3.84 31.81
CA UNK B 1085 31.62 4.03 30.39
C UNK B 1085 32.37 3.07 29.48
N UNK B 1086 33.17 2.16 30.02
CA UNK B 1086 33.94 1.26 29.17
C UNK B 1086 33.10 0.52 28.15
N UNK B 1087 33.77 -0.05 27.14
CA UNK B 1087 33.11 -0.87 26.11
C UNK B 1087 34.02 -2.06 25.81
N UNK B 1088 33.82 -3.16 26.55
CA UNK B 1088 34.62 -4.35 26.34
C UNK B 1088 34.13 -5.19 25.16
N UNK B 1089 32.98 -4.86 24.59
CA UNK B 1089 32.45 -5.54 23.43
C UNK B 1089 32.37 -4.58 22.26
N UNK B 1090 32.15 -5.14 21.07
CA UNK B 1090 32.25 -4.41 19.81
C UNK B 1090 33.71 -4.15 19.45
N UNK B 1091 34.62 -4.49 20.35
CA UNK B 1091 36.04 -4.44 20.02
C UNK B 1091 36.52 -5.79 19.50
N UNK B 1092 36.04 -6.88 20.09
CA UNK B 1092 36.34 -8.20 19.56
C UNK B 1092 35.65 -8.42 18.22
N UNK B 1093 34.39 -8.01 18.13
CA UNK B 1093 33.67 -8.16 16.86
C UNK B 1093 34.40 -7.43 15.74
N UNK B 1094 34.93 -6.25 16.04
CA UNK B 1094 35.65 -5.48 15.02
C UNK B 1094 36.99 -6.14 14.72
N UNK B 1095 37.74 -6.52 15.74
CA UNK B 1095 39.05 -7.13 15.51
C UNK B 1095 38.95 -8.47 14.81
N UNK B 1096 37.79 -9.11 14.81
CA UNK B 1096 37.65 -10.45 14.25
C UNK B 1096 36.89 -10.48 12.93
N UNK B 1097 35.68 -9.92 12.88
CA UNK B 1097 34.79 -10.21 11.76
C UNK B 1097 34.09 -8.96 11.22
N UNK B 1098 34.68 -7.79 11.38
CA UNK B 1098 34.11 -6.58 10.78
C UNK B 1098 35.15 -5.84 9.96
N UNK B 1099 36.41 -5.84 10.43
CA UNK B 1099 37.46 -5.16 9.69
C UNK B 1099 37.62 -5.70 8.28
N UNK B 1100 37.17 -6.93 8.02
CA UNK B 1100 37.20 -7.50 6.68
C UNK B 1100 35.86 -7.33 5.99
N UNK B 1101 35.40 -6.08 5.92
CA UNK B 1101 34.08 -5.77 5.38
C UNK B 1101 34.17 -4.91 4.12
N UNK B 1102 34.82 -3.75 4.19
CA UNK B 1102 34.72 -2.76 3.15
C UNK B 1102 35.99 -2.60 2.36
N UNK B 1103 36.00 -1.61 1.48
CA UNK B 1103 37.16 -1.35 0.63
C UNK B 1103 38.22 -0.54 1.38
N UNK B 1104 39.31 -0.25 0.65
CA UNK B 1104 40.45 0.50 1.15
C UNK B 1104 41.29 -0.33 2.11
N UNK B 1105 40.81 -1.50 2.51
CA UNK B 1105 41.66 -2.37 3.30
C UNK B 1105 41.65 -2.00 4.77
N UNK B 1106 42.64 -1.22 5.14
CA UNK B 1106 42.95 -0.87 6.53
C UNK B 1106 41.84 -0.12 7.27
N UNK B 1107 40.73 0.20 6.59
CA UNK B 1107 39.73 1.08 7.17
C UNK B 1107 38.35 0.43 7.14
N UNK B 1108 37.42 1.08 7.82
CA UNK B 1108 36.01 0.80 7.79
C UNK B 1108 35.31 1.85 6.95
N UNK B 1109 34.02 1.68 6.67
CA UNK B 1109 33.26 2.74 6.00
C UNK B 1109 32.78 3.80 6.97
N UNK B 1110 32.38 4.94 6.41
CA UNK B 1110 31.89 6.06 7.21
C UNK B 1110 30.36 5.97 7.34
N UNK B 1111 29.92 4.82 7.83
CA UNK B 1111 28.56 4.68 8.31
C UNK B 1111 28.48 3.91 9.61
N UNK B 1112 29.55 3.24 10.02
CA UNK B 1112 29.58 2.51 11.28
C UNK B 1112 30.61 3.08 12.25
N UNK B 1113 31.60 3.82 11.77
CA UNK B 1113 32.61 4.41 12.63
C UNK B 1113 32.18 5.75 13.21
N UNK B 1114 30.99 6.24 12.85
CA UNK B 1114 30.43 7.42 13.47
C UNK B 1114 29.52 7.10 14.65
N UNK B 1115 28.97 5.88 14.69
CA UNK B 1115 28.11 5.49 15.79
C UNK B 1115 28.90 5.37 17.09
N UNK B 1116 30.15 4.91 17.02
CA UNK B 1116 30.95 4.82 18.23
C UNK B 1116 31.22 6.20 18.82
N UNK B 1117 31.55 7.17 17.97
CA UNK B 1117 31.84 8.50 18.47
C UNK B 1117 30.57 9.22 18.89
N UNK B 1118 29.55 9.21 18.02
CA UNK B 1118 28.26 9.78 18.37
C UNK B 1118 27.58 9.01 19.50
N UNK B 1119 28.18 7.92 19.97
CA UNK B 1119 27.66 7.17 21.09
C UNK B 1119 28.41 7.49 22.37
N UNK B 1120 29.72 7.65 22.30
CA UNK B 1120 30.45 8.13 23.47
C UNK B 1120 30.03 9.56 23.79
N UNK B 1121 29.65 10.32 22.75
CA UNK B 1121 29.18 11.68 22.98
C UNK B 1121 27.83 11.67 23.68
N UNK B 1122 27.00 10.67 23.41
CA UNK B 1122 25.65 10.62 23.93
C UNK B 1122 25.54 9.86 25.24
N UNK B 1123 26.50 8.99 25.54
CA UNK B 1123 26.56 8.27 26.79
C UNK B 1123 27.44 8.97 27.82
N UNK B 1124 28.15 10.01 27.41
CA UNK B 1124 28.93 10.83 28.32
C UNK B 1124 28.06 11.80 29.12
N UNK B 1125 26.74 11.62 29.07
CA UNK B 1125 25.83 12.44 29.86
C UNK B 1125 25.59 11.82 31.23
N UNK B 1126 25.48 10.50 31.29
CA UNK B 1126 25.17 9.83 32.56
C UNK B 1126 26.21 10.15 33.62
N UNK B 1127 27.48 10.19 33.24
CA UNK B 1127 28.54 10.42 34.20
C UNK B 1127 28.42 11.82 34.79
N UNK B 1128 29.29 12.11 35.76
CA UNK B 1128 29.27 13.40 36.45
C UNK B 1128 30.18 14.41 35.79
N UNK B 1129 31.30 13.98 35.21
CA UNK B 1129 32.21 14.91 34.55
C UNK B 1129 31.75 15.22 33.13
N UNK B 1130 31.63 14.18 32.30
CA UNK B 1130 31.25 14.24 30.90
C UNK B 1130 32.41 14.72 30.01
N UNK B 1131 33.56 15.05 30.58
CA UNK B 1131 34.74 15.43 29.81
C UNK B 1131 35.92 14.50 30.02
N UNK B 1132 35.91 13.71 31.09
CA UNK B 1132 36.96 12.72 31.34
C UNK B 1132 36.55 11.32 30.92
N UNK B 1133 35.28 10.97 31.06
CA UNK B 1133 34.79 9.66 30.60
C UNK B 1133 35.11 9.45 29.13
N UNK B 1134 35.16 10.51 28.34
CA UNK B 1134 35.47 10.38 26.93
C UNK B 1134 36.96 10.17 26.71
N UNK B 1135 37.77 10.95 27.43
CA UNK B 1135 39.22 10.81 27.32
C UNK B 1135 39.67 9.41 27.74
N UNK B 1136 39.01 8.83 28.74
CA UNK B 1136 39.37 7.49 29.16
C UNK B 1136 39.17 6.48 28.03
N UNK B 1137 37.97 6.48 27.43
CA UNK B 1137 37.69 5.56 26.33
C UNK B 1137 38.67 5.78 25.20
N UNK B 1138 38.86 7.04 24.80
CA UNK B 1138 39.66 7.32 23.62
C UNK B 1138 41.16 7.16 23.88
N UNK B 1139 41.58 7.08 25.14
CA UNK B 1139 42.95 6.73 25.45
C UNK B 1139 43.13 5.22 25.48
N UNK B 1140 42.12 4.48 25.95
CA UNK B 1140 42.19 3.03 25.90
C UNK B 1140 42.17 2.53 24.46
N UNK B 1141 41.43 3.22 23.58
CA UNK B 1141 41.25 2.75 22.22
C UNK B 1141 42.55 2.71 21.43
N UNK B 1142 43.62 3.33 21.92
CA UNK B 1142 44.89 3.29 21.19
C UNK B 1142 45.51 1.91 21.23
N UNK B 1143 45.38 1.20 22.35
CA UNK B 1143 45.95 -0.14 22.47
C UNK B 1143 45.10 -1.17 21.73
N UNK B 1144 43.83 -1.28 22.11
CA UNK B 1144 42.91 -2.22 21.50
C UNK B 1144 41.93 -1.50 20.59
N UNK B 1145 41.57 -2.17 19.49
CA UNK B 1145 40.67 -1.62 18.49
C UNK B 1145 41.23 -0.33 17.91
N UNK B 1146 42.45 -0.35 17.36
CA UNK B 1146 42.96 0.85 16.70
C UNK B 1146 42.35 1.08 15.34
N UNK B 1147 41.82 0.04 14.70
CA UNK B 1147 41.25 0.16 13.37
C UNK B 1147 40.14 1.19 13.29
N UNK B 1148 39.67 1.71 14.42
CA UNK B 1148 38.62 2.72 14.40
C UNK B 1148 39.21 4.11 14.16
N UNK B 1149 40.16 4.52 14.98
CA UNK B 1149 40.79 5.82 14.85
C UNK B 1149 41.19 6.09 13.40
N UNK B 1150 41.97 5.17 12.82
CA UNK B 1150 42.38 5.30 11.43
C UNK B 1150 41.19 5.55 10.52
N UNK B 1151 40.07 4.89 10.79
CA UNK B 1151 38.87 5.12 10.00
C UNK B 1151 38.26 6.48 10.23
N UNK B 1152 38.61 7.14 11.33
CA UNK B 1152 38.25 8.55 11.50
C UNK B 1152 39.17 9.44 10.68
N UNK B 1153 40.48 9.30 10.91
CA UNK B 1153 41.47 10.05 10.15
C UNK B 1153 41.17 10.03 8.66
N UNK B 1154 40.97 8.84 8.10
CA UNK B 1154 40.70 8.70 6.67
C UNK B 1154 39.40 9.41 6.32
N UNK B 1155 38.52 9.57 7.30
CA UNK B 1155 37.21 10.13 7.05
C UNK B 1155 36.85 11.26 8.00
N UNK B 1156 37.82 12.07 8.36
CA UNK B 1156 37.63 13.13 9.33
C UNK B 1156 36.78 14.29 8.79
N UNK B 1157 37.10 14.85 7.63
CA UNK B 1157 36.46 16.12 7.24
C UNK B 1157 34.94 16.06 7.23
N UNK B 1158 34.36 14.92 6.91
CA UNK B 1158 32.91 14.73 6.98
C UNK B 1158 32.48 14.21 8.34
N UNK B 1159 33.31 14.39 9.37
CA UNK B 1159 32.99 13.94 10.72
C UNK B 1159 33.15 15.04 11.75
N UNK B 1160 33.94 16.07 11.47
CA UNK B 1160 34.16 17.14 12.45
C UNK B 1160 32.88 17.89 12.78
N UNK B 1161 32.21 18.53 11.82
CA UNK B 1161 31.01 19.32 12.17
C UNK B 1161 29.95 18.52 12.92
N UNK B 1162 29.81 17.24 12.59
CA UNK B 1162 28.85 16.39 13.29
C UNK B 1162 29.05 16.51 14.80
N UNK B 1163 30.25 16.20 15.26
CA UNK B 1163 30.53 16.23 16.70
C UNK B 1163 30.54 17.65 17.23
N UNK B 1164 31.12 18.57 16.47
CA UNK B 1164 31.19 19.96 16.91
C UNK B 1164 29.80 20.53 17.13
N UNK B 1165 28.79 19.99 16.45
CA UNK B 1165 27.42 20.42 16.63
C UNK B 1165 26.71 19.66 17.73
N UNK B 1166 26.92 18.34 17.78
CA UNK B 1166 26.31 17.54 18.85
C UNK B 1166 26.70 18.07 20.22
N UNK B 1167 28.01 18.26 20.44
CA UNK B 1167 28.48 18.73 21.73
C UNK B 1167 27.82 20.05 22.11
N UNK B 1168 27.80 21.01 21.18
CA UNK B 1168 27.18 22.30 21.46
C UNK B 1168 25.69 22.15 21.72
N UNK B 1169 25.05 21.17 21.09
CA UNK B 1169 23.63 20.95 21.33
C UNK B 1169 23.38 20.44 22.74
N UNK B 1170 24.26 19.57 23.24
CA UNK B 1170 24.02 18.95 24.55
C UNK B 1170 24.52 19.83 25.69
N UNK B 1171 25.80 20.17 25.69
CA UNK B 1171 26.40 20.93 26.79
C UNK B 1171 26.58 22.41 26.44
N UNK B 1172 27.32 22.69 25.37
CA UNK B 1172 27.60 24.07 25.00
C UNK B 1172 28.82 24.63 25.70
N UNK B 1173 29.88 23.82 25.79
CA UNK B 1173 31.14 24.24 26.38
C UNK B 1173 32.27 23.75 25.47
N UNK B 1174 33.50 23.98 25.92
CA UNK B 1174 34.67 23.63 25.13
C UNK B 1174 34.74 22.12 24.94
N UNK B 1175 35.46 21.70 23.90
CA UNK B 1175 35.64 20.29 23.62
C UNK B 1175 36.70 19.70 24.54
N UNK B 1176 36.77 18.38 24.65
CA UNK B 1176 37.76 17.76 25.51
C UNK B 1176 39.16 17.82 24.92
N UNK B 1177 40.12 17.17 25.58
CA UNK B 1177 41.51 17.23 25.20
C UNK B 1177 41.93 16.12 24.25
N UNK B 1178 41.03 15.18 23.93
CA UNK B 1178 41.37 14.07 23.04
C UNK B 1178 40.52 14.04 21.78
N UNK B 1179 39.55 14.91 21.64
CA UNK B 1179 38.78 15.05 20.40
C UNK B 1179 39.20 16.26 19.58
N UNK B 1180 40.23 16.98 20.02
CA UNK B 1180 40.72 18.15 19.29
C UNK B 1180 42.18 18.04 18.87
N UNK B 1181 42.96 17.17 19.50
CA UNK B 1181 44.30 16.90 18.99
C UNK B 1181 44.24 16.45 17.54
N UNK B 1182 43.20 15.71 17.17
CA UNK B 1182 43.03 15.29 15.78
C UNK B 1182 42.84 16.49 14.88
N UNK B 1183 41.99 17.43 15.30
CA UNK B 1183 41.82 18.67 14.55
C UNK B 1183 43.14 19.41 14.43
N UNK B 1184 43.92 19.48 15.50
CA UNK B 1184 45.19 20.19 15.46
C UNK B 1184 46.13 19.53 14.46
N UNK B 1185 46.18 18.20 14.43
CA UNK B 1185 47.06 17.51 13.49
C UNK B 1185 46.62 17.74 12.05
N UNK B 1186 45.31 17.66 11.80
CA UNK B 1186 44.80 17.96 10.47
C UNK B 1186 45.18 19.36 10.03
N UNK B 1187 44.97 20.35 10.90
CA UNK B 1187 45.26 21.73 10.53
C UNK B 1187 46.75 21.94 10.31
N UNK B 1188 47.59 21.31 11.14
CA UNK B 1188 49.02 21.41 10.95
C UNK B 1188 49.43 20.84 9.59
N UNK B 1189 48.92 19.65 9.27
CA UNK B 1189 49.23 19.05 7.98
C UNK B 1189 48.84 19.99 6.84
N UNK B 1190 47.61 20.50 6.88
CA UNK B 1190 47.15 21.39 5.82
C UNK B 1190 48.05 22.62 5.70
N UNK B 1191 48.19 23.36 6.81
CA UNK B 1191 48.97 24.59 6.77
C UNK B 1191 50.42 24.35 6.39
N UNK B 1192 50.92 23.12 6.58
CA UNK B 1192 52.31 22.84 6.25
C UNK B 1192 52.46 22.45 4.79
N UNK B 1193 51.43 21.83 4.21
CA UNK B 1193 51.54 21.39 2.82
C UNK B 1193 51.68 22.58 1.88
N UNK B 1194 50.85 23.60 2.04
CA UNK B 1194 50.80 24.70 1.09
C UNK B 1194 52.17 25.37 0.92
N UNK B 1195 52.90 25.55 2.03
CA UNK B 1195 54.15 26.26 2.03
C UNK B 1195 55.33 25.38 2.40
N UNK B 1196 55.26 24.69 3.54
CA UNK B 1196 56.33 23.81 3.97
C UNK B 1196 57.00 24.33 5.22
N UNK B 1197 56.79 23.66 6.35
CA UNK B 1197 57.29 24.16 7.62
C UNK B 1197 57.87 23.07 8.52
N UNK B 1198 58.32 21.95 7.96
CA UNK B 1198 58.98 20.90 8.73
C UNK B 1198 58.07 20.39 9.84
N UNK B 1199 56.97 19.78 9.39
CA UNK B 1199 55.91 19.28 10.27
C UNK B 1199 56.47 18.63 11.53
N UNK B 1200 55.78 18.86 12.64
CA UNK B 1200 56.11 18.24 13.92
C UNK B 1200 55.54 16.83 14.00
N UNK B 1201 55.67 16.21 15.18
CA UNK B 1201 55.28 14.81 15.36
C UNK B 1201 54.69 14.62 16.75
N UNK B 1202 53.48 14.10 16.81
CA UNK B 1202 52.78 13.88 18.08
C UNK B 1202 52.98 12.45 18.60
N UNK B 1203 54.23 12.00 18.65
CA UNK B 1203 54.60 10.76 19.34
C UNK B 1203 53.60 9.62 19.15
N UNK B 1204 53.04 9.49 17.94
CA UNK B 1204 52.07 8.43 17.64
C UNK B 1204 52.15 8.13 16.16
N UNK B 1205 53.14 7.35 15.75
CA UNK B 1205 53.50 7.30 14.32
C UNK B 1205 52.63 6.41 13.45
N UNK B 1206 51.46 5.98 13.93
CA UNK B 1206 50.49 5.35 13.06
C UNK B 1206 49.21 6.15 12.94
N UNK B 1207 49.12 7.31 13.60
CA UNK B 1207 48.07 8.29 13.35
C UNK B 1207 48.56 9.42 12.46
N UNK B 1208 49.64 10.09 12.87
CA UNK B 1208 50.14 11.26 12.16
C UNK B 1208 50.66 10.93 10.78
N UNK B 1209 50.63 9.67 10.37
CA UNK B 1209 50.98 9.27 9.02
C UNK B 1209 49.79 8.73 8.25
N UNK B 1210 48.58 8.81 8.83
CA UNK B 1210 47.35 8.56 8.10
C UNK B 1210 46.79 9.84 7.52
N UNK B 1211 46.62 10.86 8.38
CA UNK B 1211 46.31 12.20 7.89
C UNK B 1211 47.20 12.55 6.71
N UNK B 1212 48.51 12.52 6.94
CA UNK B 1212 49.48 12.92 5.93
C UNK B 1212 49.29 12.16 4.63
N UNK B 1213 48.79 10.93 4.70
CA UNK B 1213 48.64 10.12 3.51
C UNK B 1213 47.33 10.41 2.78
N UNK B 1214 46.23 10.50 3.52
CA UNK B 1214 44.93 10.68 2.89
C UNK B 1214 44.78 12.09 2.33
N UNK B 1215 45.24 13.09 3.07
CA UNK B 1215 45.17 14.46 2.57
C UNK B 1215 45.85 14.57 1.21
N UNK B 1216 46.99 13.91 1.06
CA UNK B 1216 47.67 13.86 -0.23
C UNK B 1216 46.83 13.09 -1.23
N UNK B 1217 46.51 11.84 -0.92
CA UNK B 1217 45.88 10.95 -1.88
C UNK B 1217 44.56 11.49 -2.41
N UNK B 1218 43.89 12.38 -1.67
CA UNK B 1218 42.65 12.94 -2.19
C UNK B 1218 42.89 14.12 -3.11
N UNK B 1219 43.84 14.98 -2.77
CA UNK B 1219 44.16 16.16 -3.56
C UNK B 1219 45.11 15.87 -4.72
N UNK B 1220 45.37 14.60 -5.00
CA UNK B 1220 46.14 14.16 -6.16
C UNK B 1220 47.56 14.72 -6.18
N UNK B 1237 61.10 8.81 13.49
CA UNK B 1237 61.03 9.11 12.07
C UNK B 1237 60.81 7.85 11.24
N UNK B 1238 61.62 6.81 11.45
CA UNK B 1238 61.51 5.60 10.65
C UNK B 1238 60.11 4.99 10.76
N UNK B 1239 59.45 5.13 11.90
CA UNK B 1239 58.12 4.56 12.04
C UNK B 1239 57.10 5.32 11.20
N UNK B 1240 57.21 6.65 11.17
CA UNK B 1240 56.35 7.45 10.33
C UNK B 1240 56.69 7.23 8.86
N UNK B 1241 57.79 6.55 8.59
CA UNK B 1241 58.20 6.25 7.22
C UNK B 1241 57.95 4.80 6.85
N UNK B 1242 57.58 3.97 7.82
CA UNK B 1242 57.19 2.59 7.58
C UNK B 1242 55.67 2.45 7.53
N UNK B 1243 54.96 3.20 8.37
CA UNK B 1243 53.52 3.24 8.25
C UNK B 1243 53.10 3.62 6.84
N UNK B 1244 53.84 4.54 6.21
CA UNK B 1244 53.51 4.94 4.85
C UNK B 1244 53.77 3.80 3.86
N UNK B 1245 54.83 3.02 4.09
CA UNK B 1245 55.07 1.87 3.23
C UNK B 1245 53.93 0.87 3.34
N UNK B 1246 53.43 0.69 4.56
CA UNK B 1246 52.27 -0.19 4.76
C UNK B 1246 51.06 0.34 3.99
N UNK B 1247 50.68 1.59 4.25
CA UNK B 1247 49.54 2.19 3.57
C UNK B 1247 49.72 2.27 2.06
N UNK B 1248 50.94 2.17 1.56
CA UNK B 1248 51.20 2.22 0.13
C UNK B 1248 51.32 0.83 -0.49
N UNK B 1249 51.46 -0.21 0.31
CA UNK B 1249 51.40 -1.59 -0.19
C UNK B 1249 50.07 -2.24 0.13
N UNK B 1250 49.15 -1.52 0.76
CA UNK B 1250 47.77 -1.96 0.93
C UNK B 1250 46.81 -1.17 0.05
N UNK B 1251 47.33 -0.35 -0.85
CA UNK B 1251 46.51 0.31 -1.85
C UNK B 1251 47.02 0.03 -3.26
N UNK B 1252 48.14 -0.68 -3.40
CA UNK B 1252 48.47 -1.32 -4.66
C UNK B 1252 47.44 -2.39 -4.98
N UNK B 1253 46.73 -2.87 -3.98
CA UNK B 1253 45.80 -3.97 -4.12
C UNK B 1253 44.38 -3.48 -4.42
N UNK B 1254 43.87 -2.53 -3.62
CA UNK B 1254 42.57 -1.95 -3.91
C UNK B 1254 42.50 -1.39 -5.32
N UNK B 1255 43.65 -1.15 -5.96
CA UNK B 1255 43.70 -0.78 -7.36
C UNK B 1255 44.03 -1.96 -8.25
N UNK B 1256 43.96 -3.17 -7.70
CA UNK B 1256 44.06 -4.41 -8.47
C UNK B 1256 42.74 -5.15 -8.49
N UNK B 1257 42.15 -5.41 -7.32
CA UNK B 1257 40.84 -6.02 -7.27
C UNK B 1257 39.78 -5.15 -7.95
N UNK B 1258 39.98 -3.84 -7.96
CA UNK B 1258 38.99 -2.92 -8.52
C UNK B 1258 39.30 -2.61 -9.98
N UNK B 1259 39.18 -3.64 -10.81
CA UNK B 1259 39.22 -3.50 -12.25
C UNK B 1259 40.53 -2.85 -12.71
N UNK B 1260 41.64 -3.54 -12.46
CA UNK B 1260 42.93 -3.03 -12.84
C UNK B 1260 43.94 -4.16 -12.99
N UNK B 1261 45.15 -3.77 -13.38
CA UNK B 1261 46.26 -4.69 -13.54
C UNK B 1261 47.45 -4.34 -12.65
N UNK B 1262 47.79 -3.06 -12.55
CA UNK B 1262 48.93 -2.63 -11.77
C UNK B 1262 48.92 -1.11 -11.68
N UNK C 641 -3.21 30.95 -42.16
CA UNK C 641 -1.90 30.38 -41.86
C UNK C 641 -1.29 31.01 -40.61
N UNK C 642 -1.94 30.78 -39.46
CA UNK C 642 -1.43 31.34 -38.20
C UNK C 642 -0.13 30.70 -37.73
N UNK C 643 0.37 29.66 -38.41
CA UNK C 643 1.56 28.95 -38.00
C UNK C 643 2.78 29.33 -38.81
N UNK C 644 2.70 29.22 -40.14
CA UNK C 644 3.86 29.49 -40.98
C UNK C 644 4.53 30.81 -40.65
N UNK C 645 3.73 31.87 -40.56
CA UNK C 645 4.29 33.18 -40.23
C UNK C 645 4.90 33.14 -38.83
N UNK C 646 4.30 32.36 -37.93
CA UNK C 646 4.84 32.27 -36.57
C UNK C 646 6.26 31.73 -36.58
N UNK C 647 6.47 30.60 -37.25
CA UNK C 647 7.81 30.00 -37.30
C UNK C 647 8.76 30.88 -38.09
N UNK C 648 8.31 31.46 -39.20
CA UNK C 648 9.16 32.39 -39.94
C UNK C 648 9.66 33.51 -39.04
N UNK C 649 8.77 34.09 -38.23
CA UNK C 649 9.16 35.21 -37.39
C UNK C 649 10.09 34.76 -36.26
N UNK C 650 9.72 33.68 -35.57
CA UNK C 650 10.57 33.20 -34.48
C UNK C 650 11.85 32.57 -34.97
N UNK C 651 12.03 32.42 -36.29
CA UNK C 651 13.33 32.09 -36.85
C UNK C 651 14.10 33.34 -37.23
N UNK C 652 13.45 34.32 -37.84
CA UNK C 652 14.14 35.58 -38.12
C UNK C 652 14.67 36.21 -36.85
N UNK C 653 14.00 35.95 -35.72
CA UNK C 653 14.52 36.41 -34.43
C UNK C 653 15.70 35.58 -33.96
N UNK C 654 16.04 34.49 -34.65
CA UNK C 654 17.16 33.65 -34.21
C UNK C 654 18.49 34.32 -34.46
N UNK C 655 18.87 34.64 -35.72
CA UNK C 655 20.21 35.20 -35.94
C UNK C 655 20.33 36.66 -35.57
N UNK C 656 19.23 37.42 -35.58
CA UNK C 656 19.29 38.85 -35.31
C UNK C 656 19.79 39.17 -33.91
N UNK C 657 19.96 38.17 -33.04
CA UNK C 657 20.35 38.41 -31.66
C UNK C 657 21.81 38.05 -31.38
N UNK C 658 22.47 37.34 -32.29
CA UNK C 658 23.89 37.03 -32.08
C UNK C 658 24.69 38.30 -31.82
N UNK C 659 24.35 39.38 -32.51
CA UNK C 659 24.92 40.70 -32.26
C UNK C 659 23.83 41.62 -31.73
N UNK C 660 24.20 42.43 -30.75
CA UNK C 660 23.25 43.36 -30.12
C UNK C 660 22.99 44.52 -31.07
N UNK C 661 22.36 44.20 -32.20
CA UNK C 661 22.01 45.21 -33.19
C UNK C 661 21.05 46.22 -32.57
N UNK C 662 21.51 47.46 -32.43
CA UNK C 662 20.74 48.47 -31.72
C UNK C 662 19.39 48.71 -32.37
N UNK C 663 18.33 48.70 -31.55
CA UNK C 663 17.00 49.08 -31.98
C UNK C 663 16.35 48.06 -32.90
N UNK C 664 17.05 46.95 -33.16
CA UNK C 664 16.49 45.87 -33.98
C UNK C 664 15.54 45.00 -33.14
N UNK C 665 14.41 45.59 -32.78
CA UNK C 665 13.45 44.95 -31.90
C UNK C 665 12.02 44.97 -32.41
N UNK C 666 11.66 45.92 -33.28
CA UNK C 666 10.28 46.02 -33.73
C UNK C 666 9.83 44.74 -34.42
N UNK C 667 10.77 43.92 -34.89
CA UNK C 667 10.40 42.59 -35.37
C UNK C 667 9.70 41.77 -34.29
N UNK C 668 9.76 42.22 -33.03
CA UNK C 668 8.95 41.61 -31.98
C UNK C 668 7.48 41.93 -32.19
N UNK C 669 7.15 43.21 -32.32
CA UNK C 669 5.76 43.62 -32.52
C UNK C 669 5.09 42.81 -33.62
N UNK C 670 5.84 42.42 -34.64
CA UNK C 670 5.26 41.69 -35.75
C UNK C 670 4.53 40.45 -35.24
N UNK C 671 5.19 39.68 -34.36
CA UNK C 671 4.57 38.45 -33.88
C UNK C 671 3.20 38.70 -33.28
N UNK C 672 3.00 39.86 -32.66
CA UNK C 672 1.68 40.20 -32.12
C UNK C 672 0.61 39.91 -33.15
N UNK C 673 0.77 40.47 -34.36
CA UNK C 673 -0.20 40.24 -35.42
C UNK C 673 -0.47 38.75 -35.56
N UNK C 674 0.59 37.95 -35.65
CA UNK C 674 0.42 36.51 -35.79
C UNK C 674 -0.43 35.95 -34.67
N UNK C 675 -0.12 36.30 -33.41
CA UNK C 675 -0.94 35.84 -32.31
C UNK C 675 -2.35 36.40 -32.40
N UNK C 676 -2.47 37.67 -32.82
CA UNK C 676 -3.78 38.24 -33.04
C UNK C 676 -4.52 37.54 -34.18
N UNK C 677 -3.81 36.80 -35.02
CA UNK C 677 -4.40 36.04 -36.11
C UNK C 677 -4.69 34.59 -35.72
N UNK C 678 -4.61 34.26 -34.42
CA UNK C 678 -4.85 32.90 -33.96
C UNK C 678 -5.86 32.81 -32.83
N UNK C 679 -6.24 33.92 -32.21
CA UNK C 679 -7.20 33.91 -31.12
C UNK C 679 -8.50 34.61 -31.54
N UNK C 703 -7.64 22.42 -15.42
CA UNK C 703 -7.81 21.39 -16.42
C UNK C 703 -6.57 21.30 -17.31
N UNK C 704 -6.45 20.19 -18.05
CA UNK C 704 -5.32 19.98 -18.96
C UNK C 704 -5.78 20.35 -20.36
N UNK C 705 -5.71 21.64 -20.66
CA UNK C 705 -6.15 22.13 -21.96
C UNK C 705 -5.26 21.57 -23.06
N UNK C 706 -5.90 21.19 -24.18
CA UNK C 706 -5.17 20.67 -25.32
C UNK C 706 -5.71 21.22 -26.65
N UNK C 707 -6.50 22.28 -26.62
CA UNK C 707 -7.05 22.85 -27.85
C UNK C 707 -5.91 23.21 -28.79
N UNK C 708 -5.11 24.21 -28.39
CA UNK C 708 -3.88 24.53 -29.11
C UNK C 708 -2.67 23.88 -28.47
N UNK C 709 -2.36 24.26 -27.23
CA UNK C 709 -1.28 23.67 -26.44
C UNK C 709 0.01 23.49 -27.25
N UNK C 710 0.19 24.29 -28.28
CA UNK C 710 1.40 24.28 -29.09
C UNK C 710 1.99 25.68 -29.23
N UNK C 711 1.15 26.71 -29.33
CA UNK C 711 1.63 28.08 -29.24
C UNK C 711 2.54 28.23 -28.03
N UNK C 712 2.19 27.58 -26.93
CA UNK C 712 3.03 27.64 -25.73
C UNK C 712 4.43 27.14 -26.03
N UNK C 713 4.55 25.90 -26.51
CA UNK C 713 5.86 25.34 -26.78
C UNK C 713 6.57 26.10 -27.90
N UNK C 714 5.82 26.47 -28.94
CA UNK C 714 6.41 27.22 -30.04
C UNK C 714 7.05 28.51 -29.55
N UNK C 715 6.39 29.20 -28.63
CA UNK C 715 6.84 30.50 -28.15
C UNK C 715 7.89 30.36 -27.05
N UNK C 716 7.93 29.21 -26.38
CA UNK C 716 8.92 28.99 -25.33
C UNK C 716 10.24 28.49 -25.90
N UNK C 717 10.19 27.68 -26.96
CA UNK C 717 11.41 27.18 -27.56
C UNK C 717 12.20 28.29 -28.22
N UNK C 718 11.53 29.33 -28.72
CA UNK C 718 12.26 30.47 -29.27
C UNK C 718 13.26 31.01 -28.25
N UNK C 719 12.79 31.25 -27.03
CA UNK C 719 13.67 31.68 -25.96
C UNK C 719 14.71 30.60 -25.65
N UNK C 720 14.23 29.40 -25.33
CA UNK C 720 15.11 28.32 -24.91
C UNK C 720 16.19 28.00 -25.92
N UNK C 721 16.07 28.47 -27.16
CA UNK C 721 17.05 28.21 -28.19
C UNK C 721 17.87 29.45 -28.55
N UNK C 722 17.23 30.62 -28.61
CA UNK C 722 17.98 31.84 -28.90
C UNK C 722 18.96 32.17 -27.78
N UNK C 723 18.60 31.85 -26.53
CA UNK C 723 19.55 32.04 -25.45
C UNK C 723 20.84 31.27 -25.71
N UNK C 724 20.73 29.95 -25.83
CA UNK C 724 21.90 29.11 -26.01
C UNK C 724 22.60 29.40 -27.33
N UNK C 725 21.88 29.95 -28.30
CA UNK C 725 22.50 30.26 -29.58
C UNK C 725 23.34 31.53 -29.49
N UNK C 726 22.85 32.54 -28.76
CA UNK C 726 23.63 33.77 -28.61
C UNK C 726 24.80 33.55 -27.66
N UNK C 727 24.52 33.05 -26.46
CA UNK C 727 25.58 32.67 -25.54
C UNK C 727 26.65 31.88 -26.29
N UNK C 728 27.91 32.27 -26.07
CA UNK C 728 29.00 31.77 -26.88
C UNK C 728 29.60 32.93 -27.66
N UNK C 729 28.73 33.83 -28.11
CA UNK C 729 29.16 35.08 -28.72
C UNK C 729 29.40 36.17 -27.69
N UNK C 730 28.61 36.21 -26.63
CA UNK C 730 28.74 37.20 -25.58
C UNK C 730 28.12 36.65 -24.31
N UNK C 731 28.50 37.18 -23.15
CA UNK C 731 27.84 36.78 -21.91
C UNK C 731 26.52 37.49 -21.74
N UNK C 732 25.69 37.06 -20.78
CA UNK C 732 24.34 37.63 -20.68
C UNK C 732 24.32 39.14 -20.46
N UNK C 733 25.12 39.64 -19.51
CA UNK C 733 25.07 41.06 -19.18
C UNK C 733 25.24 41.92 -20.43
N UNK C 734 26.23 41.60 -21.25
CA UNK C 734 26.45 42.30 -22.51
C UNK C 734 25.76 41.60 -23.67
N UNK C 735 24.46 41.37 -23.53
CA UNK C 735 23.66 40.67 -24.53
C UNK C 735 22.66 41.58 -25.23
N UNK C 736 21.96 42.43 -24.49
CA UNK C 736 21.06 43.40 -25.08
C UNK C 736 19.80 43.55 -24.27
N UNK C 737 18.81 44.20 -24.89
CA UNK C 737 17.50 44.47 -24.30
C UNK C 737 16.42 43.59 -24.91
N UNK C 738 16.79 42.37 -25.28
CA UNK C 738 15.94 41.42 -25.98
C UNK C 738 14.88 40.75 -25.10
N UNK C 739 15.27 40.07 -24.04
CA UNK C 739 14.30 39.28 -23.27
C UNK C 739 13.16 40.10 -22.72
N UNK C 740 13.42 41.32 -22.26
CA UNK C 740 12.34 42.17 -21.77
C UNK C 740 11.27 42.37 -22.83
N UNK C 741 11.69 42.74 -24.04
CA UNK C 741 10.72 42.99 -25.10
C UNK C 741 10.00 41.72 -25.51
N UNK C 742 10.71 40.59 -25.52
CA UNK C 742 10.04 39.31 -25.78
C UNK C 742 8.94 39.06 -24.77
N UNK C 743 9.27 39.20 -23.48
CA UNK C 743 8.30 38.93 -22.43
C UNK C 743 7.12 39.89 -22.54
N UNK C 744 7.38 41.13 -22.98
CA UNK C 744 6.29 42.08 -23.15
C UNK C 744 5.37 41.66 -24.28
N UNK C 745 5.95 41.43 -25.47
CA UNK C 745 5.15 40.99 -26.60
C UNK C 745 4.41 39.69 -26.31
N UNK C 746 4.84 38.94 -25.30
CA UNK C 746 4.10 37.75 -24.91
C UNK C 746 2.97 38.07 -23.94
N UNK C 747 3.25 38.89 -22.92
CA UNK C 747 2.28 39.11 -21.86
C UNK C 747 1.19 40.09 -22.25
N UNK C 748 1.45 40.94 -23.24
CA UNK C 748 0.47 41.93 -23.64
C UNK C 748 -0.81 41.34 -24.18
N UNK C 749 -0.85 40.03 -24.34
CA UNK C 749 -2.03 39.28 -24.80
C UNK C 749 -2.35 38.26 -23.72
N UNK C 750 -3.26 38.60 -22.82
CA UNK C 750 -3.44 37.81 -21.60
C UNK C 750 -4.27 36.56 -21.86
N UNK C 751 -3.89 35.80 -22.87
CA UNK C 751 -4.36 34.44 -23.07
C UNK C 751 -3.21 33.46 -23.26
N UNK C 752 -2.17 33.87 -23.99
CA UNK C 752 -1.00 33.01 -24.12
C UNK C 752 -0.26 32.90 -22.81
N UNK C 753 -0.13 34.00 -22.08
CA UNK C 753 0.47 33.98 -20.75
C UNK C 753 -0.30 33.06 -19.80
N UNK C 754 -1.51 32.66 -20.16
CA UNK C 754 -2.28 31.70 -19.39
C UNK C 754 -2.08 30.27 -19.87
N UNK C 755 -1.16 30.07 -20.81
CA UNK C 755 -0.88 28.74 -21.36
C UNK C 755 0.54 28.26 -21.08
N UNK C 756 1.55 29.09 -21.39
CA UNK C 756 2.93 28.67 -21.20
C UNK C 756 3.15 28.19 -19.77
N UNK C 757 2.55 28.88 -18.80
CA UNK C 757 2.60 28.43 -17.42
C UNK C 757 2.11 27.00 -17.30
N UNK C 758 0.97 26.70 -17.95
CA UNK C 758 0.38 25.38 -17.83
C UNK C 758 1.27 24.32 -18.45
N UNK C 759 1.84 24.59 -19.63
CA UNK C 759 2.70 23.61 -20.26
C UNK C 759 3.97 23.39 -19.45
N UNK C 760 4.53 24.46 -18.89
CA UNK C 760 5.74 24.33 -18.09
C UNK C 760 5.48 23.48 -16.86
N UNK C 761 4.41 23.80 -16.11
CA UNK C 761 4.07 23.00 -14.95
C UNK C 761 3.70 21.56 -15.33
N UNK C 762 3.14 21.37 -16.52
CA UNK C 762 2.72 20.05 -16.96
C UNK C 762 3.90 19.17 -17.33
N UNK C 763 4.94 19.76 -17.93
CA UNK C 763 6.09 18.98 -18.34
C UNK C 763 7.14 18.84 -17.24
N UNK C 764 7.17 19.76 -16.27
CA UNK C 764 8.09 19.59 -15.15
C UNK C 764 7.69 18.39 -14.29
N UNK C 765 6.40 18.29 -13.97
CA UNK C 765 5.95 17.27 -13.02
C UNK C 765 5.92 15.88 -13.67
N UNK C 766 5.10 15.71 -14.70
CA UNK C 766 4.89 14.38 -15.28
C UNK C 766 6.18 13.82 -15.85
N UNK C 767 6.73 14.45 -16.89
CA UNK C 767 7.98 13.99 -17.47
C UNK C 767 9.18 14.72 -16.89
N UNK C 768 9.26 14.74 -15.56
CA UNK C 768 10.40 15.33 -14.88
C UNK C 768 11.73 14.75 -15.34
N UNK C 769 11.92 13.44 -15.39
CA UNK C 769 13.23 12.91 -15.80
C UNK C 769 13.46 12.97 -17.29
N UNK C 770 12.41 12.82 -18.11
CA UNK C 770 12.56 12.84 -19.56
C UNK C 770 12.73 14.28 -20.06
N UNK C 771 13.82 14.90 -19.62
CA UNK C 771 14.18 16.25 -20.00
C UNK C 771 15.66 16.28 -20.33
N UNK C 772 16.10 17.40 -20.89
CA UNK C 772 17.49 17.60 -21.27
C UNK C 772 18.18 18.51 -20.27
N UNK C 773 19.49 18.65 -20.44
CA UNK C 773 20.29 19.55 -19.62
C UNK C 773 20.40 20.94 -20.21
N UNK C 774 19.70 21.21 -21.32
CA UNK C 774 19.72 22.50 -21.97
C UNK C 774 18.37 23.20 -21.95
N UNK C 775 17.29 22.47 -21.67
CA UNK C 775 15.98 23.10 -21.54
C UNK C 775 15.73 23.64 -20.14
N UNK C 776 16.43 23.11 -19.13
CA UNK C 776 16.20 23.56 -17.76
C UNK C 776 16.53 25.04 -17.63
N UNK C 777 17.77 25.41 -17.95
CA UNK C 777 18.19 26.81 -17.85
C UNK C 777 17.27 27.70 -18.68
N UNK C 778 16.76 27.17 -19.80
CA UNK C 778 15.87 27.95 -20.64
C UNK C 778 14.55 28.27 -19.95
N UNK C 779 14.16 27.46 -18.98
CA UNK C 779 12.98 27.76 -18.18
C UNK C 779 13.34 28.63 -16.99
N UNK C 780 14.52 28.40 -16.39
CA UNK C 780 14.92 29.18 -15.23
C UNK C 780 15.07 30.67 -15.58
N UNK C 781 15.81 30.96 -16.64
CA UNK C 781 15.99 32.35 -17.04
C UNK C 781 14.65 33.00 -17.37
N UNK C 782 13.79 32.27 -18.07
CA UNK C 782 12.45 32.78 -18.37
C UNK C 782 11.69 33.09 -17.09
N UNK C 783 11.84 32.23 -16.08
CA UNK C 783 11.17 32.44 -14.80
C UNK C 783 11.64 33.72 -14.15
N UNK C 784 12.95 33.95 -14.14
CA UNK C 784 13.48 35.18 -13.55
C UNK C 784 12.97 36.40 -14.30
N UNK C 785 13.02 36.34 -15.64
CA UNK C 785 12.51 37.45 -16.43
C UNK C 785 11.05 37.72 -16.11
N UNK C 786 10.26 36.67 -15.90
CA UNK C 786 8.89 36.86 -15.42
C UNK C 786 8.88 37.62 -14.11
N UNK C 787 9.69 37.17 -13.15
CA UNK C 787 9.73 37.85 -11.86
C UNK C 787 10.04 39.33 -12.02
N UNK C 788 10.79 39.69 -13.06
CA UNK C 788 11.10 41.11 -13.26
C UNK C 788 9.87 41.90 -13.70
N UNK C 789 8.96 41.28 -14.44
CA UNK C 789 7.74 41.94 -14.88
C UNK C 789 6.58 41.65 -13.92
N UNK C 790 6.78 42.03 -12.67
CA UNK C 790 5.72 41.86 -11.67
C UNK C 790 4.36 42.36 -12.14
N UNK C 791 4.24 43.46 -12.90
CA UNK C 791 2.91 43.86 -13.41
C UNK C 791 2.21 42.75 -14.18
N UNK C 792 2.91 41.66 -14.50
CA UNK C 792 2.27 40.51 -15.12
C UNK C 792 1.41 39.79 -14.09
N UNK C 793 0.13 40.10 -14.06
CA UNK C 793 -0.79 39.55 -13.07
C UNK C 793 -2.13 39.29 -13.73
N UNK C 794 -2.52 38.02 -13.79
CA UNK C 794 -3.80 37.60 -14.35
C UNK C 794 -4.66 37.02 -13.23
N UNK C 795 -5.97 37.19 -13.37
CA UNK C 795 -6.92 36.74 -12.36
C UNK C 795 -7.79 35.58 -12.80
N UNK C 796 -7.95 35.35 -14.10
CA UNK C 796 -8.80 34.27 -14.59
C UNK C 796 -8.01 32.98 -14.76
N UNK C 797 -7.35 32.55 -13.68
CA UNK C 797 -6.59 31.31 -13.65
C UNK C 797 -6.97 30.60 -12.36
N UNK C 798 -7.89 29.64 -12.46
CA UNK C 798 -8.35 28.93 -11.27
C UNK C 798 -7.17 28.30 -10.54
N UNK C 799 -7.30 28.18 -9.22
CA UNK C 799 -6.30 27.58 -8.37
C UNK C 799 -5.23 28.54 -7.86
N UNK C 800 -4.92 29.56 -8.65
CA UNK C 800 -3.90 30.54 -8.29
C UNK C 800 -4.51 31.93 -8.37
N UNK C 801 -4.09 32.80 -7.46
CA UNK C 801 -4.55 34.19 -7.42
C UNK C 801 -3.52 35.16 -7.97
N UNK C 802 -2.31 35.14 -7.41
CA UNK C 802 -1.22 35.99 -7.83
C UNK C 802 -0.12 35.13 -8.44
N UNK C 803 1.01 35.77 -8.78
CA UNK C 803 2.13 35.05 -9.37
C UNK C 803 2.87 34.23 -8.32
N UNK C 804 3.21 34.86 -7.20
CA UNK C 804 3.96 34.21 -6.13
C UNK C 804 3.46 32.81 -5.84
N UNK C 805 2.15 32.62 -5.82
CA UNK C 805 1.59 31.32 -5.49
C UNK C 805 2.08 30.23 -6.43
N UNK C 806 2.33 30.58 -7.70
CA UNK C 806 2.74 29.59 -8.69
C UNK C 806 4.05 28.92 -8.28
N UNK C 807 4.99 29.70 -7.76
CA UNK C 807 6.30 29.16 -7.39
C UNK C 807 6.14 28.02 -6.38
N UNK C 808 5.45 28.29 -5.27
CA UNK C 808 5.24 27.25 -4.29
C UNK C 808 4.43 26.11 -4.89
N UNK C 809 3.42 26.44 -5.70
CA UNK C 809 2.56 25.42 -6.27
C UNK C 809 3.36 24.36 -7.02
N UNK C 810 4.36 24.78 -7.78
CA UNK C 810 5.10 23.77 -8.53
C UNK C 810 6.30 23.21 -7.77
N UNK C 811 6.94 24.02 -6.93
CA UNK C 811 8.16 23.55 -6.27
C UNK C 811 7.84 22.60 -5.11
N UNK C 812 6.77 22.87 -4.37
CA UNK C 812 6.38 21.94 -3.33
C UNK C 812 5.80 20.65 -3.88
N UNK C 813 5.71 20.52 -5.21
CA UNK C 813 5.43 19.26 -5.86
C UNK C 813 6.66 18.63 -6.49
N UNK C 814 7.62 19.45 -6.93
CA UNK C 814 8.88 18.94 -7.44
C UNK C 814 9.76 18.37 -6.33
N UNK C 815 9.87 19.07 -5.20
CA UNK C 815 10.77 18.67 -4.13
C UNK C 815 10.27 17.44 -3.37
N UNK C 816 9.20 16.80 -3.84
CA UNK C 816 8.70 15.56 -3.27
C UNK C 816 8.74 14.41 -4.26
N UNK C 817 8.30 14.63 -5.50
CA UNK C 817 8.31 13.57 -6.50
C UNK C 817 9.74 13.30 -6.98
N UNK C 818 10.50 14.36 -7.24
CA UNK C 818 11.85 14.22 -7.78
C UNK C 818 12.70 15.37 -7.28
N UNK C 819 13.79 15.05 -6.60
CA UNK C 819 14.62 16.06 -5.94
C UNK C 819 15.77 16.46 -6.86
N UNK C 820 16.16 15.57 -7.75
CA UNK C 820 17.29 15.84 -8.62
C UNK C 820 16.95 16.76 -9.79
N UNK C 821 15.83 17.46 -9.70
CA UNK C 821 15.43 18.39 -10.75
C UNK C 821 15.06 19.74 -10.12
N UNK C 822 14.90 19.75 -8.80
CA UNK C 822 14.76 21.01 -8.06
C UNK C 822 16.11 21.63 -7.71
N UNK C 823 17.20 20.88 -7.91
CA UNK C 823 18.55 21.37 -7.70
C UNK C 823 19.19 21.84 -8.99
N UNK C 824 19.03 21.08 -10.07
CA UNK C 824 19.51 21.48 -11.38
C UNK C 824 18.63 22.52 -12.04
N UNK C 825 17.56 22.96 -11.38
CA UNK C 825 16.74 24.06 -11.84
C UNK C 825 16.81 25.29 -10.96
N UNK C 826 17.20 25.12 -9.69
CA UNK C 826 17.39 26.24 -8.78
C UNK C 826 18.85 26.65 -8.69
N UNK C 827 19.71 26.12 -9.57
CA UNK C 827 21.11 26.52 -9.67
C UNK C 827 21.41 27.32 -10.91
N UNK C 828 20.77 26.99 -12.04
CA UNK C 828 20.96 27.77 -13.25
C UNK C 828 20.33 29.14 -13.12
N UNK C 829 19.23 29.23 -12.37
CA UNK C 829 18.62 30.54 -12.13
C UNK C 829 19.59 31.48 -11.44
N UNK C 830 20.24 31.01 -10.38
CA UNK C 830 21.18 31.86 -9.66
C UNK C 830 22.39 32.17 -10.55
N UNK C 831 22.90 31.17 -11.25
CA UNK C 831 24.05 31.38 -12.11
C UNK C 831 23.73 32.30 -13.29
N UNK C 832 22.45 32.51 -13.59
CA UNK C 832 22.07 33.47 -14.61
C UNK C 832 21.83 34.86 -14.02
N UNK C 833 21.25 34.92 -12.83
CA UNK C 833 21.03 36.21 -12.19
C UNK C 833 22.34 36.87 -11.82
N UNK C 834 23.29 36.08 -11.32
CA UNK C 834 24.62 36.59 -10.96
C UNK C 834 25.48 36.89 -12.18
N UNK C 835 24.95 36.70 -13.38
CA UNK C 835 25.62 37.09 -14.61
C UNK C 835 24.85 38.15 -15.39
N UNK C 836 23.58 38.38 -15.05
CA UNK C 836 22.78 39.42 -15.70
C UNK C 836 22.87 40.73 -14.93
N UNK C 837 22.48 40.70 -13.66
CA UNK C 837 22.47 41.89 -12.81
C UNK C 837 23.75 42.07 -12.01
N UNK C 838 24.82 41.36 -12.37
CA UNK C 838 26.08 41.51 -11.65
C UNK C 838 26.90 42.65 -12.25
N UNK C 839 26.26 43.80 -12.39
CA UNK C 839 26.94 45.03 -12.77
C UNK C 839 26.67 46.19 -11.83
N UNK C 840 25.61 46.13 -11.05
CA UNK C 840 25.17 47.18 -10.16
C UNK C 840 24.50 46.53 -8.96
N UNK C 841 23.69 47.30 -8.23
CA UNK C 841 22.88 46.75 -7.16
C UNK C 841 23.73 46.23 -6.01
N UNK C 842 24.50 47.12 -5.40
CA UNK C 842 25.25 46.76 -4.21
C UNK C 842 24.31 46.26 -3.11
N UNK C 843 23.12 46.85 -3.01
CA UNK C 843 22.14 46.50 -1.97
C UNK C 843 20.81 46.05 -2.54
N UNK C 844 20.34 46.68 -3.63
CA UNK C 844 19.05 46.33 -4.21
C UNK C 844 19.11 45.05 -5.02
N UNK C 845 20.26 44.36 -5.06
CA UNK C 845 20.32 43.06 -5.71
C UNK C 845 19.23 42.13 -5.19
N UNK C 846 19.11 42.03 -3.86
CA UNK C 846 18.08 41.21 -3.25
C UNK C 846 16.72 41.80 -3.61
N UNK C 847 16.00 41.10 -4.50
CA UNK C 847 14.76 41.62 -5.02
C UNK C 847 14.61 41.29 -6.49
N UNK C 848 15.70 40.90 -7.13
CA UNK C 848 15.64 40.47 -8.51
C UNK C 848 15.22 39.01 -8.62
N UNK C 849 15.93 38.12 -7.94
CA UNK C 849 15.56 36.70 -7.92
C UNK C 849 14.28 36.54 -7.11
N UNK C 850 13.52 35.47 -7.32
CA UNK C 850 12.40 35.19 -6.44
C UNK C 850 12.89 34.58 -5.14
N UNK C 851 12.31 34.98 -4.00
CA UNK C 851 12.87 34.54 -2.72
C UNK C 851 12.91 33.04 -2.53
N UNK C 852 11.84 32.34 -2.91
CA UNK C 852 11.72 30.94 -2.55
C UNK C 852 12.82 30.09 -3.17
N UNK C 853 13.18 30.36 -4.43
CA UNK C 853 14.32 29.67 -5.02
C UNK C 853 15.51 29.65 -4.07
N UNK C 854 15.80 30.78 -3.45
CA UNK C 854 17.00 30.93 -2.63
C UNK C 854 16.82 30.36 -1.23
N UNK C 855 15.83 29.51 -1.02
CA UNK C 855 15.67 28.76 0.21
C UNK C 855 15.84 27.26 0.01
N UNK C 856 15.18 26.70 -1.02
CA UNK C 856 15.31 25.27 -1.27
C UNK C 856 16.76 24.87 -1.47
N UNK C 857 17.55 25.73 -2.11
CA UNK C 857 18.99 25.49 -2.20
C UNK C 857 19.57 25.21 -0.82
N UNK C 858 19.34 26.12 0.12
CA UNK C 858 19.84 25.97 1.48
C UNK C 858 19.38 24.69 2.15
N UNK C 859 18.43 23.97 1.55
CA UNK C 859 17.95 22.71 2.08
C UNK C 859 18.32 21.51 1.23
N UNK C 860 18.62 21.72 -0.05
CA UNK C 860 18.87 20.61 -0.97
C UNK C 860 20.35 20.40 -1.27
N UNK C 861 21.17 21.44 -1.16
CA UNK C 861 22.58 21.32 -1.50
C UNK C 861 23.26 20.41 -0.50
N UNK C 862 23.32 20.76 0.79
CA UNK C 862 24.00 19.86 1.74
C UNK C 862 23.45 18.45 1.73
N UNK C 863 22.12 18.31 1.80
CA UNK C 863 21.50 16.99 1.74
C UNK C 863 22.15 16.10 0.69
N UNK C 864 22.23 16.61 -0.55
CA UNK C 864 22.67 15.77 -1.65
C UNK C 864 24.18 15.57 -1.64
N UNK C 865 24.93 16.55 -1.16
CA UNK C 865 26.39 16.49 -1.19
C UNK C 865 26.93 16.95 0.15
N UNK C 866 27.88 16.20 0.69
CA UNK C 866 28.34 16.35 2.07
C UNK C 866 29.50 17.31 2.22
N UNK C 867 30.20 17.63 1.13
CA UNK C 867 31.43 18.41 1.20
C UNK C 867 31.19 19.84 1.66
N UNK C 868 29.94 20.21 1.95
CA UNK C 868 29.60 21.55 2.38
C UNK C 868 28.61 21.55 3.53
N UNK C 869 28.71 20.55 4.41
CA UNK C 869 27.73 20.39 5.48
C UNK C 869 27.94 21.42 6.59
N UNK C 879 36.73 36.71 -5.37
CA UNK C 879 36.56 36.18 -6.71
C UNK C 879 35.76 37.17 -7.55
N UNK C 880 35.73 36.92 -8.85
CA UNK C 880 35.06 37.82 -9.80
C UNK C 880 33.63 37.38 -10.07
N UNK C 881 33.44 36.16 -10.54
CA UNK C 881 32.14 35.67 -10.95
C UNK C 881 32.26 34.20 -11.33
N UNK C 882 31.16 33.44 -11.40
CA UNK C 882 31.25 32.07 -11.91
C UNK C 882 31.90 32.01 -13.28
N UNK C 883 32.17 30.82 -13.77
CA UNK C 883 32.98 30.66 -14.98
C UNK C 883 32.20 31.11 -16.21
N UNK C 884 32.00 32.42 -16.31
CA UNK C 884 31.42 33.08 -17.49
C UNK C 884 30.35 32.23 -18.16
N UNK C 885 29.38 31.79 -17.35
CA UNK C 885 28.18 31.14 -17.87
C UNK C 885 28.52 29.82 -18.57
N UNK C 886 29.24 28.97 -17.84
CA UNK C 886 29.70 27.70 -18.39
C UNK C 886 28.60 26.65 -18.52
N UNK C 887 27.41 26.92 -17.98
CA UNK C 887 26.37 25.90 -17.94
C UNK C 887 26.10 25.29 -19.31
N UNK C 888 26.22 26.08 -20.37
CA UNK C 888 25.88 25.57 -21.69
C UNK C 888 26.79 24.42 -22.12
N UNK C 889 28.00 24.35 -21.59
CA UNK C 889 28.94 23.27 -21.89
C UNK C 889 29.61 22.78 -20.62
N UNK C 890 28.85 22.70 -19.55
CA UNK C 890 29.37 22.32 -18.25
C UNK C 890 29.95 20.91 -18.28
N UNK C 891 30.68 20.58 -17.22
CA UNK C 891 31.20 19.23 -16.99
C UNK C 891 30.43 18.47 -15.94
N UNK C 892 29.47 19.10 -15.29
CA UNK C 892 28.68 18.45 -14.27
C UNK C 892 27.98 19.48 -13.40
N UNK C 893 27.27 18.98 -12.39
CA UNK C 893 26.55 19.83 -11.47
C UNK C 893 27.11 19.79 -10.05
N UNK C 894 27.96 18.81 -9.72
CA UNK C 894 28.59 18.79 -8.41
C UNK C 894 29.67 19.85 -8.27
N UNK C 895 30.06 20.50 -9.38
CA UNK C 895 31.03 21.58 -9.33
C UNK C 895 30.44 22.93 -9.70
N UNK C 896 29.28 22.97 -10.35
CA UNK C 896 28.58 24.21 -10.58
C UNK C 896 27.71 24.62 -9.40
N UNK C 897 27.26 23.65 -8.60
CA UNK C 897 26.60 23.92 -7.34
C UNK C 897 27.59 24.16 -6.21
N UNK C 898 28.86 23.89 -6.44
CA UNK C 898 29.90 24.05 -5.44
C UNK C 898 30.80 25.25 -5.69
N UNK C 899 30.94 25.67 -6.95
CA UNK C 899 31.59 26.92 -7.28
C UNK C 899 30.71 28.12 -6.97
N UNK C 900 29.48 27.89 -6.52
CA UNK C 900 28.53 28.94 -6.20
C UNK C 900 28.20 29.02 -4.72
N UNK C 901 28.32 27.91 -3.99
CA UNK C 901 28.08 27.93 -2.55
C UNK C 901 29.19 28.64 -1.80
N UNK C 902 30.40 28.67 -2.37
CA UNK C 902 31.53 29.34 -1.75
C UNK C 902 31.62 30.81 -2.11
N UNK C 903 30.83 31.28 -3.07
CA UNK C 903 30.89 32.66 -3.52
C UNK C 903 30.55 33.60 -2.38
N UNK C 904 31.53 34.40 -1.95
CA UNK C 904 31.35 35.26 -0.79
C UNK C 904 30.23 36.27 -0.98
N UNK C 905 29.71 36.44 -2.19
CA UNK C 905 28.59 37.33 -2.42
C UNK C 905 27.26 36.68 -2.11
N UNK C 906 27.21 35.35 -2.03
CA UNK C 906 25.98 34.63 -1.72
C UNK C 906 25.88 34.34 -0.22
N UNK C 907 26.91 33.72 0.34
CA UNK C 907 26.89 33.39 1.77
C UNK C 907 26.63 34.60 2.64
N UNK C 908 26.78 35.81 2.10
CA UNK C 908 26.42 37.01 2.82
C UNK C 908 25.07 37.54 2.37
N UNK C 909 24.31 36.68 1.67
CA UNK C 909 23.00 37.04 1.17
C UNK C 909 21.87 36.22 1.78
N UNK C 910 22.11 34.97 2.15
CA UNK C 910 21.10 34.15 2.79
C UNK C 910 21.15 34.29 4.31
N UNK C 911 21.18 35.53 4.76
CA UNK C 911 21.07 35.87 6.17
C UNK C 911 19.90 36.80 6.46
N UNK C 912 19.37 37.48 5.44
CA UNK C 912 18.20 38.32 5.61
C UNK C 912 16.99 37.47 5.99
N UNK C 913 15.90 38.15 6.32
CA UNK C 913 14.72 37.44 6.82
C UNK C 913 13.95 36.76 5.69
N UNK C 914 13.83 37.42 4.54
CA UNK C 914 13.09 36.87 3.42
C UNK C 914 13.80 35.69 2.77
N UNK C 915 14.94 35.26 3.31
CA UNK C 915 15.64 34.08 2.82
C UNK C 915 16.03 33.16 3.98
N UNK C 916 15.28 33.20 5.09
CA UNK C 916 15.67 32.51 6.32
C UNK C 916 14.85 31.24 6.45
N UNK C 917 15.50 30.10 6.27
CA UNK C 917 14.88 28.82 6.58
C UNK C 917 14.95 28.58 8.07
N UNK C 918 14.01 27.79 8.59
CA UNK C 918 13.87 27.59 10.01
C UNK C 918 13.66 26.10 10.28
N UNK C 919 13.28 25.77 11.51
CA UNK C 919 13.26 24.37 11.93
C UNK C 919 11.94 23.71 11.57
N UNK C 920 10.82 24.32 11.95
CA UNK C 920 9.51 23.77 11.58
C UNK C 920 9.37 23.69 10.06
N UNK C 921 9.74 24.77 9.36
CA UNK C 921 9.65 24.80 7.91
C UNK C 921 10.57 23.78 7.25
N UNK C 922 11.40 23.09 8.02
CA UNK C 922 12.24 22.02 7.50
C UNK C 922 11.57 20.66 7.69
N UNK C 923 10.98 20.43 8.87
CA UNK C 923 10.21 19.22 9.08
C UNK C 923 9.04 19.14 8.11
N UNK C 924 8.39 20.27 7.87
CA UNK C 924 7.23 20.27 6.96
C UNK C 924 7.62 19.85 5.56
N UNK C 925 8.89 19.93 5.20
CA UNK C 925 9.35 19.51 3.89
C UNK C 925 10.01 18.15 3.89
N UNK C 926 10.57 17.72 5.02
CA UNK C 926 11.14 16.39 5.08
C UNK C 926 10.08 15.32 5.30
N UNK C 927 8.95 15.69 5.92
CA UNK C 927 7.84 14.76 6.10
C UNK C 927 7.15 14.42 4.80
N UNK C 928 7.42 15.14 3.72
CA UNK C 928 6.70 14.97 2.47
C UNK C 928 7.51 14.30 1.37
N UNK C 929 8.77 13.96 1.62
CA UNK C 929 9.55 13.25 0.61
C UNK C 929 9.05 11.81 0.47
N UNK C 930 8.85 11.39 -0.76
CA UNK C 930 8.46 10.02 -1.05
C UNK C 930 9.69 9.13 -0.89
N UNK C 931 9.62 8.16 0.02
CA UNK C 931 10.72 7.23 0.21
C UNK C 931 11.24 6.73 -1.13
N UNK C 932 10.38 6.08 -1.91
CA UNK C 932 10.70 5.81 -3.29
C UNK C 932 10.67 7.11 -4.09
N UNK C 933 11.34 7.10 -5.23
CA UNK C 933 11.58 8.27 -6.07
C UNK C 933 12.68 9.14 -5.47
N UNK C 934 13.17 8.82 -4.27
CA UNK C 934 14.30 9.54 -3.69
C UNK C 934 15.58 9.14 -4.42
N UNK C 935 16.71 9.68 -3.96
CA UNK C 935 17.99 9.42 -4.61
C UNK C 935 18.99 8.90 -3.58
N UNK C 936 18.58 8.86 -2.32
CA UNK C 936 19.44 8.42 -1.22
C UNK C 936 18.96 7.08 -0.67
N UNK C 937 19.90 6.20 -0.37
CA UNK C 937 19.56 4.92 0.22
C UNK C 937 19.12 5.09 1.67
N UNK C 938 18.32 4.13 2.14
CA UNK C 938 17.69 4.26 3.44
C UNK C 938 18.69 4.37 4.57
N UNK C 939 19.94 3.94 4.36
CA UNK C 939 20.98 4.04 5.36
C UNK C 939 21.87 5.24 5.13
N UNK C 940 21.43 6.21 4.33
CA UNK C 940 22.15 7.45 4.11
C UNK C 940 21.30 8.69 4.30
N UNK C 941 19.98 8.58 4.22
CA UNK C 941 19.09 9.69 4.56
C UNK C 941 18.74 9.70 6.04
N UNK C 942 19.46 8.92 6.84
CA UNK C 942 19.33 8.98 8.29
C UNK C 942 20.54 9.62 8.96
N UNK C 943 21.70 9.58 8.30
CA UNK C 943 22.83 10.38 8.76
C UNK C 943 22.54 11.87 8.57
N UNK C 944 21.96 12.22 7.44
CA UNK C 944 21.59 13.61 7.19
C UNK C 944 20.69 14.14 8.30
N UNK C 945 19.69 13.36 8.71
CA UNK C 945 18.80 13.80 9.78
C UNK C 945 19.51 13.84 11.12
N UNK C 946 20.33 12.83 11.41
CA UNK C 946 21.05 12.80 12.67
C UNK C 946 22.02 13.97 12.78
N UNK C 947 22.42 14.55 11.65
CA UNK C 947 23.25 15.75 11.67
C UNK C 947 22.41 17.01 11.78
N UNK C 948 21.37 17.12 10.94
CA UNK C 948 20.56 18.33 10.92
C UNK C 948 19.89 18.57 12.27
N UNK C 949 19.24 17.55 12.82
CA UNK C 949 18.59 17.71 14.12
C UNK C 949 19.54 18.28 15.16
N UNK C 950 20.85 18.07 14.99
CA UNK C 950 21.83 18.62 15.90
C UNK C 950 22.32 20.00 15.47
N UNK C 951 22.24 20.30 14.17
CA UNK C 951 22.63 21.61 13.69
C UNK C 951 21.60 22.68 14.00
N UNK C 952 20.33 22.29 14.17
CA UNK C 952 19.28 23.24 14.51
C UNK C 952 19.03 23.33 16.00
N UNK C 953 19.69 22.50 16.81
CA UNK C 953 19.60 22.63 18.25
C UNK C 953 20.69 23.51 18.83
N UNK C 954 21.75 23.76 18.08
CA UNK C 954 22.82 24.67 18.49
C UNK C 954 22.75 25.89 17.59
N UNK C 955 21.87 26.82 17.96
CA UNK C 955 21.62 28.03 17.20
C UNK C 955 21.05 29.07 18.15
N UNK C 956 20.51 30.15 17.60
CA UNK C 956 19.77 31.15 18.36
C UNK C 956 18.32 31.16 17.92
N UNK C 957 17.46 31.69 18.78
CA UNK C 957 16.03 31.73 18.48
C UNK C 957 15.68 32.79 17.46
N UNK C 958 16.54 33.81 17.28
CA UNK C 958 16.29 34.82 16.25
C UNK C 958 16.17 34.17 14.89
N UNK C 959 16.92 33.10 14.65
CA UNK C 959 16.84 32.39 13.38
C UNK C 959 15.64 31.46 13.32
N UNK C 960 15.09 31.07 14.48
CA UNK C 960 14.03 30.09 14.55
C UNK C 960 14.45 28.78 15.19
N UNK C 961 15.75 28.51 15.24
CA UNK C 961 16.24 27.30 15.86
C UNK C 961 16.41 27.45 17.37
N UNK C 962 16.47 26.30 18.04
CA UNK C 962 16.61 26.28 19.48
C UNK C 962 17.87 27.01 19.92
N UNK C 963 17.96 27.24 21.23
CA UNK C 963 19.08 27.97 21.83
C UNK C 963 20.09 27.06 22.49
N UNK C 964 19.99 25.75 22.29
CA UNK C 964 20.88 24.80 22.92
C UNK C 964 20.20 23.84 23.88
N UNK C 965 18.90 23.96 24.09
CA UNK C 965 18.18 23.07 24.98
C UNK C 965 17.70 21.86 24.21
N UNK C 966 16.84 21.04 24.84
CA UNK C 966 16.37 19.81 24.22
C UNK C 966 14.86 19.72 24.31
N UNK C 967 14.28 20.38 25.32
CA UNK C 967 12.83 20.46 25.42
C UNK C 967 12.23 21.04 24.14
N UNK C 968 12.70 22.21 23.73
CA UNK C 968 12.27 22.86 22.49
C UNK C 968 12.64 22.07 21.25
N UNK C 969 13.34 20.95 21.40
CA UNK C 969 13.70 20.12 20.26
C UNK C 969 12.76 18.94 20.09
N UNK C 970 11.97 18.67 21.13
CA UNK C 970 10.93 17.64 21.08
C UNK C 970 9.53 18.24 20.99
N UNK C 971 9.28 19.32 21.74
CA UNK C 971 8.05 20.08 21.55
C UNK C 971 7.86 20.39 20.07
N UNK C 972 8.94 20.81 19.41
CA UNK C 972 8.86 21.29 18.04
C UNK C 972 8.88 20.17 17.01
N UNK C 973 9.13 18.93 17.43
CA UNK C 973 8.95 17.79 16.54
C UNK C 973 7.57 17.16 16.73
N UNK C 974 6.93 17.35 17.88
CA UNK C 974 5.57 16.87 18.07
C UNK C 974 4.56 17.84 17.47
N UNK C 975 4.79 19.14 17.64
CA UNK C 975 3.90 20.16 17.12
C UNK C 975 3.84 20.18 15.60
N UNK C 976 4.68 19.40 14.93
CA UNK C 976 4.63 19.26 13.48
C UNK C 976 3.88 18.00 13.05
N UNK C 977 4.08 16.89 13.77
CA UNK C 977 3.31 15.69 13.47
C UNK C 977 1.83 15.94 13.75
N UNK C 978 1.53 16.70 14.79
CA UNK C 978 0.14 17.08 15.02
C UNK C 978 -0.36 18.11 14.02
N UNK C 979 0.42 18.45 13.01
CA UNK C 979 0.05 19.45 12.02
C UNK C 979 0.15 18.94 10.59
N UNK C 980 0.83 17.82 10.37
CA UNK C 980 0.97 17.24 9.04
C UNK C 980 -0.05 16.13 8.78
N UNK C 981 -0.58 15.53 9.83
CA UNK C 981 -1.60 14.51 9.66
C UNK C 981 -2.96 15.11 9.31
N UNK C 982 -3.21 16.34 9.75
CA UNK C 982 -4.50 16.98 9.51
C UNK C 982 -4.86 16.97 8.03
N UNK C 983 -3.88 17.20 7.16
CA UNK C 983 -4.10 17.19 5.72
C UNK C 983 -3.89 15.81 5.11
N UNK C 984 -3.83 14.77 5.93
CA UNK C 984 -3.69 13.39 5.48
C UNK C 984 -4.66 12.49 6.23
N UNK C 985 -5.93 12.90 6.29
CA UNK C 985 -6.95 12.07 6.93
C UNK C 985 -6.85 10.64 6.42
N UNK C 986 -6.76 10.47 5.11
CA UNK C 986 -6.32 9.23 4.47
C UNK C 986 -7.10 8.03 5.03
N UNK C 987 -8.39 8.00 4.70
CA UNK C 987 -9.27 6.94 5.15
C UNK C 987 -8.86 5.61 4.52
N UNK C 988 -9.58 4.55 4.89
CA UNK C 988 -9.27 3.21 4.42
C UNK C 988 -10.56 2.49 4.04
N UNK C 989 -10.45 1.62 3.04
CA UNK C 989 -11.56 0.79 2.59
C UNK C 989 -11.02 -0.22 1.58
N UNK C 990 -11.55 -1.44 1.65
CA UNK C 990 -11.08 -2.52 0.79
C UNK C 990 -12.15 -3.05 -0.15
N UNK C 991 -13.32 -3.41 0.37
CA UNK C 991 -14.38 -3.93 -0.47
C UNK C 991 -14.92 -2.84 -1.38
N UNK C 992 -15.06 -3.16 -2.67
CA UNK C 992 -15.57 -2.22 -3.67
C UNK C 992 -14.71 -0.96 -3.68
N UNK C 993 -13.43 -1.15 -4.00
CA UNK C 993 -12.46 -0.07 -3.95
C UNK C 993 -12.76 0.96 -5.02
N UNK C 994 -13.02 2.19 -4.58
CA UNK C 994 -13.01 3.34 -5.50
C UNK C 994 -11.57 3.61 -5.89
N UNK C 995 -11.26 3.46 -7.18
CA UNK C 995 -9.88 3.46 -7.64
C UNK C 995 -9.22 4.77 -7.22
N UNK C 996 -8.21 4.66 -6.35
CA UNK C 996 -7.50 5.85 -5.84
C UNK C 996 -6.19 5.37 -5.25
N UNK C 997 -5.08 5.81 -5.85
CA UNK C 997 -3.77 5.42 -5.36
C UNK C 997 -3.52 5.99 -3.97
N UNK C 998 -2.69 5.30 -3.21
CA UNK C 998 -2.31 5.75 -1.88
C UNK C 998 -0.97 6.45 -1.91
N UNK C 999 -0.84 7.49 -1.10
CA UNK C 999 0.40 8.25 -1.04
C UNK C 999 1.54 7.36 -0.55
N UNK C 1000 2.64 7.35 -1.30
CA UNK C 1000 3.74 6.47 -0.98
C UNK C 1000 4.26 6.76 0.43
N UNK C 1001 5.12 5.86 0.92
CA UNK C 1001 5.64 5.97 2.27
C UNK C 1001 6.33 7.31 2.45
N UNK C 1002 5.74 8.18 3.26
CA UNK C 1002 6.33 9.48 3.50
C UNK C 1002 7.56 9.36 4.39
N UNK C 1003 8.36 10.42 4.42
CA UNK C 1003 9.48 10.48 5.34
C UNK C 1003 9.09 10.38 6.80
N UNK C 1004 7.79 10.43 7.10
CA UNK C 1004 7.31 10.24 8.45
C UNK C 1004 7.80 8.91 9.00
N UNK C 1005 7.72 8.72 10.31
CA UNK C 1005 8.28 7.54 10.93
C UNK C 1005 9.74 7.75 11.25
N UNK C 1006 10.57 7.86 10.20
CA UNK C 1006 11.97 8.21 10.39
C UNK C 1006 12.13 9.33 11.40
N UNK C 1007 11.33 10.39 11.25
CA UNK C 1007 11.39 11.50 12.19
C UNK C 1007 11.14 11.01 13.60
N UNK C 1008 10.14 10.14 13.77
CA UNK C 1008 9.80 9.66 15.10
C UNK C 1008 10.84 8.70 15.67
N UNK C 1009 11.78 8.25 14.85
CA UNK C 1009 12.91 7.48 15.35
C UNK C 1009 14.05 8.37 15.80
N UNK C 1010 14.19 9.55 15.18
CA UNK C 1010 15.15 10.55 15.63
C UNK C 1010 14.61 11.36 16.81
N UNK C 1011 13.43 11.03 17.31
CA UNK C 1011 12.88 11.66 18.50
C UNK C 1011 13.02 10.80 19.74
N UNK C 1012 13.27 9.51 19.58
CA UNK C 1012 13.58 8.65 20.72
C UNK C 1012 15.07 8.56 20.99
N UNK C 1013 15.90 8.61 19.95
CA UNK C 1013 17.33 8.77 20.14
C UNK C 1013 17.66 10.02 20.93
N UNK C 1014 16.72 10.96 21.01
CA UNK C 1014 16.87 12.19 21.77
C UNK C 1014 16.19 12.14 23.12
N UNK C 1015 15.18 11.28 23.28
CA UNK C 1015 14.53 11.14 24.57
C UNK C 1015 15.36 10.28 25.51
N UNK C 1016 16.11 9.32 24.98
CA UNK C 1016 17.02 8.53 25.79
C UNK C 1016 18.22 9.32 26.27
N UNK C 1017 18.29 10.61 25.99
CA UNK C 1017 19.41 11.45 26.40
C UNK C 1017 19.02 12.46 27.46
N UNK C 1018 17.78 12.44 27.94
CA UNK C 1018 17.35 13.29 29.04
C UNK C 1018 16.67 12.50 30.14
N UNK C 1019 16.41 11.22 29.95
CA UNK C 1019 16.00 10.34 31.02
C UNK C 1019 17.13 9.44 31.49
N UNK C 1020 18.08 9.09 30.62
CA UNK C 1020 19.31 8.42 31.01
C UNK C 1020 20.36 9.51 31.24
N UNK C 1021 20.59 9.86 32.49
CA UNK C 1021 21.53 10.93 32.82
C UNK C 1021 21.81 10.87 34.31
N UNK C 1022 22.54 11.87 34.81
CA UNK C 1022 22.92 11.95 36.22
C UNK C 1022 22.31 13.13 36.94
N UNK C 1023 21.56 13.98 36.24
CA UNK C 1023 20.88 15.15 36.80
C UNK C 1023 19.44 15.19 36.32
N UNK C 1024 18.74 14.06 36.45
CA UNK C 1024 17.45 13.90 35.81
C UNK C 1024 16.49 15.03 36.17
N UNK C 1025 16.11 15.11 37.44
CA UNK C 1025 15.06 16.03 37.86
C UNK C 1025 13.83 15.84 36.98
N UNK C 1026 13.21 14.68 37.14
CA UNK C 1026 12.30 14.14 36.14
C UNK C 1026 10.93 14.75 36.12
N UNK C 1027 10.84 15.96 35.56
CA UNK C 1027 9.58 16.65 35.33
C UNK C 1027 9.16 16.42 33.88
N UNK C 1028 7.86 16.23 33.67
CA UNK C 1028 7.32 15.95 32.35
C UNK C 1028 6.03 16.71 32.10
N UNK C 1029 5.83 17.84 32.79
CA UNK C 1029 4.67 18.66 32.51
C UNK C 1029 4.61 19.03 31.04
N UNK C 1030 5.76 19.34 30.45
CA UNK C 1030 5.82 19.52 29.01
C UNK C 1030 5.60 18.18 28.32
N UNK C 1031 5.36 18.25 27.01
CA UNK C 1031 5.07 17.12 26.14
C UNK C 1031 3.63 16.64 26.35
N UNK C 1032 2.93 17.11 27.36
CA UNK C 1032 1.51 16.84 27.56
C UNK C 1032 0.64 18.08 27.43
N UNK C 1033 1.12 19.23 27.89
CA UNK C 1033 0.44 20.48 27.59
C UNK C 1033 0.48 20.82 26.11
N UNK C 1034 1.28 20.10 25.33
CA UNK C 1034 1.26 20.25 23.88
C UNK C 1034 0.05 19.57 23.26
N UNK C 1035 -0.51 18.56 23.92
CA UNK C 1035 -1.73 17.91 23.46
C UNK C 1035 -2.98 18.60 23.98
N UNK C 1036 -2.89 19.33 25.08
CA UNK C 1036 -4.01 20.08 25.61
C UNK C 1036 -4.40 21.27 24.75
N UNK C 1037 -3.75 21.47 23.60
CA UNK C 1037 -4.05 22.58 22.71
C UNK C 1037 -4.83 22.12 21.48
N UNK C 1038 -4.33 21.09 20.80
CA UNK C 1038 -5.04 20.56 19.64
C UNK C 1038 -6.44 20.12 20.00
N UNK C 1039 -6.64 19.59 21.22
CA UNK C 1039 -7.96 19.19 21.67
C UNK C 1039 -8.80 20.38 22.11
N UNK C 1040 -8.25 21.59 22.10
CA UNK C 1040 -9.00 22.81 22.38
C UNK C 1040 -9.23 23.66 21.15
N UNK C 1041 -8.47 23.44 20.07
CA UNK C 1041 -8.79 24.10 18.81
C UNK C 1041 -10.22 23.78 18.39
N UNK C 1042 -10.61 22.51 18.50
CA UNK C 1042 -11.99 22.07 18.29
C UNK C 1042 -12.34 21.16 19.46
N UNK C 1043 -12.81 21.77 20.55
CA UNK C 1043 -13.16 20.98 21.74
C UNK C 1043 -14.27 19.99 21.43
N UNK C 1044 -15.29 20.43 20.69
CA UNK C 1044 -16.39 19.56 20.33
C UNK C 1044 -16.58 19.40 18.84
N UNK C 1045 -16.16 20.40 18.06
CA UNK C 1045 -16.36 20.38 16.62
C UNK C 1045 -15.50 21.45 15.97
N UNK C 1046 -14.76 21.06 14.93
CA UNK C 1046 -13.98 22.01 14.14
C UNK C 1046 -14.83 22.65 13.05
N UNK C 1047 -16.01 23.17 13.44
CA UNK C 1047 -17.00 23.66 12.50
C UNK C 1047 -17.39 22.55 11.51
N UNK C 1048 -17.02 21.30 11.82
CA UNK C 1048 -17.32 20.16 10.99
C UNK C 1048 -16.88 18.91 11.75
N UNK C 1049 -17.74 17.89 11.75
CA UNK C 1049 -17.47 16.66 12.50
C UNK C 1049 -16.89 15.60 11.56
N UNK C 1050 -15.60 15.77 11.27
CA UNK C 1050 -14.87 14.82 10.43
C UNK C 1050 -13.52 14.42 10.99
N UNK C 1051 -12.94 15.19 11.90
CA UNK C 1051 -11.62 14.90 12.47
C UNK C 1051 -11.68 15.10 13.99
N UNK C 1052 -12.67 14.49 14.62
CA UNK C 1052 -12.93 14.76 16.03
C UNK C 1052 -11.74 14.37 16.90
N UNK C 1053 -11.81 14.79 18.15
CA UNK C 1053 -10.80 14.45 19.14
C UNK C 1053 -10.48 12.96 19.11
N UNK C 1054 -11.50 12.13 19.31
CA UNK C 1054 -11.32 10.69 19.46
C UNK C 1054 -11.30 9.97 18.12
N UNK C 1055 -10.96 10.65 17.04
CA UNK C 1055 -10.93 10.04 15.72
C UNK C 1055 -9.53 10.02 15.11
N UNK C 1056 -8.83 11.15 15.12
CA UNK C 1056 -7.59 11.25 14.38
C UNK C 1056 -6.47 11.98 15.07
N UNK C 1057 -6.72 12.48 16.28
CA UNK C 1057 -5.70 13.13 17.09
C UNK C 1057 -5.33 12.29 18.30
N UNK C 1058 -6.32 11.63 18.91
CA UNK C 1058 -6.05 10.70 19.99
C UNK C 1058 -5.51 9.37 19.51
N UNK C 1059 -5.27 9.24 18.20
CA UNK C 1059 -4.56 8.09 17.66
C UNK C 1059 -3.14 8.44 17.27
N UNK C 1060 -2.74 9.71 17.42
CA UNK C 1060 -1.35 10.12 17.30
C UNK C 1060 -0.72 10.42 18.65
N UNK C 1061 -1.50 10.89 19.62
CA UNK C 1061 -1.04 10.94 21.01
C UNK C 1061 -0.76 9.56 21.57
N UNK C 1062 -1.03 8.50 20.80
CA UNK C 1062 -0.66 7.14 21.15
C UNK C 1062 0.47 6.62 20.28
N UNK C 1063 0.38 6.83 18.96
CA UNK C 1063 1.46 6.45 18.07
C UNK C 1063 2.76 7.11 18.50
N UNK C 1064 2.68 8.30 19.08
CA UNK C 1064 3.86 8.95 19.64
C UNK C 1064 4.23 8.32 20.97
N UNK C 1065 3.28 8.32 21.92
CA UNK C 1065 3.54 7.87 23.28
C UNK C 1065 3.99 6.42 23.35
N UNK C 1066 3.88 5.67 22.25
CA UNK C 1066 4.34 4.29 22.20
C UNK C 1066 5.78 4.17 21.71
N UNK C 1067 6.12 4.86 20.64
CA UNK C 1067 7.46 4.83 20.11
C UNK C 1067 8.52 5.22 21.12
N UNK C 1068 8.09 5.84 22.21
CA UNK C 1068 9.00 6.22 23.29
C UNK C 1068 9.30 4.98 24.11
N UNK C 1069 10.19 5.09 25.09
CA UNK C 1069 10.42 3.99 26.01
C UNK C 1069 9.31 3.89 27.03
N UNK C 1070 9.16 2.74 27.68
CA UNK C 1070 8.10 2.62 28.70
C UNK C 1070 8.48 3.28 30.02
N UNK C 1071 9.55 4.08 30.02
CA UNK C 1071 9.98 4.77 31.22
C UNK C 1071 9.54 6.22 31.24
N UNK C 1072 9.41 6.83 30.06
CA UNK C 1072 9.07 8.25 30.00
C UNK C 1072 7.73 8.52 30.68
N UNK C 1073 6.83 7.54 30.64
CA UNK C 1073 5.53 7.71 31.27
C UNK C 1073 5.61 7.89 32.77
N UNK C 1074 6.77 7.64 33.38
CA UNK C 1074 6.95 7.76 34.81
C UNK C 1074 7.90 8.91 35.09
N UNK C 1075 7.80 9.47 36.29
CA UNK C 1075 8.47 10.74 36.60
C UNK C 1075 9.94 10.53 36.93
N UNK C 1076 10.22 9.71 37.95
CA UNK C 1076 11.58 9.52 38.45
C UNK C 1076 12.14 10.79 39.08
N UNK C 1077 11.55 11.32 40.15
CA UNK C 1077 12.19 12.42 40.88
C UNK C 1077 13.51 11.98 41.49
N UNK C 1078 14.31 12.98 41.85
CA UNK C 1078 15.63 12.75 42.44
C UNK C 1078 15.87 13.75 43.57
N UNK C 1079 14.87 13.91 44.45
CA UNK C 1079 14.89 14.96 45.46
C UNK C 1079 16.27 15.15 46.10
N UNK C 1080 16.79 14.10 46.73
CA UNK C 1080 18.10 14.16 47.39
C UNK C 1080 18.88 12.87 47.14
N UNK C 1081 18.83 12.37 45.91
CA UNK C 1081 19.43 11.09 45.58
C UNK C 1081 18.61 9.88 45.95
N UNK C 1082 17.63 10.03 46.86
CA UNK C 1082 16.77 8.91 47.23
C UNK C 1082 16.09 8.35 45.98
N UNK C 1083 15.62 9.23 45.10
CA UNK C 1083 15.02 8.84 43.83
C UNK C 1083 13.82 7.93 44.04
N UNK C 1084 12.79 8.52 44.66
CA UNK C 1084 11.53 7.82 44.81
C UNK C 1084 10.81 7.75 43.47
N UNK C 1085 9.59 7.23 43.48
CA UNK C 1085 8.82 7.01 42.26
C UNK C 1085 7.42 7.57 42.43
N UNK C 1086 6.75 7.72 41.29
CA UNK C 1086 5.41 8.27 41.25
C UNK C 1086 5.08 8.75 39.86
N UNK C 1087 3.79 9.04 39.67
CA UNK C 1087 3.32 9.60 38.41
C UNK C 1087 2.12 10.49 38.69
N UNK C 1088 2.14 11.69 38.12
CA UNK C 1088 1.05 12.64 38.28
C UNK C 1088 0.70 13.37 37.01
N UNK C 1089 1.32 13.04 35.88
CA UNK C 1089 1.04 13.66 34.60
C UNK C 1089 0.58 12.67 33.55
N UNK C 1090 0.56 11.38 33.86
CA UNK C 1090 -0.09 10.38 33.02
C UNK C 1090 -1.44 9.96 33.57
N UNK C 1091 -1.68 10.15 34.86
CA UNK C 1091 -2.99 9.93 35.44
C UNK C 1091 -3.93 11.07 35.10
N UNK C 1092 -3.53 12.29 35.46
CA UNK C 1092 -4.29 13.49 35.10
C UNK C 1092 -4.56 13.60 33.61
N UNK C 1093 -3.84 12.85 32.78
CA UNK C 1093 -4.05 12.85 31.34
C UNK C 1093 -4.84 11.63 30.86
N UNK C 1094 -4.58 10.45 31.42
CA UNK C 1094 -5.34 9.28 31.01
C UNK C 1094 -6.77 9.39 31.46
N UNK C 1095 -7.04 10.19 32.49
CA UNK C 1095 -8.43 10.49 32.83
C UNK C 1095 -9.10 11.36 31.80
N UNK C 1096 -8.42 11.69 30.70
CA UNK C 1096 -9.05 12.43 29.60
C UNK C 1096 -8.63 11.92 28.24
N UNK C 1097 -8.13 10.68 28.14
CA UNK C 1097 -7.96 10.02 26.86
C UNK C 1097 -8.60 8.63 26.85
N UNK C 1098 -9.24 8.23 27.96
CA UNK C 1098 -10.06 7.04 27.95
C UNK C 1098 -11.29 7.21 27.06
N UNK C 1099 -11.65 8.45 26.74
CA UNK C 1099 -12.78 8.68 25.84
C UNK C 1099 -12.51 8.13 24.44
N UNK C 1100 -11.28 7.69 24.19
CA UNK C 1100 -10.91 7.13 22.89
C UNK C 1100 -11.61 5.81 22.60
N UNK C 1101 -11.41 4.80 23.43
CA UNK C 1101 -11.86 3.45 23.12
C UNK C 1101 -13.37 3.36 23.33
N UNK C 1102 -14.11 3.55 22.23
CA UNK C 1102 -15.54 3.30 22.22
C UNK C 1102 -15.93 1.83 22.13
N UNK C 1103 -15.01 0.94 21.72
CA UNK C 1103 -15.36 -0.48 21.70
C UNK C 1103 -16.01 -1.01 22.97
N UNK C 1104 -15.36 -0.80 24.13
CA UNK C 1104 -15.86 -1.36 25.39
C UNK C 1104 -16.52 -0.28 26.22
N UNK C 1105 -15.82 0.81 26.53
CA UNK C 1105 -16.34 1.88 27.34
C UNK C 1105 -15.88 1.86 28.76
N UNK C 1106 -15.65 0.69 29.33
CA UNK C 1106 -15.14 0.55 30.69
C UNK C 1106 -13.67 0.18 30.73
N UNK C 1107 -12.93 0.39 29.65
CA UNK C 1107 -11.56 -0.08 29.58
C UNK C 1107 -10.77 0.73 28.56
N UNK C 1108 -9.48 0.84 28.82
CA UNK C 1108 -8.54 1.33 27.84
C UNK C 1108 -8.25 0.23 26.83
N UNK C 1109 -7.45 0.52 25.80
CA UNK C 1109 -6.92 -0.59 24.99
C UNK C 1109 -5.90 -1.37 25.78
N UNK C 1110 -5.31 -2.40 25.17
CA UNK C 1110 -4.30 -3.20 25.85
C UNK C 1110 -2.91 -2.62 25.64
N UNK C 1111 -2.61 -2.21 24.42
CA UNK C 1111 -1.26 -1.79 24.04
C UNK C 1111 -0.81 -0.52 24.75
N UNK C 1112 -1.70 0.19 25.43
CA UNK C 1112 -1.30 1.33 26.26
C UNK C 1112 -1.44 1.00 27.74
N UNK C 1113 -1.69 -0.26 28.07
CA UNK C 1113 -1.66 -0.72 29.45
C UNK C 1113 -0.45 -1.60 29.74
N UNK C 1114 0.20 -2.11 28.71
CA UNK C 1114 1.41 -2.90 28.91
C UNK C 1114 2.62 -2.02 29.19
N UNK C 1115 2.75 -0.91 28.48
CA UNK C 1115 3.89 -0.02 28.70
C UNK C 1115 3.96 0.45 30.14
N UNK C 1116 2.83 0.85 30.72
CA UNK C 1116 2.83 1.32 32.10
C UNK C 1116 3.40 0.26 33.04
N UNK C 1117 2.72 -0.89 33.15
CA UNK C 1117 3.17 -1.92 34.08
C UNK C 1117 4.58 -2.40 33.75
N UNK C 1118 4.97 -2.31 32.48
CA UNK C 1118 6.32 -2.66 32.06
C UNK C 1118 7.31 -1.53 32.31
N UNK C 1119 6.86 -0.38 32.80
CA UNK C 1119 7.74 0.73 33.10
C UNK C 1119 8.11 0.80 34.56
N UNK C 1120 7.12 0.70 35.44
CA UNK C 1120 7.36 0.63 36.88
C UNK C 1120 8.36 -0.45 37.24
N UNK C 1121 8.57 -1.41 36.36
CA UNK C 1121 9.57 -2.45 36.56
C UNK C 1121 10.92 -2.04 35.98
N UNK C 1122 10.91 -1.23 34.93
CA UNK C 1122 12.14 -0.72 34.33
C UNK C 1122 12.59 0.60 34.95
N UNK C 1123 11.96 1.01 36.04
CA UNK C 1123 12.33 2.22 36.77
C UNK C 1123 12.76 1.95 38.19
N UNK C 1124 12.19 0.93 38.84
CA UNK C 1124 12.61 0.57 40.18
C UNK C 1124 14.11 0.26 40.23
N UNK C 1125 14.67 -0.19 39.11
CA UNK C 1125 16.10 -0.47 39.04
C UNK C 1125 16.90 0.68 39.64
N UNK C 1126 16.65 1.90 39.15
CA UNK C 1126 17.40 3.05 39.63
C UNK C 1126 17.29 3.20 41.14
N UNK C 1127 16.13 2.89 41.70
CA UNK C 1127 15.95 2.98 43.14
C UNK C 1127 16.84 1.95 43.84
N UNK C 1128 16.86 2.00 45.17
CA UNK C 1128 17.67 1.07 45.93
C UNK C 1128 16.97 -0.27 46.11
N UNK C 1129 15.81 -0.26 46.76
CA UNK C 1129 14.99 -1.46 46.96
C UNK C 1129 13.96 -1.50 45.84
N UNK C 1130 14.26 -2.25 44.78
CA UNK C 1130 13.40 -2.24 43.60
C UNK C 1130 12.06 -2.94 43.83
N UNK C 1131 11.82 -3.47 45.03
CA UNK C 1131 10.56 -4.14 45.35
C UNK C 1131 9.86 -3.50 46.54
N UNK C 1132 10.05 -2.19 46.73
CA UNK C 1132 9.31 -1.46 47.75
C UNK C 1132 8.76 -0.15 47.21
N UNK C 1133 9.09 0.23 45.98
CA UNK C 1133 8.43 1.32 45.31
C UNK C 1133 7.18 0.87 44.58
N UNK C 1134 7.27 -0.26 43.87
CA UNK C 1134 6.10 -0.83 43.20
C UNK C 1134 4.94 -0.93 44.16
N UNK C 1135 5.13 -1.63 45.28
CA UNK C 1135 4.11 -1.70 46.30
C UNK C 1135 3.53 -0.33 46.65
N UNK C 1136 4.30 0.74 46.43
CA UNK C 1136 3.84 2.08 46.75
C UNK C 1136 3.06 2.70 45.60
N UNK C 1137 3.57 2.56 44.38
CA UNK C 1137 2.85 3.07 43.20
C UNK C 1137 1.49 2.37 43.10
N UNK C 1138 1.51 1.06 42.96
CA UNK C 1138 0.28 0.30 42.76
C UNK C 1138 -0.64 0.32 43.96
N UNK C 1139 -0.25 0.97 45.05
CA UNK C 1139 -1.13 1.24 46.17
C UNK C 1139 -1.65 2.67 46.17
N UNK C 1140 -0.88 3.61 45.63
CA UNK C 1140 -1.42 4.93 45.35
C UNK C 1140 -2.48 4.85 44.26
N UNK C 1141 -2.19 4.11 43.20
CA UNK C 1141 -3.23 3.62 42.33
C UNK C 1141 -4.19 2.75 43.16
N UNK C 1142 -5.31 2.39 42.55
CA UNK C 1142 -6.54 1.93 43.19
C UNK C 1142 -7.35 3.12 43.71
N UNK C 1143 -6.83 4.34 43.65
CA UNK C 1143 -7.55 5.49 44.13
C UNK C 1143 -7.36 6.73 43.27
N UNK C 1144 -6.54 6.68 42.22
CA UNK C 1144 -6.27 7.86 41.41
C UNK C 1144 -6.44 7.56 39.93
N UNK C 1145 -6.25 6.31 39.52
CA UNK C 1145 -6.39 5.91 38.12
C UNK C 1145 -6.86 4.48 38.04
N UNK C 1146 -8.09 4.21 38.49
CA UNK C 1146 -8.63 2.84 38.35
C UNK C 1146 -8.62 2.32 36.93
N UNK C 1147 -8.86 3.18 35.95
CA UNK C 1147 -9.09 2.74 34.58
C UNK C 1147 -7.94 1.94 33.99
N UNK C 1148 -6.79 1.88 34.65
CA UNK C 1148 -5.66 1.12 34.12
C UNK C 1148 -5.67 -0.32 34.57
N UNK C 1149 -6.08 -0.58 35.81
CA UNK C 1149 -6.16 -1.96 36.29
C UNK C 1149 -7.22 -2.73 35.53
N UNK C 1150 -8.44 -2.18 35.46
CA UNK C 1150 -9.55 -2.86 34.81
C UNK C 1150 -9.22 -3.22 33.37
N UNK C 1151 -8.25 -2.55 32.76
CA UNK C 1151 -7.75 -2.97 31.46
C UNK C 1151 -6.67 -4.04 31.56
N UNK C 1152 -6.15 -4.27 32.76
CA UNK C 1152 -5.27 -5.42 33.00
C UNK C 1152 -6.08 -6.66 33.29
N UNK C 1153 -6.97 -6.58 34.29
CA UNK C 1153 -7.93 -7.62 34.59
C UNK C 1153 -8.50 -8.24 33.32
N UNK C 1154 -8.86 -7.38 32.36
CA UNK C 1154 -9.41 -7.84 31.09
C UNK C 1154 -8.36 -8.46 30.18
N UNK C 1155 -7.10 -8.47 30.60
CA UNK C 1155 -6.03 -8.93 29.73
C UNK C 1155 -4.97 -9.76 30.42
N UNK C 1156 -5.17 -10.08 31.69
CA UNK C 1156 -4.19 -10.78 32.50
C UNK C 1156 -3.53 -11.93 31.75
N UNK C 1157 -4.28 -12.92 31.27
CA UNK C 1157 -3.64 -14.10 30.65
C UNK C 1157 -2.73 -13.77 29.48
N UNK C 1158 -2.73 -12.52 29.01
CA UNK C 1158 -1.81 -12.08 27.97
C UNK C 1158 -0.71 -11.19 28.51
N UNK C 1159 -0.63 -11.03 29.81
CA UNK C 1159 0.26 -10.05 30.43
C UNK C 1159 1.16 -10.63 31.50
N UNK C 1160 0.68 -11.60 32.27
CA UNK C 1160 1.50 -12.19 33.34
C UNK C 1160 2.83 -12.73 32.86
N UNK C 1161 2.91 -13.50 31.77
CA UNK C 1161 4.20 -14.06 31.35
C UNK C 1161 5.19 -13.03 30.85
N UNK C 1162 4.85 -11.75 30.88
CA UNK C 1162 5.80 -10.68 30.61
C UNK C 1162 6.38 -10.13 31.90
N UNK C 1163 5.52 -9.74 32.84
CA UNK C 1163 6.01 -9.26 34.11
C UNK C 1163 6.84 -10.32 34.81
N UNK C 1164 6.39 -11.58 34.77
CA UNK C 1164 7.14 -12.63 35.43
C UNK C 1164 8.51 -12.82 34.79
N UNK C 1165 8.56 -12.93 33.47
CA UNK C 1165 9.82 -13.13 32.77
C UNK C 1165 10.72 -11.91 32.82
N UNK C 1166 10.19 -10.76 33.21
CA UNK C 1166 11.03 -9.58 33.40
C UNK C 1166 11.61 -9.53 34.80
N UNK C 1167 10.77 -9.71 35.81
CA UNK C 1167 11.26 -9.73 37.18
C UNK C 1167 12.15 -10.95 37.44
N UNK C 1168 12.10 -11.96 36.59
CA UNK C 1168 13.00 -13.11 36.70
C UNK C 1168 14.19 -12.98 35.76
N UNK C 1169 14.26 -11.91 34.97
CA UNK C 1169 15.41 -11.64 34.12
C UNK C 1169 16.30 -10.53 34.65
N UNK C 1170 15.74 -9.58 35.40
CA UNK C 1170 16.57 -8.57 36.05
C UNK C 1170 17.28 -9.18 37.26
N UNK C 1171 16.52 -9.81 38.15
CA UNK C 1171 17.09 -10.43 39.33
C UNK C 1171 16.09 -11.42 39.90
N UNK C 1172 16.54 -12.65 40.13
CA UNK C 1172 15.67 -13.73 40.51
C UNK C 1172 15.24 -13.70 41.96
N UNK C 1173 14.32 -12.80 42.29
CA UNK C 1173 13.79 -12.67 43.63
C UNK C 1173 12.27 -12.75 43.55
N UNK C 1174 11.66 -13.19 44.65
CA UNK C 1174 10.22 -13.39 44.67
C UNK C 1174 9.49 -12.10 44.30
N UNK C 1175 8.26 -12.26 43.81
CA UNK C 1175 7.48 -11.14 43.32
C UNK C 1175 7.05 -10.26 44.48
N UNK C 1176 6.59 -9.04 44.19
CA UNK C 1176 6.05 -8.18 45.24
C UNK C 1176 4.61 -8.56 45.56
N UNK C 1177 4.08 -7.93 46.60
CA UNK C 1177 2.74 -8.23 47.09
C UNK C 1177 1.65 -7.47 46.33
N UNK C 1178 1.96 -6.97 45.13
CA UNK C 1178 0.94 -6.30 44.33
C UNK C 1178 0.92 -6.71 42.88
N UNK C 1179 1.92 -7.46 42.39
CA UNK C 1179 1.79 -8.21 41.15
C UNK C 1179 1.53 -9.68 41.41
N UNK C 1180 1.21 -10.03 42.64
CA UNK C 1180 0.92 -11.39 43.05
C UNK C 1180 -0.53 -11.56 43.45
N UNK C 1181 -1.06 -10.66 44.28
CA UNK C 1181 -2.48 -10.71 44.62
C UNK C 1181 -3.34 -10.93 43.40
N UNK C 1182 -2.94 -10.39 42.26
CA UNK C 1182 -3.73 -10.53 41.04
C UNK C 1182 -3.72 -11.97 40.53
N UNK C 1183 -2.56 -12.62 40.58
CA UNK C 1183 -2.51 -14.03 40.19
C UNK C 1183 -3.41 -14.88 41.08
N UNK C 1184 -3.42 -14.59 42.39
CA UNK C 1184 -4.28 -15.34 43.29
C UNK C 1184 -5.74 -15.09 42.99
N UNK C 1185 -6.11 -13.83 42.76
CA UNK C 1185 -7.49 -13.51 42.47
C UNK C 1185 -7.94 -14.02 41.11
N UNK C 1186 -7.00 -14.34 40.23
CA UNK C 1186 -7.34 -14.97 38.95
C UNK C 1186 -7.44 -16.49 39.07
N UNK C 1187 -6.59 -17.09 39.90
CA UNK C 1187 -6.62 -18.54 40.05
C UNK C 1187 -7.78 -18.98 40.92
N UNK C 1188 -8.19 -18.13 41.86
CA UNK C 1188 -9.38 -18.40 42.65
C UNK C 1188 -10.64 -18.22 41.82
N UNK C 1189 -10.46 -17.95 40.54
CA UNK C 1189 -11.56 -17.83 39.59
C UNK C 1189 -11.50 -18.94 38.54
N UNK C 1190 -10.39 -19.05 37.83
CA UNK C 1190 -10.28 -20.04 36.76
C UNK C 1190 -10.50 -21.47 37.27
N UNK C 1191 -10.46 -21.68 38.58
CA UNK C 1191 -10.75 -23.00 39.14
C UNK C 1191 -12.22 -23.13 39.50
N UNK C 1192 -12.70 -22.24 40.38
CA UNK C 1192 -14.07 -22.34 40.88
C UNK C 1192 -15.11 -22.23 39.77
N UNK C 1193 -14.80 -21.56 38.67
CA UNK C 1193 -15.68 -21.65 37.51
C UNK C 1193 -15.77 -23.08 36.99
N UNK C 1194 -14.68 -23.83 37.11
CA UNK C 1194 -14.68 -25.25 36.79
C UNK C 1194 -15.16 -26.03 38.01
N UNK C 1195 -16.27 -26.73 37.86
CA UNK C 1195 -16.78 -27.74 38.80
C UNK C 1195 -17.31 -27.15 40.10
N UNK C 1196 -17.00 -25.88 40.37
CA UNK C 1196 -17.67 -25.15 41.43
C UNK C 1196 -17.07 -25.44 42.79
N UNK C 1197 -16.41 -24.46 43.42
CA UNK C 1197 -16.04 -24.62 44.82
C UNK C 1197 -16.55 -23.46 45.68
N UNK C 1198 -16.11 -22.25 45.38
CA UNK C 1198 -16.37 -21.08 46.21
C UNK C 1198 -15.71 -19.87 45.56
N UNK C 1199 -15.81 -18.69 46.17
CA UNK C 1199 -15.01 -17.55 45.73
C UNK C 1199 -14.43 -16.87 46.96
N UNK C 1200 -13.30 -16.18 46.76
CA UNK C 1200 -12.53 -15.65 47.89
C UNK C 1200 -12.97 -14.23 48.26
N UNK C 1201 -13.36 -13.42 47.28
CA UNK C 1201 -13.88 -12.08 47.52
C UNK C 1201 -12.83 -11.21 48.22
N UNK C 1202 -11.76 -10.93 47.48
CA UNK C 1202 -10.69 -10.07 47.98
C UNK C 1202 -11.21 -8.68 48.28
N UNK C 1203 -10.33 -7.81 48.78
CA UNK C 1203 -10.75 -6.53 49.35
C UNK C 1203 -11.58 -5.71 48.36
N UNK C 1204 -10.98 -5.30 47.25
CA UNK C 1204 -11.62 -4.32 46.37
C UNK C 1204 -12.60 -5.03 45.44
N UNK C 1205 -13.90 -4.68 45.46
CA UNK C 1205 -14.88 -5.41 44.64
C UNK C 1205 -14.68 -5.26 43.14
N UNK C 1206 -14.64 -4.02 42.66
CA UNK C 1206 -14.76 -3.74 41.23
C UNK C 1206 -13.59 -4.28 40.42
N UNK C 1207 -12.65 -4.96 41.07
CA UNK C 1207 -11.58 -5.67 40.40
C UNK C 1207 -11.87 -7.17 40.32
N UNK C 1208 -12.31 -7.75 41.42
CA UNK C 1208 -12.78 -9.13 41.40
C UNK C 1208 -13.92 -9.31 40.40
N UNK C 1209 -14.86 -8.38 40.41
CA UNK C 1209 -15.99 -8.46 39.48
C UNK C 1209 -15.52 -8.42 38.04
N UNK C 1210 -14.54 -7.55 37.75
CA UNK C 1210 -13.99 -7.50 36.40
C UNK C 1210 -13.37 -8.83 36.01
N UNK C 1211 -12.51 -9.37 36.87
CA UNK C 1211 -11.94 -10.68 36.63
C UNK C 1211 -13.01 -11.70 36.28
N UNK C 1212 -14.01 -11.81 37.15
CA UNK C 1212 -15.07 -12.81 36.98
C UNK C 1212 -15.80 -12.62 35.66
N UNK C 1213 -16.32 -11.42 35.42
CA UNK C 1213 -17.13 -11.16 34.24
C UNK C 1213 -16.33 -11.40 32.97
N UNK C 1214 -15.11 -10.87 32.90
CA UNK C 1214 -14.31 -11.04 31.69
C UNK C 1214 -13.96 -12.50 31.46
N UNK C 1215 -13.70 -13.26 32.53
CA UNK C 1215 -13.39 -14.67 32.37
C UNK C 1215 -14.59 -15.42 31.82
N UNK C 1216 -15.77 -15.16 32.38
CA UNK C 1216 -17.00 -15.72 31.83
C UNK C 1216 -17.07 -15.45 30.33
N UNK C 1217 -17.02 -14.17 29.97
CA UNK C 1217 -17.13 -13.80 28.56
C UNK C 1217 -16.08 -14.52 27.71
N UNK C 1218 -14.89 -14.74 28.26
CA UNK C 1218 -13.81 -15.32 27.47
C UNK C 1218 -13.97 -16.83 27.31
N UNK C 1219 -14.63 -17.49 28.24
CA UNK C 1219 -14.84 -18.93 28.16
C UNK C 1219 -16.17 -19.31 27.53
N UNK C 1220 -17.00 -18.33 27.17
CA UNK C 1220 -18.28 -18.53 26.50
C UNK C 1220 -19.30 -19.21 27.39
N UNK C 1221 -19.05 -19.30 28.70
CA UNK C 1221 -20.00 -19.82 29.67
C UNK C 1221 -21.29 -19.02 29.61
N UNK C 1222 -22.37 -19.52 30.20
CA UNK C 1222 -23.60 -18.74 30.30
C UNK C 1222 -23.51 -17.77 31.46
N UNK C 1223 -24.62 -17.06 31.69
CA UNK C 1223 -24.71 -16.06 32.76
C UNK C 1223 -25.44 -16.60 33.99
N UNK C 1224 -25.34 -17.90 34.24
CA UNK C 1224 -25.94 -18.51 35.42
C UNK C 1224 -24.91 -19.03 36.42
N UNK C 1225 -23.69 -19.33 35.97
CA UNK C 1225 -22.63 -19.66 36.91
C UNK C 1225 -22.22 -18.43 37.70
N UNK C 1226 -22.09 -17.29 37.01
CA UNK C 1226 -21.64 -16.05 37.64
C UNK C 1226 -22.40 -15.74 38.91
N UNK C 1227 -23.65 -16.17 39.01
CA UNK C 1227 -24.52 -15.74 40.10
C UNK C 1227 -24.67 -16.79 41.20
N UNK C 1228 -24.20 -18.01 40.99
CA UNK C 1228 -24.30 -19.05 42.01
C UNK C 1228 -23.00 -19.29 42.75
N UNK C 1229 -21.85 -19.03 42.13
CA UNK C 1229 -20.56 -19.17 42.82
C UNK C 1229 -20.25 -17.80 43.43
N UNK C 1230 -20.84 -17.55 44.59
CA UNK C 1230 -20.68 -16.27 45.26
C UNK C 1230 -21.17 -16.40 46.69
N UNK C 1231 -20.56 -15.63 47.58
CA UNK C 1231 -20.96 -15.59 48.97
C UNK C 1231 -22.41 -15.10 49.09
N UNK C 1232 -23.01 -15.39 50.24
CA UNK C 1232 -24.35 -14.94 50.54
C UNK C 1232 -24.45 -14.30 51.91
N UNK C 1233 -23.38 -14.39 52.69
CA UNK C 1233 -23.33 -13.84 54.04
C UNK C 1233 -22.30 -12.74 54.20
N UNK C 1234 -21.60 -12.37 53.12
CA UNK C 1234 -20.55 -11.37 53.23
C UNK C 1234 -21.13 -9.96 53.12
N UNK C 1235 -20.46 -9.02 53.78
CA UNK C 1235 -20.81 -7.61 53.64
C UNK C 1235 -20.31 -7.01 52.34
N UNK C 1236 -19.57 -7.79 51.54
CA UNK C 1236 -19.01 -7.33 50.27
C UNK C 1236 -19.57 -8.16 49.12
N UNK C 1237 -20.86 -8.47 49.18
CA UNK C 1237 -21.52 -9.22 48.12
C UNK C 1237 -22.21 -8.28 47.12
N UNK C 1238 -23.13 -7.46 47.62
CA UNK C 1238 -23.87 -6.55 46.75
C UNK C 1238 -22.93 -5.71 45.90
N UNK C 1239 -21.91 -5.11 46.53
CA UNK C 1239 -20.98 -4.23 45.85
C UNK C 1239 -20.30 -4.94 44.68
N UNK C 1240 -20.46 -6.25 44.60
CA UNK C 1240 -20.01 -6.99 43.42
C UNK C 1240 -21.12 -7.06 42.38
N UNK C 1241 -22.37 -7.19 42.83
CA UNK C 1241 -23.48 -7.32 41.90
C UNK C 1241 -23.76 -6.02 41.18
N UNK C 1242 -23.66 -4.89 41.88
CA UNK C 1242 -23.78 -3.59 41.24
C UNK C 1242 -22.77 -3.46 40.11
N UNK C 1243 -21.49 -3.64 40.44
CA UNK C 1243 -20.45 -3.64 39.44
C UNK C 1243 -20.74 -4.60 38.30
N UNK C 1244 -21.36 -5.74 38.59
CA UNK C 1244 -21.64 -6.70 37.53
C UNK C 1244 -22.74 -6.22 36.61
N UNK C 1245 -23.69 -5.47 37.17
CA UNK C 1245 -24.75 -4.86 36.37
C UNK C 1245 -24.19 -3.78 35.46
N UNK C 1246 -23.17 -3.07 35.93
CA UNK C 1246 -22.61 -1.96 35.16
C UNK C 1246 -22.05 -2.42 33.82
N UNK C 1247 -21.19 -3.44 33.84
CA UNK C 1247 -20.61 -3.93 32.59
C UNK C 1247 -21.67 -4.45 31.64
N UNK C 1248 -22.73 -5.08 32.18
CA UNK C 1248 -23.82 -5.53 31.33
C UNK C 1248 -24.48 -4.37 30.62
N UNK C 1249 -24.78 -3.31 31.37
CA UNK C 1249 -25.31 -2.10 30.77
C UNK C 1249 -24.42 -1.65 29.62
N UNK C 1250 -23.13 -1.47 29.90
CA UNK C 1250 -22.21 -1.00 28.88
C UNK C 1250 -22.15 -1.92 27.67
N UNK C 1251 -22.29 -3.23 27.86
CA UNK C 1251 -22.27 -4.13 26.71
C UNK C 1251 -23.53 -3.99 25.88
N UNK C 1252 -24.67 -3.81 26.53
CA UNK C 1252 -25.89 -3.45 25.80
C UNK C 1252 -25.62 -2.23 24.93
N UNK C 1253 -25.07 -1.18 25.55
CA UNK C 1253 -24.90 0.07 24.84
C UNK C 1253 -23.94 -0.09 23.67
N UNK C 1254 -22.92 -0.94 23.81
CA UNK C 1254 -22.05 -1.18 22.67
C UNK C 1254 -22.77 -1.93 21.57
N UNK C 1255 -23.57 -2.93 21.93
CA UNK C 1255 -24.33 -3.65 20.92
C UNK C 1255 -25.32 -2.75 20.21
N UNK C 1256 -25.74 -1.64 20.84
CA UNK C 1256 -26.60 -0.70 20.15
C UNK C 1256 -25.83 0.08 19.10
N UNK C 1257 -24.61 0.50 19.40
CA UNK C 1257 -23.80 1.19 18.40
C UNK C 1257 -23.09 0.21 17.48
N UNK C 1258 -23.80 -0.81 17.02
CA UNK C 1258 -23.30 -1.72 16.00
C UNK C 1258 -24.53 -2.41 15.42
N UNK C 1259 -25.01 -1.94 14.27
CA UNK C 1259 -26.24 -2.46 13.69
C UNK C 1259 -27.37 -2.43 14.73
N UNK C 1260 -27.73 -1.20 15.09
CA UNK C 1260 -28.58 -0.94 16.24
C UNK C 1260 -29.69 -1.94 16.49
N UNK C 1261 -29.68 -2.53 17.68
CA UNK C 1261 -30.69 -3.48 18.12
C UNK C 1261 -30.59 -3.57 19.65
N UNK C 1262 -31.25 -4.57 20.23
CA UNK C 1262 -31.43 -4.64 21.67
C UNK C 1262 -30.68 -5.78 22.35
N UNK C 1263 -30.45 -6.90 21.68
CA UNK C 1263 -29.75 -8.04 22.27
C UNK C 1263 -30.50 -8.53 23.52
N UNK C 1264 -31.71 -9.03 23.27
CA UNK C 1264 -32.65 -9.34 24.35
C UNK C 1264 -31.99 -10.08 25.50
N UNK C 1265 -31.17 -11.09 25.20
CA UNK C 1265 -30.66 -11.97 26.25
C UNK C 1265 -30.06 -11.20 27.42
N UNK C 1266 -29.24 -10.18 27.16
CA UNK C 1266 -28.62 -9.44 28.24
C UNK C 1266 -29.65 -8.80 29.16
N UNK C 1267 -30.70 -8.20 28.60
CA UNK C 1267 -31.75 -7.61 29.43
C UNK C 1267 -32.33 -8.60 30.42
N UNK C 1268 -32.13 -9.90 30.21
CA UNK C 1268 -32.54 -10.89 31.18
C UNK C 1268 -31.52 -11.03 32.31
N UNK C 1269 -30.25 -11.23 31.97
CA UNK C 1269 -29.22 -11.33 33.00
C UNK C 1269 -29.43 -10.26 34.07
N UNK C 1270 -29.48 -9.00 33.64
CA UNK C 1270 -29.58 -7.91 34.60
C UNK C 1270 -30.74 -8.12 35.57
N UNK C 1271 -31.92 -8.46 35.07
CA UNK C 1271 -33.06 -8.56 35.98
C UNK C 1271 -32.79 -9.64 37.02
N UNK C 1272 -32.22 -10.78 36.59
CA UNK C 1272 -31.82 -11.78 37.57
C UNK C 1272 -30.94 -11.15 38.63
N UNK C 1273 -29.88 -10.47 38.20
CA UNK C 1273 -28.99 -9.79 39.14
C UNK C 1273 -29.80 -8.98 40.13
N UNK C 1274 -30.77 -8.21 39.63
CA UNK C 1274 -31.55 -7.34 40.51
C UNK C 1274 -32.33 -8.18 41.51
N UNK C 1275 -32.98 -9.24 41.03
CA UNK C 1275 -33.70 -10.11 41.95
C UNK C 1275 -32.76 -10.80 42.92
N UNK C 1276 -31.48 -10.93 42.54
CA UNK C 1276 -30.52 -11.56 43.46
C UNK C 1276 -30.07 -10.60 44.55
N UNK C 1277 -30.52 -9.34 44.49
CA UNK C 1277 -30.17 -8.35 45.50
C UNK C 1277 -31.40 -7.59 46.01
N UNK C 1278 -32.58 -7.89 45.50
CA UNK C 1278 -33.79 -7.20 45.95
C UNK C 1278 -34.33 -7.71 47.27
N UNK C 1279 -34.02 -8.94 47.64
CA UNK C 1279 -34.35 -9.42 48.99
C UNK C 1279 -33.20 -9.18 49.95
N UNK C 1295 -23.53 10.19 45.30
CA UNK C 1295 -23.17 8.82 44.94
C UNK C 1295 -22.12 8.28 45.90
N UNK C 1296 -22.41 7.20 46.65
CA UNK C 1296 -21.38 6.60 47.49
C UNK C 1296 -20.08 6.36 46.75
N UNK C 1297 -18.99 6.21 47.48
CA UNK C 1297 -17.66 6.20 46.89
C UNK C 1297 -17.49 5.14 45.81
N UNK C 1298 -18.39 4.16 45.72
CA UNK C 1298 -18.19 3.06 44.79
C UNK C 1298 -18.49 3.42 43.34
N UNK C 1299 -19.31 4.45 43.10
CA UNK C 1299 -19.59 4.82 41.72
C UNK C 1299 -18.48 5.64 41.10
N UNK C 1300 -18.00 6.64 41.84
CA UNK C 1300 -16.95 7.51 41.31
C UNK C 1300 -15.80 6.69 40.77
N UNK C 1301 -15.32 5.74 41.56
CA UNK C 1301 -14.24 4.88 41.11
C UNK C 1301 -14.64 4.00 39.92
N UNK C 1302 -15.91 4.04 39.52
CA UNK C 1302 -16.40 3.36 38.34
C UNK C 1302 -16.71 4.32 37.21
N UNK C 1303 -17.49 5.38 37.48
CA UNK C 1303 -17.82 6.34 36.44
C UNK C 1303 -16.59 7.08 35.93
N UNK C 1304 -15.57 7.22 36.76
CA UNK C 1304 -14.32 7.85 36.34
C UNK C 1304 -13.46 6.91 35.52
N UNK C 1305 -13.97 5.75 35.15
CA UNK C 1305 -13.33 4.85 34.21
C UNK C 1305 -14.12 4.70 32.92
N UNK C 1306 -15.31 5.29 32.83
CA UNK C 1306 -16.19 5.10 31.70
C UNK C 1306 -16.13 6.29 30.75
N UNK C 1307 -16.09 5.99 29.46
CA UNK C 1307 -16.07 7.03 28.45
C UNK C 1307 -17.31 7.92 28.59
N UNK C 1308 -17.29 9.06 27.89
CA UNK C 1308 -18.42 9.97 27.88
C UNK C 1308 -19.26 9.83 26.63
N UNK C 1309 -18.77 9.10 25.62
CA UNK C 1309 -19.61 8.71 24.50
C UNK C 1309 -20.75 7.83 24.96
N UNK C 1310 -20.63 7.23 26.14
CA UNK C 1310 -21.59 6.24 26.63
C UNK C 1310 -22.55 6.84 27.65
N UNK C 1311 -22.03 7.49 28.69
CA UNK C 1311 -22.91 8.12 29.68
C UNK C 1311 -23.86 9.14 29.05
N UNK C 1312 -23.63 9.55 27.82
CA UNK C 1312 -24.61 10.32 27.08
C UNK C 1312 -25.75 9.45 26.55
N UNK C 1313 -25.65 8.13 26.73
CA UNK C 1313 -26.65 7.19 26.24
C UNK C 1313 -27.30 6.38 27.33
N UNK C 1314 -26.82 6.44 28.56
CA UNK C 1314 -27.33 5.63 29.67
C UNK C 1314 -28.85 5.64 29.71
N UNK C 1315 -29.51 6.78 29.41
CA UNK C 1315 -30.97 6.76 29.34
C UNK C 1315 -31.50 5.79 28.32
N UNK C 1316 -30.83 5.67 27.18
CA UNK C 1316 -31.20 4.71 26.16
C UNK C 1316 -31.21 3.28 26.69
N UNK C 1317 -30.66 3.05 27.88
CA UNK C 1317 -30.69 1.75 28.54
C UNK C 1317 -31.49 1.75 29.83
N UNK C 1318 -31.92 2.92 30.30
CA UNK C 1318 -32.70 2.97 31.53
C UNK C 1318 -34.18 2.75 31.28
N UNK C 1319 -34.64 2.94 30.04
CA UNK C 1319 -36.03 2.75 29.68
C UNK C 1319 -36.25 1.46 28.90
N UNK C 1320 -35.34 0.50 29.05
CA UNK C 1320 -35.49 -0.84 28.52
C UNK C 1320 -35.65 -1.89 29.60
N UNK C 1321 -34.97 -1.73 30.73
CA UNK C 1321 -34.96 -2.72 31.80
C UNK C 1321 -35.65 -2.22 33.06
N UNK C 1322 -36.17 -1.01 33.05
CA UNK C 1322 -37.01 -0.53 34.15
C UNK C 1322 -38.42 -1.09 33.99
N UNK C 1323 -39.03 -1.01 32.80
CA UNK C 1323 -40.38 -1.57 32.65
C UNK C 1323 -40.41 -3.08 32.63
N UNK C 1324 -39.29 -3.74 32.35
CA UNK C 1324 -39.19 -5.19 32.43
C UNK C 1324 -39.11 -5.69 33.86
N UNK C 1325 -39.32 -4.82 34.85
CA UNK C 1325 -39.34 -5.18 36.24
C UNK C 1325 -40.77 -5.11 36.76
N UNK C 1326 -40.93 -5.37 38.05
CA UNK C 1326 -42.22 -5.19 38.70
C UNK C 1326 -42.52 -3.70 38.83
N UNK C 1327 -43.81 -3.37 38.74
CA UNK C 1327 -44.24 -1.97 38.82
C UNK C 1327 -44.20 -1.42 40.23
N UNK C 1328 -43.76 -2.20 41.22
CA UNK C 1328 -43.80 -1.77 42.61
C UNK C 1328 -42.49 -2.00 43.37
N UNK C 1329 -41.57 -2.79 42.84
CA UNK C 1329 -40.29 -3.02 43.49
C UNK C 1329 -39.21 -2.05 43.03
N UNK C 1330 -39.60 -0.94 42.40
CA UNK C 1330 -38.66 0.12 42.04
C UNK C 1330 -39.18 1.43 42.62
N UNK C 1331 -39.96 1.35 43.68
CA UNK C 1331 -40.51 2.53 44.34
C UNK C 1331 -40.27 2.56 45.83
N UNK C 1332 -39.96 1.44 46.48
CA UNK C 1332 -39.60 1.44 47.88
C UNK C 1332 -38.23 2.05 48.13
N UNK C 1333 -37.57 2.52 47.08
CA UNK C 1333 -36.23 3.07 47.16
C UNK C 1333 -36.30 4.50 47.66
N UNK C 1334 -35.17 5.22 47.58
CA UNK C 1334 -35.07 6.59 48.05
C UNK C 1334 -34.80 7.50 46.86
N UNK C 1335 -35.67 8.49 46.65
CA UNK C 1335 -35.51 9.50 45.62
C UNK C 1335 -35.33 8.84 44.24
N UNK C 1336 -36.41 8.20 43.80
CA UNK C 1336 -36.39 7.49 42.53
C UNK C 1336 -36.72 8.41 41.35
N UNK C 1337 -37.92 9.00 41.37
CA UNK C 1337 -38.36 9.78 40.22
C UNK C 1337 -37.45 10.96 39.96
N UNK C 1338 -36.79 11.48 41.00
CA UNK C 1338 -35.81 12.54 40.83
C UNK C 1338 -34.72 12.12 39.86
N UNK C 1339 -34.49 10.82 39.68
CA UNK C 1339 -33.64 10.35 38.60
C UNK C 1339 -34.44 10.11 37.34
N UNK C 1340 -35.65 9.57 37.47
CA UNK C 1340 -36.44 9.22 36.29
C UNK C 1340 -36.63 10.43 35.38
N UNK C 1341 -37.29 11.46 35.90
CA UNK C 1341 -37.59 12.63 35.08
C UNK C 1341 -36.33 13.44 34.77
N UNK C 1342 -35.40 13.54 35.71
CA UNK C 1342 -34.12 14.19 35.42
C UNK C 1342 -33.37 13.48 34.32
N UNK C 1343 -33.73 12.23 34.03
CA UNK C 1343 -33.17 11.49 32.91
C UNK C 1343 -34.00 11.61 31.65
N UNK C 1344 -35.33 11.72 31.79
CA UNK C 1344 -36.17 11.98 30.64
C UNK C 1344 -35.89 13.35 30.04
N UNK C 1345 -35.50 14.32 30.87
CA UNK C 1345 -35.05 15.61 30.35
C UNK C 1345 -33.91 15.44 29.35
N UNK C 1346 -33.12 14.38 29.50
CA UNK C 1346 -32.00 14.12 28.62
C UNK C 1346 -32.34 13.20 27.47
N UNK C 1347 -33.43 12.44 27.57
CA UNK C 1347 -33.82 11.54 26.50
C UNK C 1347 -34.33 12.30 25.29
N UNK C 1348 -34.64 13.59 25.46
CA UNK C 1348 -35.16 14.42 24.38
C UNK C 1348 -34.05 15.09 23.59
N UNK C 1349 -33.06 15.66 24.28
CA UNK C 1349 -31.98 16.35 23.59
C UNK C 1349 -31.34 15.45 22.53
N UNK C 1350 -31.41 14.13 22.73
CA UNK C 1350 -30.81 13.21 21.77
C UNK C 1350 -31.56 13.21 20.45
N UNK C 1351 -32.90 13.17 20.51
CA UNK C 1351 -33.70 13.20 19.29
C UNK C 1351 -33.31 14.39 18.41
N UNK C 1352 -33.26 15.58 19.01
CA UNK C 1352 -32.95 16.79 18.26
C UNK C 1352 -31.45 17.06 18.32
#